data_2R4F
#
_entry.id   2R4F
#
_cell.length_a   82.616
_cell.length_b   135.334
_cell.length_c   82.844
_cell.angle_alpha   90.000
_cell.angle_beta   97.530
_cell.angle_gamma   90.000
#
_symmetry.space_group_name_H-M   'P 1 21 1'
#
loop_
_entity.id
_entity.type
_entity.pdbx_description
1 polymer '3-hydroxy-3-methylglutaryl-coenzyme A reductase'
2 non-polymer 'SULFATE ION'
3 non-polymer '(3R,5R)-7-[1-(4-fluorophenyl)-4-(1-methylethyl)-3-{methyl[(1R)-1-phenylethyl]carbamoyl}-1H-pyrazol-5-yl]-3,5-dihydroxyheptanoic acid'
4 water water
#
_entity_poly.entity_id   1
_entity_poly.type   'polypeptide(L)'
_entity_poly.pdbx_seq_one_letter_code
;HHHHHHEPRPNEECLQILGNAEKGAKFLSDAEIIQLVNAKHIPAYKLETLIETHERGVSIRRQLLSKKLSEPSSLQYLPY
RDYNYSLVMGACCENVIGYMPIPVGVAGPLCLDEKEFQVPMATTEGCLVASTNRGCRAIGLGGGASSRVLADGMTRGPVV
RLPRACDSAEVKAWLETSEGFAVIKEAFDSTSRFARLQKLHTSIAGRNLYIRFQSRSGDAMGMNMISKGTEKALSKLHEY
FPEMQILAVSGNYCTDKKPAAINWIEGRGKSVVCEAVIPAKVVREVLKTTTEAMIEVNINKNLVGSAMAGSIGGYNAHAA
NIVTAIYIACGQDAAQNVGSSNCITLMEASGPTNEDLYISCTMPSIEIGTVGGGTNLLPQQACLQMLGVQGACKDNPGEN
ARQLARIVCGTVMAGELSLMAALAAGHLVKSHMIHNRSKIN
;
_entity_poly.pdbx_strand_id   A,B,C,D
#
loop_
_chem_comp.id
_chem_comp.type
_chem_comp.name
_chem_comp.formula
RIE non-polymer '(3R,5R)-7-[1-(4-fluorophenyl)-4-(1-methylethyl)-3-{methyl[(1R)-1-phenylethyl]carbamoyl}-1H-pyrazol-5-yl]-3,5-dihydroxyheptanoic acid' 'C29 H36 F N3 O5'
SO4 non-polymer 'SULFATE ION' 'O4 S -2'
#
# COMPACT_ATOMS: atom_id res chain seq x y z
N GLU A 7 20.69 -14.16 -59.72
CA GLU A 7 20.03 -12.98 -60.35
C GLU A 7 18.59 -12.85 -59.87
N PRO A 8 18.24 -11.68 -59.29
CA PRO A 8 16.89 -11.44 -58.78
C PRO A 8 15.86 -11.26 -59.90
N ARG A 9 14.61 -11.62 -59.62
CA ARG A 9 13.51 -11.52 -60.58
C ARG A 9 12.49 -10.46 -60.16
N PRO A 10 11.82 -9.82 -61.14
CA PRO A 10 10.81 -8.80 -60.88
C PRO A 10 9.65 -9.30 -60.01
N ASN A 11 9.02 -8.37 -59.29
CA ASN A 11 7.93 -8.69 -58.36
C ASN A 11 6.68 -9.29 -59.01
N GLU A 12 6.40 -8.89 -60.25
CA GLU A 12 5.25 -9.38 -60.99
C GLU A 12 5.39 -10.85 -61.36
N GLU A 13 6.62 -11.29 -61.62
CA GLU A 13 6.91 -12.68 -61.97
C GLU A 13 6.87 -13.59 -60.73
N CYS A 14 7.33 -13.06 -59.60
CA CYS A 14 7.39 -13.80 -58.35
C CYS A 14 6.01 -14.13 -57.76
N LEU A 15 5.03 -13.27 -58.05
CA LEU A 15 3.65 -13.47 -57.60
C LEU A 15 2.97 -14.63 -58.32
N GLN A 16 3.32 -14.82 -59.59
CA GLN A 16 2.79 -15.90 -60.42
C GLN A 16 3.33 -17.26 -59.98
N ILE A 17 4.60 -17.27 -59.54
CA ILE A 17 5.24 -18.48 -59.03
C ILE A 17 4.67 -18.87 -57.66
N LEU A 18 4.50 -17.87 -56.81
CA LEU A 18 3.91 -18.07 -55.48
C LEU A 18 2.43 -18.42 -55.56
N GLY A 19 1.74 -17.84 -56.54
CA GLY A 19 0.30 -18.08 -56.76
C GLY A 19 0.00 -19.48 -57.27
N ASN A 20 0.96 -20.09 -57.94
CA ASN A 20 0.82 -21.45 -58.47
C ASN A 20 0.88 -22.49 -57.35
N ALA A 21 0.00 -23.50 -57.46
CA ALA A 21 -0.14 -24.53 -56.42
C ALA A 21 1.03 -25.53 -56.40
N GLU A 22 1.60 -25.80 -57.57
CA GLU A 22 2.68 -26.78 -57.69
C GLU A 22 4.09 -26.14 -57.70
N LYS A 23 4.19 -24.92 -57.18
CA LYS A 23 5.47 -24.22 -57.07
C LYS A 23 5.70 -23.67 -55.67
N GLY A 24 5.04 -22.56 -55.33
CA GLY A 24 5.15 -21.93 -54.02
C GLY A 24 6.41 -21.11 -53.82
N ALA A 25 6.77 -20.88 -52.57
CA ALA A 25 7.95 -20.08 -52.20
C ALA A 25 9.25 -20.86 -52.32
N LYS A 26 9.13 -22.17 -52.55
CA LYS A 26 10.28 -23.07 -52.69
C LYS A 26 11.17 -22.70 -53.88
N PHE A 27 10.54 -22.24 -54.97
CA PHE A 27 11.26 -21.86 -56.18
C PHE A 27 11.74 -20.40 -56.15
N LEU A 28 11.25 -19.64 -55.17
CA LEU A 28 11.65 -18.25 -54.98
C LEU A 28 12.84 -18.17 -54.02
N SER A 29 13.77 -17.26 -54.31
CA SER A 29 14.92 -17.03 -53.45
C SER A 29 14.55 -16.16 -52.25
N ASP A 30 15.47 -16.05 -51.29
CA ASP A 30 15.28 -15.21 -50.11
C ASP A 30 15.10 -13.73 -50.49
N ALA A 31 15.95 -13.24 -51.38
CA ALA A 31 15.91 -11.86 -51.84
C ALA A 31 14.61 -11.51 -52.57
N GLU A 32 14.05 -12.48 -53.28
CA GLU A 32 12.79 -12.31 -54.00
C GLU A 32 11.58 -12.23 -53.06
N ILE A 33 11.65 -12.96 -51.96
CA ILE A 33 10.62 -12.90 -50.92
C ILE A 33 10.75 -11.59 -50.15
N ILE A 34 12.00 -11.19 -49.86
CA ILE A 34 12.30 -9.91 -49.22
C ILE A 34 11.75 -8.73 -50.03
N GLN A 35 11.90 -8.81 -51.36
CA GLN A 35 11.40 -7.79 -52.28
C GLN A 35 9.87 -7.72 -52.27
N LEU A 36 9.22 -8.87 -52.11
CA LEU A 36 7.76 -8.94 -52.08
C LEU A 36 7.14 -8.37 -50.80
N VAL A 37 7.84 -8.53 -49.68
CA VAL A 37 7.40 -7.98 -48.39
C VAL A 37 7.59 -6.47 -48.37
N ASN A 38 8.75 -6.01 -48.84
CA ASN A 38 9.07 -4.58 -48.91
C ASN A 38 8.15 -3.79 -49.83
N ALA A 39 7.64 -4.46 -50.87
CA ALA A 39 6.68 -3.84 -51.80
C ALA A 39 5.22 -4.03 -51.32
N LYS A 40 5.07 -4.54 -50.10
CA LYS A 40 3.78 -4.71 -49.42
C LYS A 40 2.82 -5.72 -50.09
N HIS A 41 3.39 -6.70 -50.79
CA HIS A 41 2.59 -7.79 -51.37
C HIS A 41 2.40 -8.93 -50.37
N ILE A 42 3.42 -9.15 -49.54
CA ILE A 42 3.38 -10.16 -48.49
C ILE A 42 3.52 -9.49 -47.12
N PRO A 43 2.57 -9.74 -46.20
CA PRO A 43 2.71 -9.27 -44.82
C PRO A 43 3.80 -10.04 -44.07
N ALA A 44 4.63 -9.32 -43.32
CA ALA A 44 5.78 -9.91 -42.62
C ALA A 44 5.38 -10.85 -41.47
N TYR A 45 4.22 -10.61 -40.87
CA TYR A 45 3.76 -11.41 -39.74
C TYR A 45 3.15 -12.75 -40.16
N LYS A 46 2.95 -12.94 -41.46
CA LYS A 46 2.36 -14.17 -42.01
C LYS A 46 3.36 -15.02 -42.78
N LEU A 47 4.65 -14.72 -42.64
CA LEU A 47 5.72 -15.40 -43.40
C LEU A 47 5.78 -16.92 -43.17
N GLU A 48 5.42 -17.36 -41.97
CA GLU A 48 5.43 -18.78 -41.62
C GLU A 48 4.39 -19.58 -42.40
N THR A 49 3.24 -18.97 -42.63
CA THR A 49 2.14 -19.62 -43.34
C THR A 49 2.37 -19.61 -44.85
N LEU A 50 2.91 -18.50 -45.36
CA LEU A 50 3.09 -18.30 -46.80
C LEU A 50 4.28 -19.06 -47.38
N ILE A 51 5.36 -19.18 -46.61
CA ILE A 51 6.55 -19.93 -47.03
C ILE A 51 6.44 -21.40 -46.57
N GLU A 52 7.16 -22.28 -47.25
CA GLU A 52 7.06 -23.74 -47.02
C GLU A 52 7.33 -24.18 -45.58
N THR A 53 8.37 -23.62 -44.96
CA THR A 53 8.71 -23.96 -43.57
C THR A 53 8.60 -22.74 -42.66
N HIS A 54 8.34 -22.98 -41.38
CA HIS A 54 8.25 -21.91 -40.39
C HIS A 54 9.62 -21.26 -40.15
N GLU A 55 10.67 -22.08 -40.14
CA GLU A 55 12.03 -21.60 -39.89
C GLU A 55 12.51 -20.61 -40.94
N ARG A 56 12.18 -20.85 -42.21
CA ARG A 56 12.54 -19.93 -43.28
C ARG A 56 11.78 -18.61 -43.16
N GLY A 57 10.52 -18.70 -42.73
CA GLY A 57 9.72 -17.52 -42.43
C GLY A 57 10.37 -16.63 -41.38
N VAL A 58 10.89 -17.26 -40.33
CA VAL A 58 11.64 -16.57 -39.28
C VAL A 58 12.95 -16.01 -39.85
N SER A 59 13.61 -16.80 -40.70
CA SER A 59 14.87 -16.39 -41.34
C SER A 59 14.69 -15.13 -42.20
N ILE A 60 13.62 -15.09 -42.98
CA ILE A 60 13.29 -13.92 -43.81
C ILE A 60 13.05 -12.69 -42.94
N ARG A 61 12.26 -12.84 -41.89
CA ARG A 61 11.97 -11.74 -40.96
C ARG A 61 13.24 -11.19 -40.30
N ARG A 62 14.17 -12.09 -39.96
CA ARG A 62 15.47 -11.72 -39.41
C ARG A 62 16.28 -10.86 -40.39
N GLN A 63 16.27 -11.26 -41.66
CA GLN A 63 16.98 -10.54 -42.72
C GLN A 63 16.37 -9.16 -42.97
N LEU A 64 15.05 -9.10 -42.90
CA LEU A 64 14.31 -7.83 -42.98
C LEU A 64 14.68 -6.90 -41.84
N LEU A 65 14.75 -7.48 -40.63
CA LEU A 65 15.07 -6.72 -39.43
C LEU A 65 16.51 -6.22 -39.41
N SER A 66 17.45 -7.07 -39.83
CA SER A 66 18.89 -6.77 -39.80
C SER A 66 19.25 -5.51 -40.58
N LYS A 67 18.54 -5.27 -41.68
CA LYS A 67 18.77 -4.10 -42.52
C LYS A 67 18.35 -2.79 -41.84
N LYS A 68 17.35 -2.89 -40.96
CA LYS A 68 16.80 -1.73 -40.27
C LYS A 68 17.70 -1.24 -39.13
N LEU A 69 18.51 -2.14 -38.60
CA LEU A 69 19.36 -1.86 -37.43
C LEU A 69 20.62 -1.07 -37.82
N SER A 70 21.15 -0.33 -36.86
CA SER A 70 22.40 0.42 -37.04
C SER A 70 23.60 -0.51 -37.21
N GLU A 71 23.55 -1.66 -36.53
CA GLU A 71 24.53 -2.72 -36.71
C GLU A 71 23.85 -3.93 -37.35
N PRO A 72 24.20 -4.22 -38.63
CA PRO A 72 23.55 -5.28 -39.41
C PRO A 72 23.85 -6.70 -38.92
N SER A 73 24.91 -6.86 -38.13
CA SER A 73 25.30 -8.17 -37.62
C SER A 73 24.84 -8.39 -36.17
N SER A 74 23.84 -7.62 -35.74
CA SER A 74 23.32 -7.69 -34.37
C SER A 74 22.69 -9.04 -34.02
N LEU A 75 22.01 -9.65 -34.99
CA LEU A 75 21.28 -10.91 -34.76
C LEU A 75 22.16 -12.16 -34.88
N GLN A 76 23.46 -11.97 -35.09
CA GLN A 76 24.41 -13.06 -35.32
C GLN A 76 24.35 -14.16 -34.25
N TYR A 77 24.31 -13.76 -32.98
CA TYR A 77 24.33 -14.72 -31.87
C TYR A 77 22.96 -14.96 -31.23
N LEU A 78 21.91 -14.42 -31.85
CA LEU A 78 20.54 -14.77 -31.48
C LEU A 78 20.13 -16.02 -32.28
N PRO A 79 19.97 -17.16 -31.58
CA PRO A 79 19.69 -18.42 -32.27
C PRO A 79 18.24 -18.50 -32.75
N TYR A 80 18.00 -19.31 -33.78
CA TYR A 80 16.67 -19.48 -34.34
C TYR A 80 16.46 -20.86 -34.98
N ARG A 81 17.56 -21.47 -35.43
CA ARG A 81 17.50 -22.73 -36.17
C ARG A 81 17.14 -23.93 -35.32
N ASP A 82 16.39 -24.87 -35.92
CA ASP A 82 16.04 -26.15 -35.31
C ASP A 82 15.04 -26.06 -34.14
N TYR A 83 14.37 -24.91 -34.01
CA TYR A 83 13.36 -24.73 -32.98
C TYR A 83 11.96 -25.04 -33.52
N ASN A 84 11.12 -25.62 -32.66
CA ASN A 84 9.75 -25.99 -33.03
C ASN A 84 8.79 -24.81 -32.97
N TYR A 85 8.69 -24.08 -34.08
CA TYR A 85 7.85 -22.88 -34.16
C TYR A 85 6.36 -23.18 -34.32
N SER A 86 6.03 -24.40 -34.74
CA SER A 86 4.65 -24.81 -34.99
C SER A 86 3.70 -24.59 -33.80
N LEU A 87 4.22 -24.75 -32.60
CA LEU A 87 3.42 -24.58 -31.37
C LEU A 87 3.42 -23.14 -30.86
N VAL A 88 4.37 -22.34 -31.35
CA VAL A 88 4.48 -20.92 -30.97
C VAL A 88 3.56 -20.06 -31.85
N MET A 89 3.57 -20.33 -33.15
CA MET A 89 2.83 -19.53 -34.12
C MET A 89 1.32 -19.58 -33.91
N GLY A 90 0.71 -18.40 -33.82
CA GLY A 90 -0.72 -18.26 -33.59
C GLY A 90 -1.17 -18.65 -32.19
N ALA A 91 -0.23 -18.71 -31.25
CA ALA A 91 -0.53 -19.15 -29.89
C ALA A 91 0.28 -18.46 -28.80
N CYS A 92 1.58 -18.29 -29.00
CA CYS A 92 2.48 -17.85 -27.94
C CYS A 92 3.28 -16.59 -28.21
N CYS A 93 3.59 -16.32 -29.48
CA CYS A 93 4.40 -15.17 -29.85
C CYS A 93 4.15 -14.75 -31.30
N GLU A 94 4.37 -13.47 -31.59
CA GLU A 94 4.22 -12.93 -32.94
C GLU A 94 5.51 -12.24 -33.37
N ASN A 95 5.66 -12.02 -34.68
CA ASN A 95 6.86 -11.38 -35.25
C ASN A 95 8.15 -12.03 -34.75
N VAL A 96 8.16 -13.35 -34.73
CA VAL A 96 9.25 -14.13 -34.13
C VAL A 96 10.55 -14.02 -34.93
N ILE A 97 11.64 -13.73 -34.22
CA ILE A 97 12.96 -13.58 -34.83
C ILE A 97 13.96 -14.59 -34.27
N GLY A 98 13.46 -15.52 -33.46
CA GLY A 98 14.30 -16.55 -32.85
C GLY A 98 13.86 -16.87 -31.43
N TYR A 99 14.83 -17.33 -30.63
CA TYR A 99 14.56 -17.68 -29.23
C TYR A 99 15.68 -17.26 -28.30
N MET A 100 15.33 -17.01 -27.04
CA MET A 100 16.28 -16.64 -26.01
C MET A 100 16.54 -17.81 -25.06
N PRO A 101 17.75 -18.38 -25.11
CA PRO A 101 18.09 -19.48 -24.22
C PRO A 101 18.36 -18.97 -22.80
N ILE A 102 17.57 -19.44 -21.84
CA ILE A 102 17.79 -19.15 -20.44
C ILE A 102 18.34 -20.41 -19.77
N PRO A 103 19.54 -20.32 -19.17
CA PRO A 103 20.13 -21.48 -18.50
C PRO A 103 19.18 -22.06 -17.46
N VAL A 104 19.08 -23.39 -17.42
CA VAL A 104 18.23 -24.08 -16.48
C VAL A 104 19.08 -24.89 -15.50
N GLY A 105 18.95 -24.57 -14.22
CA GLY A 105 19.63 -25.32 -13.16
C GLY A 105 18.63 -26.12 -12.33
N VAL A 106 19.14 -27.13 -11.62
CA VAL A 106 18.30 -27.98 -10.79
C VAL A 106 18.63 -27.84 -9.30
N ALA A 107 17.58 -27.59 -8.51
CA ALA A 107 17.69 -27.54 -7.06
C ALA A 107 16.89 -28.68 -6.44
N GLY A 108 17.56 -29.47 -5.60
CA GLY A 108 16.89 -30.58 -4.94
C GLY A 108 17.83 -31.68 -4.44
N PRO A 109 17.25 -32.79 -3.95
CA PRO A 109 15.81 -33.02 -3.85
C PRO A 109 15.11 -32.12 -2.83
N LEU A 110 13.94 -31.60 -3.21
CA LEU A 110 13.08 -30.88 -2.29
C LEU A 110 12.13 -31.88 -1.64
N CYS A 111 12.32 -32.10 -0.35
CA CYS A 111 11.49 -33.02 0.42
C CYS A 111 10.22 -32.31 0.86
N LEU A 112 9.14 -32.56 0.13
CA LEU A 112 7.86 -31.87 0.35
C LEU A 112 6.72 -32.87 0.38
N ASP A 113 5.92 -32.80 1.44
CA ASP A 113 4.75 -33.66 1.65
C ASP A 113 5.04 -35.14 1.43
N GLU A 114 6.16 -35.60 2.03
CA GLU A 114 6.61 -37.00 1.96
C GLU A 114 6.99 -37.47 0.54
N LYS A 115 7.16 -36.51 -0.36
CA LYS A 115 7.65 -36.76 -1.72
C LYS A 115 8.92 -35.98 -1.97
N GLU A 116 9.63 -36.32 -3.05
CA GLU A 116 10.88 -35.66 -3.40
C GLU A 116 10.80 -35.05 -4.80
N PHE A 117 11.13 -33.76 -4.88
CA PHE A 117 11.06 -33.03 -6.15
C PHE A 117 12.42 -32.48 -6.57
N GLN A 118 12.71 -32.60 -7.86
CA GLN A 118 13.89 -31.98 -8.46
C GLN A 118 13.41 -30.75 -9.22
N VAL A 119 13.67 -29.57 -8.65
CA VAL A 119 13.06 -28.33 -9.12
C VAL A 119 13.91 -27.60 -10.17
N PRO A 120 13.36 -27.44 -11.38
CA PRO A 120 14.06 -26.71 -12.44
C PRO A 120 13.94 -25.20 -12.25
N MET A 121 15.06 -24.49 -12.47
CA MET A 121 15.12 -23.06 -12.27
C MET A 121 15.86 -22.37 -13.42
N ALA A 122 15.12 -21.55 -14.17
CA ALA A 122 15.68 -20.83 -15.30
C ALA A 122 16.08 -19.42 -14.86
N THR A 123 17.39 -19.18 -14.82
CA THR A 123 17.93 -17.91 -14.32
C THR A 123 19.31 -17.59 -14.90
N THR A 124 19.68 -16.32 -14.84
CA THR A 124 21.03 -15.87 -15.18
C THR A 124 21.71 -15.21 -13.97
N GLU A 125 21.09 -15.35 -12.80
CA GLU A 125 21.68 -14.84 -11.56
C GLU A 125 22.56 -15.90 -10.90
N GLY A 126 23.86 -15.62 -10.84
CA GLY A 126 24.81 -16.50 -10.18
C GLY A 126 24.49 -16.71 -8.72
N CYS A 127 24.65 -17.96 -8.26
CA CYS A 127 24.42 -18.37 -6.86
C CYS A 127 22.97 -18.66 -6.50
N LEU A 128 22.03 -18.29 -7.36
CA LEU A 128 20.61 -18.51 -7.06
C LEU A 128 20.24 -19.99 -6.94
N VAL A 129 20.58 -20.77 -7.96
CA VAL A 129 20.28 -22.21 -7.97
C VAL A 129 21.03 -22.91 -6.83
N ALA A 130 22.32 -22.63 -6.72
CA ALA A 130 23.17 -23.22 -5.68
C ALA A 130 22.69 -22.88 -4.25
N SER A 131 22.28 -21.63 -4.05
CA SER A 131 21.77 -21.19 -2.74
C SER A 131 20.45 -21.89 -2.41
N THR A 132 19.53 -21.91 -3.37
CA THR A 132 18.25 -22.61 -3.21
C THR A 132 18.47 -24.09 -2.94
N ASN A 133 19.47 -24.66 -3.61
CA ASN A 133 19.86 -26.06 -3.39
C ASN A 133 20.30 -26.32 -1.95
N ARG A 134 21.03 -25.37 -1.36
CA ARG A 134 21.45 -25.46 0.03
C ARG A 134 20.24 -25.44 0.98
N GLY A 135 19.25 -24.60 0.64
CA GLY A 135 17.99 -24.56 1.38
C GLY A 135 17.25 -25.87 1.35
N CYS A 136 17.25 -26.52 0.19
CA CYS A 136 16.64 -27.84 0.02
C CYS A 136 17.32 -28.89 0.91
N ARG A 137 18.65 -28.85 0.94
CA ARG A 137 19.45 -29.78 1.76
C ARG A 137 19.13 -29.63 3.24
N ALA A 138 18.96 -28.39 3.70
CA ALA A 138 18.61 -28.12 5.10
C ALA A 138 17.23 -28.70 5.44
N ILE A 139 16.26 -28.51 4.54
CA ILE A 139 14.92 -29.06 4.70
C ILE A 139 14.96 -30.59 4.71
N GLY A 140 15.73 -31.17 3.80
CA GLY A 140 15.86 -32.62 3.66
C GLY A 140 16.35 -33.30 4.93
N LEU A 141 17.37 -32.71 5.54
CA LEU A 141 17.93 -33.23 6.80
C LEU A 141 17.04 -32.90 8.00
N GLY A 142 16.06 -32.02 7.79
CA GLY A 142 15.13 -31.62 8.84
C GLY A 142 13.82 -32.39 8.87
N GLY A 143 13.75 -33.48 8.11
CA GLY A 143 12.55 -34.32 8.07
C GLY A 143 11.56 -33.95 6.98
N GLY A 144 11.85 -32.88 6.25
CA GLY A 144 11.04 -32.48 5.10
C GLY A 144 10.02 -31.39 5.38
N ALA A 145 9.49 -30.83 4.30
CA ALA A 145 8.50 -29.77 4.37
C ALA A 145 7.08 -30.29 4.19
N SER A 146 6.13 -29.56 4.77
CA SER A 146 4.70 -29.85 4.58
C SER A 146 4.00 -28.61 4.07
N SER A 147 3.08 -28.79 3.11
CA SER A 147 2.36 -27.67 2.51
C SER A 147 0.87 -27.96 2.34
N ARG A 148 0.09 -26.89 2.25
CA ARG A 148 -1.36 -26.98 2.04
C ARG A 148 -1.84 -25.89 1.09
N VAL A 149 -2.72 -26.27 0.17
CA VAL A 149 -3.43 -25.30 -0.67
C VAL A 149 -4.69 -24.87 0.09
N LEU A 150 -4.80 -23.57 0.35
CA LEU A 150 -5.86 -23.01 1.18
C LEU A 150 -7.04 -22.51 0.36
N ALA A 151 -6.77 -22.07 -0.87
CA ALA A 151 -7.78 -21.54 -1.77
C ALA A 151 -7.33 -21.69 -3.22
N ASP A 152 -8.30 -21.76 -4.13
CA ASP A 152 -8.03 -21.86 -5.55
C ASP A 152 -9.11 -21.13 -6.34
N GLY A 153 -8.71 -20.05 -7.00
CA GLY A 153 -9.63 -19.29 -7.83
C GLY A 153 -8.97 -18.10 -8.53
N MET A 154 -8.90 -18.17 -9.85
CA MET A 154 -8.45 -17.05 -10.67
C MET A 154 -9.56 -16.00 -10.69
N THR A 155 -9.18 -14.74 -10.84
CA THR A 155 -10.14 -13.64 -10.75
C THR A 155 -10.08 -12.68 -11.93
N ARG A 156 -11.21 -12.03 -12.19
CA ARG A 156 -11.27 -10.90 -13.11
C ARG A 156 -12.16 -9.84 -12.46
N GLY A 157 -11.71 -8.58 -12.50
CA GLY A 157 -12.43 -7.49 -11.85
C GLY A 157 -12.82 -6.37 -12.79
N PRO A 158 -13.90 -6.57 -13.57
CA PRO A 158 -14.38 -5.51 -14.47
C PRO A 158 -14.91 -4.29 -13.74
N VAL A 159 -14.97 -3.16 -14.46
CA VAL A 159 -15.65 -1.98 -13.98
C VAL A 159 -16.89 -1.70 -14.83
N VAL A 160 -18.03 -1.62 -14.17
CA VAL A 160 -19.28 -1.23 -14.83
C VAL A 160 -19.74 0.12 -14.29
N ARG A 161 -20.54 0.83 -15.07
CA ARG A 161 -21.03 2.14 -14.67
C ARG A 161 -22.53 2.24 -14.83
N LEU A 162 -23.18 2.86 -13.85
CA LEU A 162 -24.61 3.13 -13.87
C LEU A 162 -24.82 4.64 -13.96
N PRO A 163 -26.06 5.08 -14.28
CA PRO A 163 -26.33 6.52 -14.34
C PRO A 163 -26.06 7.26 -13.02
N ARG A 164 -26.40 6.62 -11.90
CA ARG A 164 -26.23 7.22 -10.57
C ARG A 164 -25.66 6.22 -9.58
N ALA A 165 -25.13 6.73 -8.46
CA ALA A 165 -24.65 5.90 -7.35
C ALA A 165 -25.78 5.10 -6.71
N CYS A 166 -26.99 5.65 -6.71
CA CYS A 166 -28.18 4.95 -6.24
C CYS A 166 -28.48 3.73 -7.11
N ASP A 167 -28.18 3.84 -8.40
CA ASP A 167 -28.37 2.76 -9.36
C ASP A 167 -27.31 1.67 -9.19
N SER A 168 -26.05 2.08 -9.01
CA SER A 168 -24.96 1.12 -8.76
C SER A 168 -25.17 0.37 -7.44
N ALA A 169 -25.69 1.09 -6.44
CA ALA A 169 -26.07 0.50 -5.15
C ALA A 169 -27.13 -0.58 -5.33
N GLU A 170 -28.08 -0.33 -6.22
CA GLU A 170 -29.15 -1.27 -6.52
C GLU A 170 -28.61 -2.56 -7.15
N VAL A 171 -27.65 -2.40 -8.07
CA VAL A 171 -27.01 -3.54 -8.74
C VAL A 171 -26.20 -4.37 -7.73
N LYS A 172 -25.49 -3.68 -6.84
CA LYS A 172 -24.72 -4.33 -5.78
C LYS A 172 -25.62 -5.18 -4.89
N ALA A 173 -26.75 -4.62 -4.48
CA ALA A 173 -27.73 -5.32 -3.66
C ALA A 173 -28.32 -6.53 -4.39
N TRP A 174 -28.62 -6.34 -5.68
CA TRP A 174 -29.16 -7.39 -6.54
C TRP A 174 -28.21 -8.58 -6.67
N LEU A 175 -26.91 -8.29 -6.81
CA LEU A 175 -25.88 -9.32 -6.91
C LEU A 175 -25.68 -10.07 -5.60
N GLU A 176 -26.01 -9.42 -4.49
CA GLU A 176 -25.86 -9.99 -3.16
C GLU A 176 -27.02 -10.88 -2.72
N THR A 177 -28.14 -10.79 -3.44
CA THR A 177 -29.27 -11.69 -3.21
C THR A 177 -28.94 -13.06 -3.78
N SER A 178 -29.49 -14.10 -3.14
CA SER A 178 -29.28 -15.48 -3.59
C SER A 178 -29.81 -15.71 -5.01
N GLU A 179 -30.93 -15.09 -5.32
CA GLU A 179 -31.57 -15.20 -6.64
C GLU A 179 -30.74 -14.52 -7.73
N GLY A 180 -30.26 -13.31 -7.42
CA GLY A 180 -29.41 -12.55 -8.35
C GLY A 180 -28.10 -13.23 -8.64
N PHE A 181 -27.46 -13.75 -7.59
CA PHE A 181 -26.19 -14.48 -7.73
C PHE A 181 -26.34 -15.77 -8.54
N ALA A 182 -27.46 -16.48 -8.33
CA ALA A 182 -27.74 -17.73 -9.02
C ALA A 182 -27.82 -17.55 -10.54
N VAL A 183 -28.46 -16.46 -10.97
CA VAL A 183 -28.60 -16.13 -12.39
C VAL A 183 -27.23 -15.82 -13.01
N ILE A 184 -26.43 -15.02 -12.30
CA ILE A 184 -25.08 -14.66 -12.74
C ILE A 184 -24.15 -15.87 -12.77
N LYS A 185 -24.23 -16.72 -11.75
CA LYS A 185 -23.45 -17.95 -11.67
C LYS A 185 -23.78 -18.88 -12.84
N GLU A 186 -25.07 -18.99 -13.15
CA GLU A 186 -25.54 -19.82 -14.26
C GLU A 186 -24.92 -19.36 -15.60
N ALA A 187 -24.91 -18.05 -15.81
CA ALA A 187 -24.32 -17.47 -17.02
C ALA A 187 -22.80 -17.65 -17.08
N PHE A 188 -22.14 -17.40 -15.94
CA PHE A 188 -20.69 -17.54 -15.84
C PHE A 188 -20.23 -18.97 -16.10
N ASP A 189 -20.88 -19.93 -15.42
CA ASP A 189 -20.49 -21.34 -15.47
C ASP A 189 -20.76 -22.01 -16.82
N SER A 190 -21.61 -21.39 -17.64
CA SER A 190 -21.98 -21.93 -18.95
C SER A 190 -20.89 -21.78 -20.02
N THR A 191 -19.79 -21.10 -19.65
CA THR A 191 -18.72 -20.83 -20.61
C THR A 191 -17.63 -21.91 -20.66
N SER A 192 -17.51 -22.67 -19.58
CA SER A 192 -16.49 -23.73 -19.49
C SER A 192 -16.91 -24.85 -18.53
N ARG A 193 -16.35 -26.05 -18.76
CA ARG A 193 -16.61 -27.23 -17.91
C ARG A 193 -16.11 -27.02 -16.48
N PHE A 194 -15.00 -26.29 -16.36
CA PHE A 194 -14.33 -26.08 -15.08
C PHE A 194 -14.82 -24.84 -14.35
N ALA A 195 -15.62 -24.02 -15.04
CA ALA A 195 -16.15 -22.78 -14.49
C ALA A 195 -17.13 -23.02 -13.35
N ARG A 196 -16.75 -22.57 -12.15
CA ARG A 196 -17.58 -22.69 -10.97
C ARG A 196 -17.46 -21.39 -10.17
N LEU A 197 -18.36 -20.46 -10.43
CA LEU A 197 -18.30 -19.12 -9.83
C LEU A 197 -18.50 -19.14 -8.32
N GLN A 198 -17.54 -18.57 -7.61
CA GLN A 198 -17.60 -18.40 -6.16
C GLN A 198 -18.34 -17.11 -5.82
N LYS A 199 -18.53 -16.83 -4.53
CA LYS A 199 -19.20 -15.61 -4.09
C LYS A 199 -18.52 -14.37 -4.65
N LEU A 200 -19.32 -13.44 -5.15
CA LEU A 200 -18.81 -12.20 -5.74
C LEU A 200 -18.31 -11.22 -4.70
N HIS A 201 -17.24 -10.50 -5.04
CA HIS A 201 -16.77 -9.38 -4.23
C HIS A 201 -17.03 -8.10 -5.01
N THR A 202 -17.84 -7.21 -4.43
CA THR A 202 -18.23 -5.99 -5.12
C THR A 202 -17.82 -4.75 -4.33
N SER A 203 -17.39 -3.71 -5.04
CA SER A 203 -17.05 -2.43 -4.45
C SER A 203 -17.53 -1.28 -5.30
N ILE A 204 -18.28 -0.37 -4.66
CA ILE A 204 -18.79 0.81 -5.33
C ILE A 204 -17.81 1.98 -5.21
N ALA A 205 -17.73 2.76 -6.30
CA ALA A 205 -17.06 4.04 -6.30
C ALA A 205 -17.98 5.02 -7.01
N GLY A 206 -18.89 5.62 -6.25
CA GLY A 206 -19.93 6.47 -6.82
C GLY A 206 -20.84 5.66 -7.73
N ARG A 207 -20.98 6.08 -8.98
CA ARG A 207 -21.81 5.37 -9.95
C ARG A 207 -21.10 4.17 -10.59
N ASN A 208 -19.81 4.02 -10.27
CA ASN A 208 -19.03 2.86 -10.70
C ASN A 208 -19.26 1.68 -9.78
N LEU A 209 -19.27 0.49 -10.36
CA LEU A 209 -19.28 -0.75 -9.58
C LEU A 209 -18.18 -1.67 -10.07
N TYR A 210 -17.34 -2.10 -9.14
CA TYR A 210 -16.26 -3.04 -9.43
C TYR A 210 -16.66 -4.42 -8.93
N ILE A 211 -16.68 -5.39 -9.85
CA ILE A 211 -17.13 -6.74 -9.51
C ILE A 211 -15.99 -7.73 -9.68
N ARG A 212 -15.63 -8.41 -8.60
CA ARG A 212 -14.56 -9.40 -8.63
C ARG A 212 -15.14 -10.80 -8.81
N PHE A 213 -15.01 -11.32 -10.03
CA PHE A 213 -15.42 -12.68 -10.35
C PHE A 213 -14.30 -13.64 -10.01
N GLN A 214 -14.62 -14.71 -9.29
CA GLN A 214 -13.63 -15.73 -8.92
C GLN A 214 -14.15 -17.14 -9.18
N SER A 215 -13.30 -17.96 -9.79
CA SER A 215 -13.62 -19.36 -10.08
C SER A 215 -12.38 -20.23 -10.25
N ARG A 216 -12.52 -21.51 -9.91
CA ARG A 216 -11.51 -22.50 -10.25
C ARG A 216 -11.45 -22.65 -11.77
N SER A 217 -10.32 -23.17 -12.26
CA SER A 217 -10.08 -23.21 -13.71
C SER A 217 -9.35 -24.48 -14.14
N GLY A 218 -9.70 -25.59 -13.52
CA GLY A 218 -9.00 -26.86 -13.75
C GLY A 218 -7.52 -26.68 -13.49
N ASP A 219 -6.70 -27.15 -14.42
CA ASP A 219 -5.25 -27.03 -14.31
C ASP A 219 -4.67 -25.82 -15.05
N ALA A 220 -5.55 -25.02 -15.64
CA ALA A 220 -5.13 -23.80 -16.33
C ALA A 220 -4.94 -22.66 -15.34
N MET A 221 -4.08 -21.71 -15.68
CA MET A 221 -3.93 -20.48 -14.90
C MET A 221 -5.27 -19.76 -14.85
N GLY A 222 -5.97 -19.76 -15.99
CA GLY A 222 -7.40 -19.45 -16.02
C GLY A 222 -7.82 -18.06 -16.47
N MET A 223 -6.86 -17.20 -16.79
CA MET A 223 -7.17 -15.81 -17.17
C MET A 223 -8.16 -15.71 -18.33
N ASN A 224 -7.92 -16.47 -19.39
CA ASN A 224 -8.82 -16.49 -20.55
C ASN A 224 -10.19 -17.08 -20.23
N MET A 225 -10.20 -18.16 -19.45
CA MET A 225 -11.42 -18.82 -19.02
C MET A 225 -12.30 -17.89 -18.18
N ILE A 226 -11.69 -17.26 -17.17
CA ILE A 226 -12.39 -16.35 -16.26
C ILE A 226 -12.90 -15.11 -16.99
N SER A 227 -12.10 -14.60 -17.93
CA SER A 227 -12.46 -13.42 -18.72
C SER A 227 -13.67 -13.71 -19.61
N LYS A 228 -13.70 -14.90 -20.21
CA LYS A 228 -14.82 -15.35 -21.05
C LYS A 228 -16.09 -15.48 -20.21
N GLY A 229 -15.96 -16.06 -19.02
CA GLY A 229 -17.09 -16.20 -18.09
C GLY A 229 -17.61 -14.86 -17.61
N THR A 230 -16.69 -13.94 -17.37
CA THR A 230 -17.02 -12.58 -16.94
C THR A 230 -17.87 -11.86 -17.99
N GLU A 231 -17.46 -11.95 -19.26
CA GLU A 231 -18.19 -11.34 -20.38
C GLU A 231 -19.63 -11.83 -20.46
N LYS A 232 -19.83 -13.14 -20.30
CA LYS A 232 -21.16 -13.73 -20.35
C LYS A 232 -22.02 -13.33 -19.15
N ALA A 233 -21.38 -13.24 -17.98
CA ALA A 233 -22.07 -12.86 -16.74
C ALA A 233 -22.52 -11.41 -16.77
N LEU A 234 -21.67 -10.53 -17.31
CA LEU A 234 -22.00 -9.10 -17.44
C LEU A 234 -23.09 -8.86 -18.48
N SER A 235 -23.08 -9.67 -19.54
CA SER A 235 -24.12 -9.63 -20.57
C SER A 235 -25.48 -10.00 -19.97
N LYS A 236 -25.48 -11.00 -19.09
CA LYS A 236 -26.69 -11.41 -18.38
C LYS A 236 -27.15 -10.35 -17.39
N LEU A 237 -26.19 -9.73 -16.71
CA LEU A 237 -26.48 -8.63 -15.78
C LEU A 237 -27.10 -7.44 -16.52
N HIS A 238 -26.63 -7.21 -17.75
CA HIS A 238 -27.13 -6.12 -18.60
C HIS A 238 -28.59 -6.31 -19.01
N GLU A 239 -29.05 -7.57 -19.03
CA GLU A 239 -30.45 -7.88 -19.32
C GLU A 239 -31.38 -7.34 -18.22
N TYR A 240 -30.92 -7.43 -16.98
CA TYR A 240 -31.67 -6.95 -15.82
C TYR A 240 -31.47 -5.45 -15.59
N PHE A 241 -30.30 -4.96 -15.97
CA PHE A 241 -29.97 -3.54 -15.85
C PHE A 241 -29.48 -2.98 -17.18
N PRO A 242 -30.43 -2.60 -18.06
CA PRO A 242 -30.11 -2.12 -19.41
C PRO A 242 -29.36 -0.79 -19.46
N GLU A 243 -29.42 -0.01 -18.37
CA GLU A 243 -28.72 1.27 -18.31
C GLU A 243 -27.26 1.13 -17.87
N MET A 244 -26.85 -0.09 -17.55
CA MET A 244 -25.47 -0.37 -17.15
C MET A 244 -24.52 -0.34 -18.35
N GLN A 245 -23.41 0.37 -18.19
CA GLN A 245 -22.36 0.41 -19.18
C GLN A 245 -21.17 -0.42 -18.71
N ILE A 246 -20.76 -1.38 -19.54
CA ILE A 246 -19.54 -2.13 -19.28
C ILE A 246 -18.37 -1.32 -19.82
N LEU A 247 -17.64 -0.67 -18.90
CA LEU A 247 -16.55 0.21 -19.28
C LEU A 247 -15.30 -0.57 -19.70
N ALA A 248 -14.96 -1.60 -18.92
CA ALA A 248 -13.82 -2.46 -19.21
C ALA A 248 -13.96 -3.81 -18.52
N VAL A 249 -13.67 -4.88 -19.25
CA VAL A 249 -13.73 -6.24 -18.70
C VAL A 249 -12.67 -6.43 -17.60
N SER A 250 -11.62 -5.61 -17.64
CA SER A 250 -10.69 -5.48 -16.52
C SER A 250 -10.64 -4.03 -16.06
N GLY A 251 -11.12 -3.79 -14.84
CA GLY A 251 -11.04 -2.48 -14.22
C GLY A 251 -9.97 -2.41 -13.15
N ASN A 252 -8.94 -3.27 -13.28
CA ASN A 252 -7.83 -3.38 -12.33
C ASN A 252 -8.24 -3.84 -10.92
N TYR A 253 -9.41 -4.47 -10.82
CA TYR A 253 -9.91 -4.97 -9.55
C TYR A 253 -9.64 -6.47 -9.38
N CYS A 254 -8.96 -7.05 -10.36
CA CYS A 254 -8.67 -8.50 -10.38
C CYS A 254 -7.77 -8.97 -9.21
N THR A 255 -6.55 -8.44 -9.03
CA THR A 255 -5.87 -7.50 -9.92
C THR A 255 -4.76 -8.27 -10.65
N ASP A 256 -4.65 -8.08 -11.96
CA ASP A 256 -3.69 -8.83 -12.76
C ASP A 256 -2.43 -8.01 -13.08
N LYS A 257 -1.29 -8.55 -12.65
CA LYS A 257 0.04 -8.02 -13.01
C LYS A 257 0.37 -6.62 -12.48
N LYS A 258 -0.34 -6.21 -11.43
CA LYS A 258 -0.02 -5.00 -10.69
C LYS A 258 -0.08 -5.33 -9.20
N PRO A 259 0.76 -4.66 -8.38
CA PRO A 259 0.65 -4.88 -6.93
C PRO A 259 -0.68 -4.36 -6.42
N ALA A 260 -1.36 -5.16 -5.59
CA ALA A 260 -2.66 -4.78 -5.06
C ALA A 260 -2.97 -5.50 -3.76
N ALA A 261 -3.38 -4.73 -2.75
CA ALA A 261 -3.73 -5.28 -1.44
C ALA A 261 -4.85 -6.31 -1.54
N ILE A 262 -5.74 -6.16 -2.51
CA ILE A 262 -6.87 -7.09 -2.70
C ILE A 262 -6.40 -8.53 -2.92
N ASN A 263 -5.32 -8.71 -3.69
CA ASN A 263 -4.73 -10.02 -3.93
C ASN A 263 -4.13 -10.60 -2.66
N TRP A 264 -3.51 -9.73 -1.87
CA TRP A 264 -2.89 -10.10 -0.59
C TRP A 264 -3.92 -10.57 0.43
N ILE A 265 -5.05 -9.87 0.47
CA ILE A 265 -6.08 -10.09 1.48
C ILE A 265 -7.10 -11.16 1.07
N GLU A 266 -7.58 -11.09 -0.18
CA GLU A 266 -8.59 -12.03 -0.67
C GLU A 266 -8.00 -13.28 -1.33
N GLY A 267 -6.74 -13.18 -1.75
CA GLY A 267 -6.11 -14.24 -2.53
C GLY A 267 -6.44 -14.11 -4.02
N ARG A 268 -5.58 -14.69 -4.85
CA ARG A 268 -5.81 -14.78 -6.29
C ARG A 268 -5.05 -16.00 -6.81
N GLY A 269 -5.72 -16.83 -7.60
CA GLY A 269 -5.14 -18.10 -8.02
C GLY A 269 -5.08 -19.05 -6.84
N LYS A 270 -3.89 -19.56 -6.56
CA LYS A 270 -3.68 -20.51 -5.46
C LYS A 270 -3.12 -19.83 -4.21
N SER A 271 -3.80 -19.99 -3.08
CA SER A 271 -3.29 -19.55 -1.79
C SER A 271 -2.63 -20.74 -1.11
N VAL A 272 -1.36 -20.61 -0.76
CA VAL A 272 -0.57 -21.75 -0.27
C VAL A 272 0.21 -21.40 1.00
N VAL A 273 0.38 -22.39 1.87
CA VAL A 273 1.25 -22.27 3.04
C VAL A 273 2.19 -23.49 3.11
N CYS A 274 3.44 -23.25 3.49
CA CYS A 274 4.43 -24.33 3.64
C CYS A 274 5.23 -24.12 4.93
N GLU A 275 5.70 -25.23 5.51
CA GLU A 275 6.44 -25.18 6.77
C GLU A 275 7.48 -26.28 6.89
N ALA A 276 8.47 -26.06 7.75
CA ALA A 276 9.48 -27.05 8.10
C ALA A 276 10.12 -26.71 9.44
N VAL A 277 10.69 -27.72 10.08
CA VAL A 277 11.51 -27.51 11.28
C VAL A 277 12.92 -27.99 10.97
N ILE A 278 13.89 -27.09 11.13
CA ILE A 278 15.29 -27.38 10.87
C ILE A 278 16.03 -27.58 12.19
N PRO A 279 16.63 -28.76 12.41
CA PRO A 279 17.37 -29.04 13.64
C PRO A 279 18.55 -28.09 13.80
N ALA A 280 18.85 -27.71 15.05
CA ALA A 280 19.94 -26.79 15.37
C ALA A 280 21.26 -27.20 14.73
N LYS A 281 21.53 -28.50 14.73
CA LYS A 281 22.74 -29.07 14.12
C LYS A 281 22.82 -28.74 12.63
N VAL A 282 21.68 -28.84 11.94
CA VAL A 282 21.60 -28.56 10.51
C VAL A 282 21.75 -27.07 10.21
N VAL A 283 21.16 -26.23 11.06
CA VAL A 283 21.30 -24.76 10.95
C VAL A 283 22.77 -24.37 11.08
N ARG A 284 23.48 -25.03 12.00
CA ARG A 284 24.89 -24.79 12.26
C ARG A 284 25.78 -25.27 11.12
N GLU A 285 25.59 -26.53 10.70
CA GLU A 285 26.49 -27.20 9.76
C GLU A 285 26.20 -26.89 8.29
N VAL A 286 24.94 -26.86 7.92
CA VAL A 286 24.54 -26.61 6.52
C VAL A 286 24.38 -25.11 6.24
N LEU A 287 23.67 -24.41 7.12
CA LEU A 287 23.34 -23.01 6.90
C LEU A 287 24.36 -22.02 7.50
N LYS A 288 25.35 -22.55 8.20
CA LYS A 288 26.48 -21.77 8.75
C LYS A 288 26.05 -20.61 9.66
N THR A 289 24.98 -20.83 10.43
CA THR A 289 24.43 -19.81 11.32
C THR A 289 23.76 -20.46 12.54
N THR A 290 22.98 -19.68 13.30
CA THR A 290 22.23 -20.19 14.44
C THR A 290 20.74 -19.88 14.29
N THR A 291 19.91 -20.65 14.98
CA THR A 291 18.47 -20.43 15.02
C THR A 291 18.15 -19.02 15.55
N GLU A 292 18.83 -18.63 16.63
CA GLU A 292 18.67 -17.30 17.24
C GLU A 292 18.97 -16.18 16.26
N ALA A 293 20.05 -16.31 15.51
CA ALA A 293 20.45 -15.30 14.52
C ALA A 293 19.44 -15.21 13.37
N MET A 294 18.96 -16.36 12.91
CA MET A 294 17.96 -16.43 11.85
C MET A 294 16.66 -15.71 12.22
N ILE A 295 16.16 -15.97 13.43
CA ILE A 295 14.94 -15.35 13.93
C ILE A 295 15.08 -13.83 14.03
N GLU A 296 16.21 -13.37 14.56
CA GLU A 296 16.45 -11.94 14.76
C GLU A 296 16.52 -11.20 13.43
N VAL A 297 17.18 -11.80 12.44
CA VAL A 297 17.21 -11.22 11.08
C VAL A 297 15.82 -11.26 10.44
N ASN A 298 15.08 -12.36 10.63
CA ASN A 298 13.75 -12.46 10.05
C ASN A 298 12.77 -11.39 10.55
N ILE A 299 12.79 -11.17 11.86
CA ILE A 299 11.92 -10.17 12.48
C ILE A 299 12.27 -8.77 11.96
N ASN A 300 13.55 -8.43 12.01
CA ASN A 300 13.99 -7.06 11.73
C ASN A 300 14.18 -6.73 10.25
N LYS A 301 14.26 -7.76 9.42
CA LYS A 301 14.34 -7.58 7.96
C LYS A 301 12.97 -7.81 7.31
N ASN A 302 12.46 -9.03 7.42
CA ASN A 302 11.25 -9.43 6.70
C ASN A 302 9.95 -8.86 7.28
N LEU A 303 9.96 -8.50 8.56
CA LEU A 303 8.78 -7.87 9.16
C LEU A 303 9.00 -6.37 9.35
N VAL A 304 9.88 -5.98 10.27
CA VAL A 304 10.13 -4.57 10.56
C VAL A 304 10.68 -3.81 9.35
N GLY A 305 11.66 -4.40 8.66
CA GLY A 305 12.26 -3.77 7.48
C GLY A 305 11.24 -3.49 6.38
N SER A 306 10.48 -4.52 6.01
CA SER A 306 9.42 -4.38 5.02
C SER A 306 8.35 -3.38 5.46
N ALA A 307 8.08 -3.33 6.76
CA ALA A 307 7.15 -2.35 7.33
C ALA A 307 7.66 -0.92 7.16
N MET A 308 8.94 -0.70 7.45
CA MET A 308 9.55 0.63 7.30
C MET A 308 9.57 1.08 5.84
N ALA A 309 9.69 0.12 4.93
CA ALA A 309 9.72 0.38 3.48
C ALA A 309 8.33 0.63 2.89
N GLY A 310 7.29 0.38 3.70
CA GLY A 310 5.91 0.55 3.25
C GLY A 310 5.50 -0.53 2.27
N SER A 311 5.77 -1.77 2.63
CA SER A 311 5.45 -2.91 1.76
C SER A 311 4.06 -3.45 2.03
N ILE A 312 3.36 -3.80 0.95
CA ILE A 312 2.15 -4.61 1.05
C ILE A 312 2.45 -5.92 0.35
N GLY A 313 2.55 -6.98 1.15
CA GLY A 313 2.76 -8.34 0.61
C GLY A 313 4.20 -8.79 0.45
N GLY A 314 5.15 -7.90 0.72
CA GLY A 314 6.58 -8.19 0.51
C GLY A 314 7.35 -8.47 1.78
N TYR A 315 6.79 -9.36 2.61
CA TYR A 315 7.38 -9.68 3.91
C TYR A 315 8.25 -10.94 3.83
N ASN A 316 9.22 -10.88 2.92
CA ASN A 316 10.09 -12.01 2.59
C ASN A 316 11.43 -11.52 2.08
N ALA A 317 12.38 -12.44 1.94
CA ALA A 317 13.73 -12.10 1.48
C ALA A 317 13.82 -12.01 -0.05
N HIS A 318 13.48 -13.09 -0.74
CA HIS A 318 13.58 -13.12 -2.21
C HIS A 318 12.67 -14.16 -2.89
N ALA A 319 11.43 -14.25 -2.42
CA ALA A 319 10.43 -15.13 -3.04
C ALA A 319 10.37 -14.94 -4.55
N ALA A 320 10.48 -13.69 -4.99
CA ALA A 320 10.45 -13.33 -6.41
C ALA A 320 11.53 -14.04 -7.25
N ASN A 321 12.70 -14.25 -6.66
CA ASN A 321 13.77 -14.98 -7.34
C ASN A 321 13.38 -16.41 -7.70
N ILE A 322 12.79 -17.11 -6.73
CA ILE A 322 12.38 -18.50 -6.91
C ILE A 322 11.17 -18.60 -7.85
N VAL A 323 10.16 -17.77 -7.59
CA VAL A 323 8.96 -17.71 -8.43
C VAL A 323 9.33 -17.50 -9.90
N THR A 324 10.11 -16.46 -10.16
CA THR A 324 10.50 -16.10 -11.53
C THR A 324 11.26 -17.25 -12.23
N ALA A 325 12.22 -17.84 -11.52
CA ALA A 325 13.04 -18.92 -12.07
C ALA A 325 12.21 -20.17 -12.43
N ILE A 326 11.31 -20.57 -11.54
CA ILE A 326 10.43 -21.70 -11.80
C ILE A 326 9.44 -21.36 -12.92
N TYR A 327 8.90 -20.14 -12.89
CA TYR A 327 7.94 -19.68 -13.89
C TYR A 327 8.49 -19.72 -15.32
N ILE A 328 9.70 -19.19 -15.49
CA ILE A 328 10.35 -19.21 -16.81
C ILE A 328 10.65 -20.64 -17.26
N ALA A 329 11.14 -21.48 -16.34
CA ALA A 329 11.45 -22.88 -16.64
C ALA A 329 10.20 -23.71 -16.98
N CYS A 330 9.07 -23.40 -16.34
CA CYS A 330 7.86 -24.22 -16.46
C CYS A 330 6.77 -23.61 -17.33
N GLY A 331 7.13 -22.62 -18.15
CA GLY A 331 6.22 -22.04 -19.13
C GLY A 331 5.06 -21.23 -18.57
N GLN A 332 5.28 -20.64 -17.40
CA GLN A 332 4.27 -19.78 -16.78
C GLN A 332 4.38 -18.36 -17.33
N ASP A 333 3.43 -17.52 -16.96
CA ASP A 333 3.46 -16.11 -17.32
C ASP A 333 4.35 -15.39 -16.32
N ALA A 334 5.59 -15.12 -16.73
CA ALA A 334 6.58 -14.53 -15.82
C ALA A 334 6.23 -13.12 -15.34
N ALA A 335 5.37 -12.43 -16.08
CA ALA A 335 4.88 -11.11 -15.68
C ALA A 335 4.00 -11.19 -14.41
N GLN A 336 3.46 -12.38 -14.14
CA GLN A 336 2.62 -12.59 -12.97
C GLN A 336 3.40 -12.82 -11.67
N ASN A 337 4.73 -12.74 -11.74
CA ASN A 337 5.54 -12.79 -10.53
C ASN A 337 5.35 -11.54 -9.67
N VAL A 338 4.74 -10.50 -10.25
CA VAL A 338 4.40 -9.29 -9.52
C VAL A 338 3.53 -9.63 -8.29
N GLY A 339 2.45 -10.35 -8.53
CA GLY A 339 1.55 -10.79 -7.46
C GLY A 339 1.84 -12.18 -6.93
N SER A 340 2.34 -13.06 -7.81
CA SER A 340 2.62 -14.45 -7.42
C SER A 340 3.72 -14.57 -6.37
N SER A 341 4.60 -13.57 -6.32
CA SER A 341 5.70 -13.56 -5.36
C SER A 341 5.31 -13.03 -3.97
N ASN A 342 4.06 -12.58 -3.82
CA ASN A 342 3.54 -12.18 -2.50
C ASN A 342 3.82 -13.28 -1.48
N CYS A 343 4.49 -12.92 -0.38
CA CYS A 343 4.95 -13.91 0.58
C CYS A 343 5.27 -13.29 1.94
N ILE A 344 4.81 -13.95 3.00
CA ILE A 344 5.27 -13.63 4.35
C ILE A 344 6.05 -14.82 4.92
N THR A 345 7.30 -14.56 5.28
CA THR A 345 8.18 -15.57 5.84
C THR A 345 8.27 -15.39 7.35
N LEU A 346 7.95 -16.45 8.08
CA LEU A 346 7.95 -16.42 9.54
C LEU A 346 8.92 -17.44 10.11
N MET A 347 9.59 -17.07 11.21
CA MET A 347 10.56 -17.95 11.87
C MET A 347 10.44 -17.84 13.39
N GLU A 348 10.49 -19.00 14.05
CA GLU A 348 10.51 -19.03 15.52
C GLU A 348 11.29 -20.24 16.03
N ALA A 349 11.69 -20.17 17.31
CA ALA A 349 12.41 -21.27 17.95
C ALA A 349 11.45 -22.41 18.27
N SER A 350 11.95 -23.64 18.12
CA SER A 350 11.12 -24.83 18.27
C SER A 350 11.90 -25.98 18.92
N GLY A 351 11.18 -27.03 19.32
CA GLY A 351 11.78 -28.21 19.91
C GLY A 351 11.83 -28.18 21.42
N PRO A 352 12.30 -29.28 22.05
CA PRO A 352 12.36 -29.41 23.51
C PRO A 352 13.35 -28.45 24.17
N THR A 353 14.45 -28.15 23.48
CA THR A 353 15.48 -27.24 24.00
C THR A 353 15.37 -25.84 23.40
N ASN A 354 14.33 -25.61 22.59
CA ASN A 354 14.05 -24.32 21.95
C ASN A 354 15.21 -23.82 21.05
N GLU A 355 15.92 -24.77 20.44
CA GLU A 355 17.10 -24.46 19.63
C GLU A 355 16.92 -24.78 18.14
N ASP A 356 15.81 -25.44 17.80
CA ASP A 356 15.51 -25.79 16.42
C ASP A 356 14.73 -24.67 15.75
N LEU A 357 14.86 -24.55 14.43
CA LEU A 357 14.27 -23.44 13.69
C LEU A 357 12.99 -23.83 12.95
N TYR A 358 11.87 -23.30 13.40
CA TYR A 358 10.61 -23.42 12.67
C TYR A 358 10.54 -22.31 11.64
N ILE A 359 10.26 -22.68 10.39
CA ILE A 359 10.06 -21.70 9.32
C ILE A 359 8.75 -21.96 8.59
N SER A 360 8.04 -20.89 8.24
CA SER A 360 6.85 -20.99 7.41
C SER A 360 6.85 -19.91 6.34
N CYS A 361 6.32 -20.26 5.17
CA CYS A 361 6.09 -19.30 4.10
C CYS A 361 4.63 -19.37 3.68
N THR A 362 3.99 -18.21 3.62
CA THR A 362 2.59 -18.12 3.21
C THR A 362 2.47 -17.22 1.98
N MET A 363 1.91 -17.80 0.92
CA MET A 363 1.82 -17.13 -0.38
C MET A 363 0.36 -17.18 -0.87
N PRO A 364 -0.38 -16.08 -0.65
CA PRO A 364 -1.82 -16.06 -0.91
C PRO A 364 -2.24 -15.95 -2.37
N SER A 365 -1.31 -15.64 -3.27
CA SER A 365 -1.69 -15.29 -4.64
C SER A 365 -0.79 -15.87 -5.74
N ILE A 366 -0.53 -17.17 -5.68
CA ILE A 366 0.25 -17.86 -6.72
C ILE A 366 -0.63 -18.11 -7.96
N GLU A 367 -0.30 -17.40 -9.04
CA GLU A 367 -1.03 -17.51 -10.30
C GLU A 367 -0.29 -18.48 -11.23
N ILE A 368 -0.86 -19.66 -11.42
CA ILE A 368 -0.12 -20.78 -11.98
C ILE A 368 -1.01 -21.78 -12.73
N GLY A 369 -0.43 -22.47 -13.70
CA GLY A 369 -1.14 -23.48 -14.49
C GLY A 369 -0.21 -24.50 -15.11
N THR A 370 -0.77 -25.65 -15.51
CA THR A 370 0.01 -26.71 -16.16
C THR A 370 -0.51 -27.06 -17.55
N VAL A 371 -1.57 -26.37 -17.97
CA VAL A 371 -2.05 -26.42 -19.36
C VAL A 371 -2.21 -25.00 -19.90
N GLY A 372 -2.05 -24.85 -21.22
CA GLY A 372 -2.22 -23.55 -21.86
C GLY A 372 -0.98 -22.66 -21.82
N GLY A 373 -1.00 -21.62 -22.64
CA GLY A 373 0.10 -20.66 -22.71
C GLY A 373 1.43 -21.32 -23.04
N GLY A 374 2.47 -20.94 -22.30
CA GLY A 374 3.82 -21.45 -22.51
C GLY A 374 4.02 -22.90 -22.12
N THR A 375 3.05 -23.47 -21.40
CA THR A 375 3.11 -24.88 -21.00
C THR A 375 2.76 -25.82 -22.16
N ASN A 376 2.35 -25.24 -23.29
CA ASN A 376 2.08 -26.01 -24.51
C ASN A 376 3.34 -26.34 -25.31
N LEU A 377 4.44 -25.66 -24.99
CA LEU A 377 5.71 -25.87 -25.67
C LEU A 377 6.48 -27.02 -25.02
N LEU A 378 7.15 -27.82 -25.85
CA LEU A 378 7.78 -29.06 -25.40
C LEU A 378 8.96 -28.92 -24.41
N PRO A 379 9.85 -27.92 -24.61
CA PRO A 379 10.91 -27.72 -23.61
C PRO A 379 10.34 -27.36 -22.24
N GLN A 380 9.33 -26.51 -22.20
CA GLN A 380 8.63 -26.15 -20.97
C GLN A 380 7.93 -27.35 -20.34
N GLN A 381 7.36 -28.21 -21.18
CA GLN A 381 6.72 -29.45 -20.73
C GLN A 381 7.70 -30.43 -20.11
N ALA A 382 8.97 -30.37 -20.56
CA ALA A 382 10.03 -31.21 -20.02
C ALA A 382 10.30 -30.89 -18.54
N CYS A 383 10.29 -29.61 -18.21
CA CYS A 383 10.48 -29.16 -16.82
C CYS A 383 9.26 -29.48 -15.95
N LEU A 384 8.07 -29.42 -16.55
CA LEU A 384 6.85 -29.82 -15.87
C LEU A 384 6.81 -31.33 -15.61
N GLN A 385 7.32 -32.09 -16.57
CA GLN A 385 7.41 -33.55 -16.43
C GLN A 385 8.38 -33.98 -15.33
N MET A 386 9.45 -33.20 -15.14
CA MET A 386 10.40 -33.40 -14.04
C MET A 386 9.67 -33.45 -12.70
N LEU A 387 8.74 -32.53 -12.52
CA LEU A 387 7.98 -32.40 -11.27
C LEU A 387 6.72 -33.27 -11.27
N GLY A 388 6.45 -33.93 -12.40
CA GLY A 388 5.30 -34.82 -12.55
C GLY A 388 3.97 -34.09 -12.54
N VAL A 389 3.96 -32.87 -13.08
CA VAL A 389 2.76 -32.02 -13.06
C VAL A 389 2.31 -31.59 -14.47
N GLN A 390 2.95 -32.12 -15.50
CA GLN A 390 2.64 -31.73 -16.89
C GLN A 390 1.21 -32.09 -17.28
N GLY A 391 0.51 -31.12 -17.87
CA GLY A 391 -0.82 -31.33 -18.42
C GLY A 391 -1.93 -31.34 -17.38
N ALA A 392 -3.13 -31.68 -17.83
CA ALA A 392 -4.30 -31.71 -16.97
C ALA A 392 -4.44 -33.06 -16.28
N CYS A 393 -4.85 -33.03 -15.02
CA CYS A 393 -5.16 -34.25 -14.28
C CYS A 393 -6.64 -34.58 -14.49
N LYS A 394 -6.89 -35.67 -15.22
CA LYS A 394 -8.25 -36.07 -15.60
C LYS A 394 -9.07 -36.57 -14.41
N ASP A 395 -8.42 -37.31 -13.52
CA ASP A 395 -9.08 -37.88 -12.34
C ASP A 395 -9.43 -36.82 -11.30
N ASN A 396 -8.53 -35.85 -11.13
CA ASN A 396 -8.73 -34.75 -10.19
C ASN A 396 -8.32 -33.41 -10.83
N PRO A 397 -9.26 -32.76 -11.53
CA PRO A 397 -8.98 -31.48 -12.21
C PRO A 397 -8.45 -30.42 -11.25
N GLY A 398 -7.28 -29.85 -11.59
CA GLY A 398 -6.65 -28.84 -10.75
C GLY A 398 -5.48 -29.37 -9.92
N GLU A 399 -5.40 -30.69 -9.79
CA GLU A 399 -4.39 -31.33 -8.94
C GLU A 399 -2.95 -31.03 -9.37
N ASN A 400 -2.69 -31.02 -10.68
CA ASN A 400 -1.36 -30.75 -11.21
C ASN A 400 -0.94 -29.30 -10.98
N ALA A 401 -1.86 -28.36 -11.21
CA ALA A 401 -1.62 -26.95 -10.96
C ALA A 401 -1.44 -26.66 -9.47
N ARG A 402 -2.25 -27.32 -8.65
CA ARG A 402 -2.15 -27.19 -7.19
C ARG A 402 -0.83 -27.76 -6.68
N GLN A 403 -0.41 -28.91 -7.20
CA GLN A 403 0.87 -29.52 -6.84
C GLN A 403 2.04 -28.60 -7.19
N LEU A 404 1.99 -28.00 -8.37
CA LEU A 404 3.03 -27.06 -8.80
C LEU A 404 3.10 -25.84 -7.88
N ALA A 405 1.94 -25.34 -7.46
CA ALA A 405 1.87 -24.21 -6.53
C ALA A 405 2.52 -24.55 -5.20
N ARG A 406 2.30 -25.78 -4.73
CA ARG A 406 2.92 -26.28 -3.49
C ARG A 406 4.44 -26.39 -3.64
N ILE A 407 4.89 -26.85 -4.80
CA ILE A 407 6.32 -26.93 -5.14
C ILE A 407 6.96 -25.54 -5.14
N VAL A 408 6.26 -24.56 -5.70
CA VAL A 408 6.75 -23.18 -5.73
C VAL A 408 6.92 -22.64 -4.31
N CYS A 409 5.89 -22.80 -3.48
CA CYS A 409 5.93 -22.31 -2.10
C CYS A 409 7.03 -22.99 -1.29
N GLY A 410 7.19 -24.29 -1.50
CA GLY A 410 8.23 -25.08 -0.84
C GLY A 410 9.64 -24.66 -1.24
N THR A 411 9.83 -24.41 -2.54
CA THR A 411 11.11 -23.95 -3.06
C THR A 411 11.41 -22.52 -2.60
N VAL A 412 10.38 -21.68 -2.55
CA VAL A 412 10.51 -20.34 -1.96
C VAL A 412 11.07 -20.43 -0.54
N MET A 413 10.51 -21.32 0.27
CA MET A 413 10.95 -21.52 1.64
C MET A 413 12.41 -21.99 1.71
N ALA A 414 12.80 -22.87 0.79
CA ALA A 414 14.19 -23.30 0.65
C ALA A 414 15.10 -22.12 0.34
N GLY A 415 14.67 -21.28 -0.60
CA GLY A 415 15.38 -20.06 -0.95
C GLY A 415 15.48 -19.09 0.21
N GLU A 416 14.39 -18.97 0.96
CA GLU A 416 14.35 -18.09 2.13
C GLU A 416 15.35 -18.53 3.20
N LEU A 417 15.36 -19.82 3.50
CA LEU A 417 16.30 -20.38 4.49
C LEU A 417 17.74 -20.03 4.18
N SER A 418 18.15 -20.24 2.93
CA SER A 418 19.54 -20.08 2.53
C SER A 418 20.00 -18.62 2.46
N LEU A 419 19.19 -17.75 1.85
CA LEU A 419 19.54 -16.34 1.77
C LEU A 419 19.56 -15.69 3.15
N MET A 420 18.56 -16.00 3.97
CA MET A 420 18.48 -15.48 5.33
C MET A 420 19.68 -15.93 6.17
N ALA A 421 20.11 -17.18 5.96
CA ALA A 421 21.32 -17.71 6.59
C ALA A 421 22.57 -16.95 6.16
N ALA A 422 22.69 -16.69 4.87
CA ALA A 422 23.80 -15.91 4.32
C ALA A 422 23.85 -14.50 4.91
N LEU A 423 22.69 -13.87 5.03
CA LEU A 423 22.58 -12.53 5.60
C LEU A 423 22.85 -12.51 7.10
N ALA A 424 22.41 -13.56 7.80
CA ALA A 424 22.62 -13.68 9.25
C ALA A 424 24.08 -13.90 9.58
N ALA A 425 24.74 -14.75 8.79
CA ALA A 425 26.15 -15.08 8.98
C ALA A 425 27.07 -13.94 8.55
N GLY A 426 26.66 -13.21 7.51
CA GLY A 426 27.44 -12.09 6.99
C GLY A 426 28.56 -12.53 6.09
N GLU B 7 31.69 -54.27 -21.06
CA GLU B 7 31.79 -52.81 -21.35
C GLU B 7 32.02 -51.95 -20.09
N PRO B 8 31.23 -52.17 -19.02
CA PRO B 8 31.47 -51.39 -17.81
C PRO B 8 32.70 -51.87 -17.05
N ARG B 9 33.55 -50.93 -16.66
CA ARG B 9 34.79 -51.23 -15.94
C ARG B 9 34.59 -51.14 -14.42
N PRO B 10 35.30 -51.97 -13.64
CA PRO B 10 35.27 -51.91 -12.18
C PRO B 10 35.71 -50.55 -11.62
N ASN B 11 35.23 -50.22 -10.43
CA ASN B 11 35.47 -48.92 -9.80
C ASN B 11 36.95 -48.60 -9.55
N GLU B 12 37.74 -49.63 -9.22
CA GLU B 12 39.16 -49.48 -8.93
C GLU B 12 39.99 -49.20 -10.18
N GLU B 13 39.55 -49.73 -11.33
CA GLU B 13 40.26 -49.55 -12.59
C GLU B 13 39.98 -48.18 -13.23
N CYS B 14 38.90 -47.54 -12.81
CA CYS B 14 38.51 -46.22 -13.32
C CYS B 14 39.20 -45.08 -12.57
N LEU B 15 39.58 -45.33 -11.32
CA LEU B 15 40.22 -44.33 -10.47
C LEU B 15 41.66 -44.01 -10.87
N GLN B 16 42.35 -45.01 -11.42
CA GLN B 16 43.74 -44.85 -11.85
C GLN B 16 43.88 -44.01 -13.14
N ILE B 17 42.83 -44.01 -13.95
CA ILE B 17 42.80 -43.23 -15.19
C ILE B 17 42.46 -41.77 -14.88
N LEU B 18 41.41 -41.56 -14.10
CA LEU B 18 40.99 -40.22 -13.70
C LEU B 18 41.80 -39.75 -12.50
N ALA B 25 39.55 -38.75 -18.18
CA ALA B 25 38.22 -38.21 -18.40
C ALA B 25 37.70 -38.51 -19.82
N LYS B 26 38.55 -38.26 -20.82
CA LYS B 26 38.21 -38.50 -22.22
C LYS B 26 38.26 -39.98 -22.55
N PHE B 27 39.14 -40.71 -21.86
CA PHE B 27 39.31 -42.15 -22.06
C PHE B 27 38.14 -42.94 -21.47
N LEU B 28 37.54 -42.40 -20.41
CA LEU B 28 36.41 -43.03 -19.74
C LEU B 28 35.10 -42.78 -20.50
N SER B 29 34.17 -43.73 -20.38
CA SER B 29 32.85 -43.62 -21.00
C SER B 29 31.85 -42.96 -20.05
N ASP B 30 30.70 -42.55 -20.59
CA ASP B 30 29.65 -41.88 -19.82
C ASP B 30 29.06 -42.77 -18.72
N ALA B 31 28.92 -44.06 -19.01
CA ALA B 31 28.37 -45.03 -18.06
C ALA B 31 29.30 -45.28 -16.87
N GLU B 32 30.59 -45.11 -17.08
CA GLU B 32 31.60 -45.33 -16.04
C GLU B 32 31.66 -44.17 -15.04
N ILE B 33 31.50 -42.95 -15.54
CA ILE B 33 31.53 -41.74 -14.70
C ILE B 33 30.35 -41.70 -13.72
N ILE B 34 29.19 -42.15 -14.19
CA ILE B 34 27.97 -42.24 -13.38
C ILE B 34 28.17 -43.16 -12.17
N GLN B 35 28.89 -44.27 -12.37
CA GLN B 35 29.19 -45.24 -11.31
C GLN B 35 30.05 -44.64 -10.19
N LEU B 36 30.95 -43.73 -10.57
CA LEU B 36 31.81 -43.03 -9.60
C LEU B 36 31.04 -42.08 -8.70
N VAL B 37 29.99 -41.46 -9.25
CA VAL B 37 29.14 -40.55 -8.50
C VAL B 37 28.27 -41.32 -7.50
N ASN B 38 27.74 -42.46 -7.95
CA ASN B 38 26.91 -43.32 -7.11
C ASN B 38 27.68 -44.03 -6.00
N ALA B 39 28.99 -44.21 -6.20
CA ALA B 39 29.86 -44.84 -5.22
C ALA B 39 30.15 -43.91 -4.03
N LYS B 40 30.00 -42.61 -4.26
CA LYS B 40 30.21 -41.56 -3.24
C LYS B 40 31.63 -41.56 -2.70
N LEU B 50 36.71 -31.54 -13.86
CA LEU B 50 36.64 -33.01 -13.90
C LEU B 50 36.39 -33.51 -15.32
N ILE B 51 35.39 -32.93 -15.99
CA ILE B 51 35.03 -33.31 -17.35
C ILE B 51 35.76 -32.39 -18.35
N GLU B 52 36.07 -32.94 -19.53
CA GLU B 52 36.85 -32.23 -20.55
C GLU B 52 36.12 -31.00 -21.09
N THR B 53 34.87 -31.21 -21.52
CA THR B 53 34.05 -30.12 -22.06
C THR B 53 32.86 -29.80 -21.16
N HIS B 54 32.34 -28.58 -21.30
CA HIS B 54 31.17 -28.14 -20.53
C HIS B 54 29.91 -28.92 -20.87
N GLU B 55 29.70 -29.17 -22.17
CA GLU B 55 28.50 -29.86 -22.66
C GLU B 55 28.39 -31.29 -22.14
N ARG B 56 29.51 -32.01 -22.10
CA ARG B 56 29.53 -33.38 -21.57
C ARG B 56 29.25 -33.39 -20.07
N GLY B 57 29.74 -32.36 -19.37
CA GLY B 57 29.44 -32.17 -17.94
C GLY B 57 27.95 -32.00 -17.69
N VAL B 58 27.29 -31.27 -18.58
CA VAL B 58 25.83 -31.11 -18.55
C VAL B 58 25.16 -32.45 -18.84
N SER B 59 25.66 -33.16 -19.85
CA SER B 59 25.13 -34.46 -20.26
C SER B 59 25.15 -35.47 -19.12
N ILE B 60 26.26 -35.53 -18.39
CA ILE B 60 26.41 -36.42 -17.24
C ILE B 60 25.41 -36.08 -16.13
N ARG B 61 25.30 -34.80 -15.80
CA ARG B 61 24.34 -34.32 -14.80
C ARG B 61 22.90 -34.65 -15.20
N ARG B 62 22.60 -34.52 -16.49
CA ARG B 62 21.28 -34.87 -17.03
C ARG B 62 20.97 -36.35 -16.85
N GLN B 63 21.96 -37.20 -17.11
CA GLN B 63 21.79 -38.66 -16.97
C GLN B 63 21.64 -39.09 -15.52
N LEU B 64 22.35 -38.42 -14.62
CA LEU B 64 22.24 -38.65 -13.18
C LEU B 64 20.87 -38.23 -12.65
N LEU B 65 20.34 -37.15 -13.21
CA LEU B 65 19.04 -36.61 -12.81
C LEU B 65 17.87 -37.45 -13.32
N SER B 66 17.99 -37.94 -14.56
CA SER B 66 16.92 -38.71 -15.21
C SER B 66 16.50 -39.96 -14.45
N LYS B 67 17.48 -40.62 -13.82
CA LYS B 67 17.24 -41.82 -13.03
C LYS B 67 16.45 -41.53 -11.75
N LYS B 68 16.61 -40.32 -11.22
CA LYS B 68 15.93 -39.88 -10.01
C LYS B 68 14.45 -39.55 -10.24
N LEU B 69 14.12 -39.24 -11.49
CA LEU B 69 12.75 -38.84 -11.85
C LEU B 69 11.82 -40.02 -12.04
N SER B 70 10.54 -39.81 -11.77
CA SER B 70 9.51 -40.84 -11.95
C SER B 70 9.33 -41.22 -13.41
N GLU B 71 9.50 -40.23 -14.30
CA GLU B 71 9.47 -40.46 -15.73
C GLU B 71 10.88 -40.20 -16.29
N PRO B 72 11.61 -41.29 -16.64
CA PRO B 72 13.03 -41.22 -17.01
C PRO B 72 13.31 -40.44 -18.30
N SER B 73 12.30 -40.27 -19.16
CA SER B 73 12.47 -39.54 -20.41
C SER B 73 11.89 -38.12 -20.33
N SER B 74 11.87 -37.55 -19.12
CA SER B 74 11.34 -36.20 -18.90
C SER B 74 12.17 -35.12 -19.59
N LEU B 75 13.49 -35.27 -19.58
CA LEU B 75 14.41 -34.27 -20.14
C LEU B 75 14.57 -34.36 -21.66
N GLN B 76 13.84 -35.28 -22.28
CA GLN B 76 13.95 -35.54 -23.73
C GLN B 76 13.87 -34.28 -24.58
N TYR B 77 12.90 -33.42 -24.28
CA TYR B 77 12.68 -32.19 -25.06
C TYR B 77 13.27 -30.93 -24.43
N LEU B 78 13.99 -31.09 -23.33
CA LEU B 78 14.79 -29.99 -22.77
C LEU B 78 16.14 -29.96 -23.48
N PRO B 79 16.38 -28.93 -24.31
CA PRO B 79 17.61 -28.89 -25.10
C PRO B 79 18.83 -28.50 -24.27
N TYR B 80 20.01 -28.94 -24.71
CA TYR B 80 21.25 -28.63 -24.00
C TYR B 80 22.47 -28.54 -24.94
N ARG B 81 22.40 -29.23 -26.08
CA ARG B 81 23.53 -29.32 -27.00
C ARG B 81 23.83 -28.01 -27.73
N ASP B 82 25.11 -27.80 -28.03
CA ASP B 82 25.60 -26.67 -28.83
C ASP B 82 25.46 -25.28 -28.18
N TYR B 83 25.13 -25.25 -26.90
CA TYR B 83 25.03 -23.99 -26.17
C TYR B 83 26.36 -23.60 -25.52
N ASN B 84 26.66 -22.31 -25.56
CA ASN B 84 27.91 -21.79 -24.99
C ASN B 84 27.85 -21.67 -23.46
N TYR B 85 28.22 -22.76 -22.78
CA TYR B 85 28.18 -22.83 -21.32
C TYR B 85 29.35 -22.13 -20.63
N SER B 86 30.39 -21.80 -21.39
CA SER B 86 31.61 -21.19 -20.84
C SER B 86 31.35 -19.87 -20.09
N LEU B 87 30.38 -19.10 -20.58
CA LEU B 87 30.02 -17.83 -19.97
C LEU B 87 28.95 -17.97 -18.87
N VAL B 88 28.37 -19.17 -18.78
CA VAL B 88 27.31 -19.45 -17.81
C VAL B 88 27.87 -20.04 -16.51
N MET B 89 28.70 -21.07 -16.65
CA MET B 89 29.25 -21.78 -15.50
C MET B 89 30.07 -20.86 -14.59
N GLY B 90 29.76 -20.90 -13.30
CA GLY B 90 30.45 -20.08 -12.30
C GLY B 90 30.20 -18.58 -12.44
N ALA B 91 29.09 -18.21 -13.06
CA ALA B 91 28.75 -16.81 -13.29
C ALA B 91 27.24 -16.53 -13.31
N CYS B 92 26.49 -17.39 -14.00
CA CYS B 92 25.06 -17.13 -14.22
C CYS B 92 24.12 -18.22 -13.69
N CYS B 93 24.58 -19.47 -13.66
CA CYS B 93 23.74 -20.58 -13.23
C CYS B 93 24.57 -21.74 -12.70
N GLU B 94 23.99 -22.52 -11.79
CA GLU B 94 24.64 -23.70 -11.23
C GLU B 94 23.76 -24.93 -11.44
N ASN B 95 24.37 -26.12 -11.33
CA ASN B 95 23.68 -27.39 -11.55
C ASN B 95 22.91 -27.42 -12.87
N VAL B 96 23.57 -26.94 -13.92
CA VAL B 96 22.95 -26.74 -15.23
C VAL B 96 22.61 -28.05 -15.94
N ILE B 97 21.36 -28.16 -16.37
CA ILE B 97 20.86 -29.34 -17.08
C ILE B 97 20.39 -29.01 -18.50
N GLY B 98 20.65 -27.78 -18.93
CA GLY B 98 20.27 -27.33 -20.27
C GLY B 98 19.83 -25.89 -20.29
N TYR B 99 19.05 -25.54 -21.32
CA TYR B 99 18.52 -24.18 -21.45
C TYR B 99 17.04 -24.18 -21.82
N MET B 100 16.35 -23.10 -21.43
CA MET B 100 14.96 -22.90 -21.77
C MET B 100 14.84 -21.87 -22.88
N PRO B 101 14.40 -22.29 -24.07
CA PRO B 101 14.20 -21.35 -25.16
C PRO B 101 12.89 -20.56 -25.00
N ILE B 102 13.02 -19.25 -24.90
CA ILE B 102 11.86 -18.36 -24.84
C ILE B 102 11.73 -17.66 -26.19
N PRO B 103 10.57 -17.81 -26.86
CA PRO B 103 10.36 -17.18 -28.16
C PRO B 103 10.57 -15.66 -28.08
N VAL B 104 11.29 -15.12 -29.06
CA VAL B 104 11.56 -13.68 -29.12
C VAL B 104 10.86 -13.07 -30.33
N GLY B 105 10.01 -12.08 -30.06
CA GLY B 105 9.33 -11.32 -31.12
C GLY B 105 9.84 -9.89 -31.17
N VAL B 106 9.53 -9.19 -32.26
CA VAL B 106 9.94 -7.80 -32.42
C VAL B 106 8.74 -6.85 -32.56
N ALA B 107 8.75 -5.81 -31.73
CA ALA B 107 7.74 -4.75 -31.81
C ALA B 107 8.42 -3.45 -32.20
N GLY B 108 7.89 -2.81 -33.24
CA GLY B 108 8.45 -1.56 -33.73
C GLY B 108 8.06 -1.19 -35.15
N PRO B 109 8.61 -0.07 -35.66
CA PRO B 109 9.58 0.78 -34.97
C PRO B 109 8.95 1.59 -33.83
N LEU B 110 9.69 1.71 -32.72
CA LEU B 110 9.30 2.61 -31.64
C LEU B 110 9.97 3.95 -31.90
N CYS B 111 9.16 4.95 -32.22
CA CYS B 111 9.65 6.29 -32.50
C CYS B 111 9.76 7.05 -31.19
N LEU B 112 11.01 7.14 -30.70
CA LEU B 112 11.29 7.69 -29.38
C LEU B 112 12.49 8.63 -29.44
N ASP B 113 12.26 9.86 -28.98
CA ASP B 113 13.31 10.90 -28.92
C ASP B 113 14.04 11.10 -30.26
N GLU B 114 13.25 11.18 -31.33
CA GLU B 114 13.74 11.38 -32.70
C GLU B 114 14.60 10.22 -33.23
N LYS B 115 14.49 9.06 -32.58
CA LYS B 115 15.16 7.84 -33.01
C LYS B 115 14.11 6.75 -33.26
N GLU B 116 14.53 5.67 -33.92
CA GLU B 116 13.65 4.52 -34.15
C GLU B 116 14.27 3.24 -33.59
N PHE B 117 13.49 2.53 -32.77
CA PHE B 117 13.94 1.33 -32.09
C PHE B 117 13.13 0.11 -32.49
N GLN B 118 13.83 -1.01 -32.68
CA GLN B 118 13.19 -2.31 -32.89
C GLN B 118 13.35 -3.10 -31.60
N VAL B 119 12.24 -3.24 -30.87
CA VAL B 119 12.28 -3.76 -29.51
C VAL B 119 12.07 -5.28 -29.44
N PRO B 120 13.09 -6.00 -28.93
CA PRO B 120 12.96 -7.45 -28.77
C PRO B 120 12.15 -7.80 -27.52
N MET B 121 11.23 -8.77 -27.66
CA MET B 121 10.35 -9.16 -26.58
C MET B 121 10.28 -10.68 -26.46
N ALA B 122 10.78 -11.19 -25.33
CA ALA B 122 10.75 -12.62 -25.06
C ALA B 122 9.54 -12.97 -24.22
N THR B 123 8.62 -13.72 -24.81
CA THR B 123 7.34 -14.05 -24.16
C THR B 123 6.70 -15.32 -24.72
N THR B 124 5.78 -15.89 -23.95
CA THR B 124 4.97 -17.01 -24.41
C THR B 124 3.48 -16.66 -24.35
N GLU B 125 3.18 -15.38 -24.12
CA GLU B 125 1.79 -14.91 -24.11
C GLU B 125 1.37 -14.42 -25.49
N GLY B 126 0.44 -15.15 -26.11
CA GLY B 126 -0.11 -14.79 -27.41
C GLY B 126 -0.74 -13.41 -27.41
N CYS B 127 -0.50 -12.67 -28.49
CA CYS B 127 -1.02 -11.32 -28.71
C CYS B 127 -0.21 -10.18 -28.06
N LEU B 128 0.71 -10.51 -27.16
CA LEU B 128 1.49 -9.48 -26.47
C LEU B 128 2.37 -8.67 -27.42
N VAL B 129 3.21 -9.36 -28.19
CA VAL B 129 4.10 -8.69 -29.15
C VAL B 129 3.28 -7.92 -30.21
N ALA B 130 2.27 -8.57 -30.77
CA ALA B 130 1.41 -7.97 -31.80
C ALA B 130 0.65 -6.75 -31.28
N SER B 131 0.16 -6.83 -30.05
CA SER B 131 -0.55 -5.70 -29.44
C SER B 131 0.39 -4.53 -29.19
N THR B 132 1.55 -4.82 -28.60
CA THR B 132 2.59 -3.81 -28.37
C THR B 132 3.03 -3.16 -29.69
N ASN B 133 3.10 -3.98 -30.75
CA ASN B 133 3.41 -3.49 -32.08
C ASN B 133 2.38 -2.48 -32.59
N ARG B 134 1.12 -2.71 -32.28
CA ARG B 134 0.04 -1.80 -32.67
C ARG B 134 0.18 -0.46 -31.93
N GLY B 135 0.56 -0.53 -30.64
CA GLY B 135 0.83 0.66 -29.86
C GLY B 135 1.96 1.51 -30.43
N CYS B 136 3.00 0.83 -30.90
CA CYS B 136 4.13 1.48 -31.58
C CYS B 136 3.68 2.19 -32.85
N ARG B 137 2.78 1.52 -33.59
CA ARG B 137 2.23 2.08 -34.83
C ARG B 137 1.47 3.37 -34.56
N ALA B 138 0.66 3.38 -33.49
CA ALA B 138 -0.09 4.56 -33.07
C ALA B 138 0.83 5.72 -32.70
N ILE B 139 1.91 5.42 -31.98
CA ILE B 139 2.91 6.42 -31.61
C ILE B 139 3.64 6.95 -32.85
N GLY B 140 4.02 6.06 -33.74
CA GLY B 140 4.74 6.41 -34.97
C GLY B 140 3.96 7.33 -35.89
N LEU B 141 2.66 7.11 -35.98
CA LEU B 141 1.78 7.95 -36.80
C LEU B 141 1.36 9.22 -36.07
N GLY B 142 1.77 9.34 -34.80
CA GLY B 142 1.45 10.50 -33.98
C GLY B 142 2.58 11.48 -33.76
N GLY B 143 3.66 11.31 -34.51
CA GLY B 143 4.82 12.20 -34.43
C GLY B 143 5.91 11.72 -33.48
N GLY B 144 5.69 10.57 -32.86
CA GLY B 144 6.69 9.96 -31.99
C GLY B 144 6.54 10.26 -30.51
N ALA B 145 7.38 9.62 -29.72
CA ALA B 145 7.38 9.77 -28.27
C ALA B 145 8.61 10.54 -27.78
N SER B 146 8.48 11.16 -26.62
CA SER B 146 9.58 11.85 -25.96
C SER B 146 9.72 11.34 -24.53
N SER B 147 10.96 11.13 -24.10
CA SER B 147 11.22 10.60 -22.75
C SER B 147 12.37 11.30 -22.04
N ARG B 148 12.36 11.23 -20.71
CA ARG B 148 13.41 11.81 -19.88
C ARG B 148 13.73 10.88 -18.71
N VAL B 149 15.02 10.72 -18.43
CA VAL B 149 15.48 10.06 -17.21
C VAL B 149 15.58 11.11 -16.11
N LEU B 150 14.83 10.89 -15.03
CA LEU B 150 14.67 11.88 -13.97
C LEU B 150 15.66 11.67 -12.82
N ALA B 151 16.07 10.41 -12.63
CA ALA B 151 16.99 10.03 -11.57
C ALA B 151 17.66 8.71 -11.91
N ASP B 152 18.84 8.49 -11.33
CA ASP B 152 19.59 7.27 -11.54
C ASP B 152 20.37 6.93 -10.28
N GLY B 153 20.04 5.80 -9.67
CA GLY B 153 20.74 5.33 -8.47
C GLY B 153 20.17 4.05 -7.90
N MET B 154 20.97 2.99 -7.99
CA MET B 154 20.65 1.71 -7.35
C MET B 154 20.82 1.86 -5.83
N THR B 155 20.03 1.09 -5.08
CA THR B 155 20.02 1.23 -3.62
C THR B 155 20.23 -0.10 -2.90
N ARG B 156 20.78 0.00 -1.70
CA ARG B 156 20.83 -1.11 -0.75
C ARG B 156 20.49 -0.55 0.63
N GLY B 157 19.61 -1.24 1.35
CA GLY B 157 19.12 -0.76 2.64
C GLY B 157 19.37 -1.72 3.79
N PRO B 158 20.60 -1.74 4.33
CA PRO B 158 20.93 -2.59 5.47
C PRO B 158 20.18 -2.22 6.75
N VAL B 159 20.07 -3.18 7.66
CA VAL B 159 19.59 -2.91 9.00
C VAL B 159 20.75 -3.05 10.00
N VAL B 160 20.99 -1.98 10.75
CA VAL B 160 21.96 -2.02 11.85
C VAL B 160 21.23 -1.84 13.17
N ARG B 161 21.87 -2.30 14.24
CA ARG B 161 21.26 -2.24 15.57
C ARG B 161 22.24 -1.71 16.60
N LEU B 162 21.76 -0.80 17.44
CA LEU B 162 22.55 -0.26 18.53
C LEU B 162 21.94 -0.68 19.88
N PRO B 163 22.66 -0.48 21.00
CA PRO B 163 22.13 -0.90 22.30
C PRO B 163 20.79 -0.28 22.66
N ARG B 164 20.60 1.00 22.32
CA ARG B 164 19.37 1.72 22.65
C ARG B 164 18.92 2.61 21.50
N ALA B 165 17.65 3.04 21.54
CA ALA B 165 17.10 3.98 20.57
C ALA B 165 17.80 5.34 20.64
N CYS B 166 18.23 5.73 21.83
CA CYS B 166 19.04 6.94 22.01
C CYS B 166 20.35 6.86 21.24
N ASP B 167 20.90 5.65 21.17
CA ASP B 167 22.15 5.40 20.45
C ASP B 167 21.95 5.39 18.93
N SER B 168 20.87 4.76 18.46
CA SER B 168 20.54 4.75 17.03
C SER B 168 20.22 6.16 16.53
N ALA B 169 19.57 6.95 17.38
CA ALA B 169 19.30 8.37 17.11
C ALA B 169 20.59 9.16 16.92
N GLU B 170 21.58 8.87 17.77
CA GLU B 170 22.90 9.49 17.69
C GLU B 170 23.57 9.22 16.35
N VAL B 171 23.47 7.97 15.89
CA VAL B 171 24.06 7.57 14.59
C VAL B 171 23.34 8.26 13.44
N LYS B 172 22.00 8.32 13.51
CA LYS B 172 21.21 9.02 12.51
C LYS B 172 21.63 10.49 12.40
N ALA B 173 21.77 11.15 13.55
CA ALA B 173 22.22 12.55 13.60
C ALA B 173 23.63 12.71 13.03
N TRP B 174 24.51 11.77 13.38
CA TRP B 174 25.90 11.75 12.90
C TRP B 174 25.95 11.64 11.37
N LEU B 175 25.15 10.73 10.82
CA LEU B 175 25.08 10.53 9.37
C LEU B 175 24.51 11.74 8.62
N GLU B 176 23.74 12.56 9.34
CA GLU B 176 23.09 13.73 8.76
C GLU B 176 24.00 14.97 8.72
N THR B 177 25.07 14.95 9.50
CA THR B 177 26.07 16.03 9.47
C THR B 177 26.89 15.95 8.18
N SER B 178 27.39 17.10 7.73
CA SER B 178 28.20 17.19 6.52
C SER B 178 29.49 16.39 6.64
N GLU B 179 30.15 16.50 7.80
CA GLU B 179 31.40 15.78 8.06
C GLU B 179 31.19 14.27 8.24
N GLY B 180 30.08 13.91 8.88
CA GLY B 180 29.69 12.51 9.06
C GLY B 180 29.40 11.83 7.73
N PHE B 181 28.63 12.51 6.88
CA PHE B 181 28.31 12.00 5.54
C PHE B 181 29.56 11.90 4.65
N ALA B 182 30.44 12.90 4.75
CA ALA B 182 31.68 12.94 3.96
C ALA B 182 32.55 11.72 4.18
N VAL B 183 32.69 11.31 5.45
CA VAL B 183 33.48 10.15 5.83
C VAL B 183 32.89 8.87 5.23
N ILE B 184 31.56 8.73 5.32
CA ILE B 184 30.85 7.56 4.79
C ILE B 184 30.88 7.53 3.26
N LYS B 185 30.73 8.70 2.64
CA LYS B 185 30.79 8.83 1.18
C LYS B 185 32.17 8.44 0.64
N GLU B 186 33.22 8.90 1.32
CA GLU B 186 34.60 8.58 0.95
C GLU B 186 34.85 7.06 0.96
N ALA B 187 34.34 6.40 2.00
CA ALA B 187 34.46 4.94 2.12
C ALA B 187 33.65 4.22 1.05
N PHE B 188 32.43 4.69 0.81
CA PHE B 188 31.54 4.12 -0.21
C PHE B 188 32.13 4.26 -1.61
N ASP B 189 32.54 5.47 -1.96
CA ASP B 189 33.04 5.79 -3.30
C ASP B 189 34.39 5.15 -3.62
N SER B 190 35.10 4.71 -2.58
CA SER B 190 36.42 4.10 -2.75
C SER B 190 36.36 2.68 -3.34
N THR B 191 35.17 2.06 -3.31
CA THR B 191 35.01 0.67 -3.75
C THR B 191 34.92 0.51 -5.28
N SER B 192 34.50 1.58 -5.97
CA SER B 192 34.35 1.55 -7.42
C SER B 192 34.51 2.96 -8.02
N ARG B 193 35.03 3.03 -9.25
CA ARG B 193 35.21 4.31 -9.94
C ARG B 193 33.89 4.91 -10.40
N PHE B 194 32.84 4.09 -10.44
CA PHE B 194 31.50 4.53 -10.82
C PHE B 194 30.67 4.96 -9.61
N ALA B 195 31.13 4.59 -8.42
CA ALA B 195 30.43 4.88 -7.17
C ALA B 195 30.41 6.37 -6.84
N ARG B 196 29.21 6.88 -6.58
CA ARG B 196 29.02 8.28 -6.20
C ARG B 196 27.83 8.34 -5.24
N LEU B 197 28.11 8.20 -3.94
CA LEU B 197 27.07 8.13 -2.93
C LEU B 197 26.24 9.42 -2.85
N GLN B 198 24.93 9.26 -2.99
CA GLN B 198 23.98 10.37 -2.89
C GLN B 198 23.56 10.54 -1.44
N LYS B 199 22.71 11.54 -1.18
CA LYS B 199 22.22 11.81 0.17
C LYS B 199 21.58 10.57 0.79
N LEU B 200 21.94 10.27 2.03
CA LEU B 200 21.45 9.09 2.71
C LEU B 200 20.01 9.25 3.18
N HIS B 201 19.24 8.18 3.06
CA HIS B 201 17.90 8.12 3.63
C HIS B 201 17.93 7.15 4.80
N THR B 202 17.62 7.65 6.00
CA THR B 202 17.67 6.83 7.20
C THR B 202 16.32 6.81 7.93
N SER B 203 15.97 5.64 8.46
CA SER B 203 14.74 5.47 9.22
C SER B 203 15.03 4.67 10.47
N ILE B 204 14.59 5.22 11.61
CA ILE B 204 14.74 4.53 12.89
C ILE B 204 13.51 3.70 13.23
N ALA B 205 13.76 2.53 13.83
CA ALA B 205 12.72 1.71 14.45
C ALA B 205 13.25 1.26 15.81
N GLY B 206 13.08 2.11 16.81
CA GLY B 206 13.66 1.88 18.13
C GLY B 206 15.18 1.92 18.07
N ARG B 207 15.81 0.84 18.51
CA ARG B 207 17.28 0.74 18.47
C ARG B 207 17.81 0.31 17.09
N ASN B 208 16.90 -0.02 16.19
CA ASN B 208 17.24 -0.32 14.80
C ASN B 208 17.41 0.94 13.97
N LEU B 209 18.37 0.90 13.05
CA LEU B 209 18.54 1.95 12.06
C LEU B 209 18.63 1.36 10.65
N TYR B 210 17.73 1.81 9.78
CA TYR B 210 17.70 1.39 8.39
C TYR B 210 18.32 2.48 7.54
N ILE B 211 19.40 2.16 6.85
CA ILE B 211 20.14 3.14 6.06
C ILE B 211 20.05 2.79 4.58
N ARG B 212 19.48 3.70 3.81
CA ARG B 212 19.32 3.50 2.36
C ARG B 212 20.45 4.19 1.61
N PHE B 213 21.42 3.39 1.15
CA PHE B 213 22.53 3.88 0.35
C PHE B 213 22.10 3.94 -1.10
N GLN B 214 22.40 5.05 -1.77
CA GLN B 214 22.05 5.22 -3.19
C GLN B 214 23.20 5.80 -3.99
N SER B 215 23.48 5.18 -5.14
CA SER B 215 24.54 5.64 -6.03
C SER B 215 24.34 5.17 -7.48
N ARG B 216 24.82 5.98 -8.42
CA ARG B 216 24.94 5.56 -9.81
C ARG B 216 25.91 4.39 -9.90
N SER B 217 25.85 3.65 -11.01
CA SER B 217 26.63 2.42 -11.14
C SER B 217 27.09 2.17 -12.58
N GLY B 218 27.39 3.26 -13.29
CA GLY B 218 27.74 3.18 -14.70
C GLY B 218 26.60 2.56 -15.49
N ASP B 219 26.93 1.58 -16.32
CA ASP B 219 25.94 0.90 -17.15
C ASP B 219 25.42 -0.40 -16.54
N ALA B 220 25.91 -0.72 -15.35
CA ALA B 220 25.47 -1.92 -14.64
C ALA B 220 24.19 -1.64 -13.86
N MET B 221 23.42 -2.70 -13.59
CA MET B 221 22.25 -2.61 -12.74
C MET B 221 22.66 -2.14 -11.33
N GLY B 222 23.81 -2.64 -10.87
CA GLY B 222 24.51 -2.07 -9.74
C GLY B 222 24.40 -2.73 -8.38
N MET B 223 23.57 -3.76 -8.28
CA MET B 223 23.34 -4.44 -7.00
C MET B 223 24.63 -4.91 -6.31
N ASN B 224 25.51 -5.56 -7.07
CA ASN B 224 26.80 -6.02 -6.52
C ASN B 224 27.69 -4.84 -6.13
N MET B 225 27.70 -3.80 -6.95
CA MET B 225 28.52 -2.61 -6.74
C MET B 225 28.08 -1.85 -5.49
N ILE B 226 26.77 -1.62 -5.36
CA ILE B 226 26.20 -0.90 -4.22
C ILE B 226 26.38 -1.68 -2.92
N SER B 227 26.21 -3.00 -2.99
CA SER B 227 26.40 -3.87 -1.82
C SER B 227 27.83 -3.82 -1.31
N LYS B 228 28.80 -3.84 -2.24
CA LYS B 228 30.21 -3.74 -1.91
C LYS B 228 30.52 -2.40 -1.25
N GLY B 229 29.99 -1.32 -1.82
CA GLY B 229 30.13 0.01 -1.24
C GLY B 229 29.47 0.14 0.12
N THR B 230 28.30 -0.50 0.26
CA THR B 230 27.56 -0.52 1.52
C THR B 230 28.36 -1.18 2.64
N GLU B 231 28.93 -2.34 2.35
CA GLU B 231 29.74 -3.10 3.31
C GLU B 231 30.93 -2.27 3.82
N LYS B 232 31.60 -1.57 2.91
CA LYS B 232 32.73 -0.72 3.25
C LYS B 232 32.31 0.48 4.07
N ALA B 233 31.18 1.08 3.70
CA ALA B 233 30.63 2.23 4.42
C ALA B 233 30.21 1.86 5.84
N LEU B 234 29.60 0.68 6.00
CA LEU B 234 29.19 0.18 7.30
C LEU B 234 30.39 -0.16 8.18
N SER B 235 31.45 -0.67 7.56
CA SER B 235 32.70 -0.95 8.26
C SER B 235 33.32 0.34 8.81
N LYS B 236 33.28 1.40 8.01
CA LYS B 236 33.77 2.71 8.41
C LYS B 236 32.93 3.31 9.54
N LEU B 237 31.61 3.16 9.41
CA LEU B 237 30.67 3.64 10.44
C LEU B 237 30.91 2.92 11.78
N HIS B 238 31.29 1.66 11.70
CA HIS B 238 31.58 0.84 12.89
C HIS B 238 32.79 1.33 13.68
N GLU B 239 33.72 2.00 12.98
CA GLU B 239 34.90 2.59 13.63
C GLU B 239 34.50 3.71 14.58
N TYR B 240 33.47 4.48 14.19
CA TYR B 240 32.96 5.59 14.98
C TYR B 240 31.95 5.13 16.03
N PHE B 241 31.23 4.06 15.72
CA PHE B 241 30.26 3.46 16.63
C PHE B 241 30.51 1.96 16.81
N PRO B 242 31.46 1.60 17.70
CA PRO B 242 31.84 0.19 17.92
C PRO B 242 30.73 -0.69 18.50
N GLU B 243 29.70 -0.08 19.09
CA GLU B 243 28.58 -0.83 19.66
C GLU B 243 27.54 -1.22 18.60
N MET B 244 27.70 -0.69 17.39
CA MET B 244 26.78 -0.98 16.29
C MET B 244 26.93 -2.41 15.77
N GLN B 245 25.81 -3.11 15.68
CA GLN B 245 25.77 -4.45 15.09
C GLN B 245 25.14 -4.38 13.70
N ILE B 246 25.86 -4.89 12.71
CA ILE B 246 25.31 -5.02 11.36
C ILE B 246 24.50 -6.32 11.33
N LEU B 247 23.18 -6.19 11.39
CA LEU B 247 22.30 -7.36 11.42
C LEU B 247 22.19 -8.03 10.04
N ALA B 248 22.00 -7.22 9.01
CA ALA B 248 21.90 -7.72 7.63
C ALA B 248 22.25 -6.62 6.65
N VAL B 249 23.07 -6.95 5.65
CA VAL B 249 23.44 -6.00 4.59
C VAL B 249 22.21 -5.57 3.78
N SER B 250 21.18 -6.42 3.77
CA SER B 250 19.87 -6.04 3.28
C SER B 250 18.83 -6.23 4.37
N GLY B 251 18.26 -5.12 4.82
CA GLY B 251 17.17 -5.14 5.79
C GLY B 251 15.83 -4.86 5.14
N ASN B 252 15.73 -5.14 3.85
CA ASN B 252 14.52 -4.91 3.04
C ASN B 252 14.13 -3.43 2.88
N TYR B 253 15.08 -2.53 3.13
CA TYR B 253 14.84 -1.11 3.01
C TYR B 253 15.32 -0.56 1.66
N CYS B 254 15.81 -1.46 0.81
CA CYS B 254 16.36 -1.10 -0.51
C CYS B 254 15.33 -0.44 -1.43
N THR B 255 14.22 -1.10 -1.79
CA THR B 255 13.89 -2.49 -1.47
C THR B 255 14.02 -3.31 -2.74
N ASP B 256 14.64 -4.49 -2.64
CA ASP B 256 14.93 -5.31 -3.79
C ASP B 256 13.95 -6.48 -3.93
N LYS B 257 13.27 -6.54 -5.06
CA LYS B 257 12.44 -7.68 -5.47
C LYS B 257 11.19 -7.93 -4.59
N LYS B 258 10.81 -6.92 -3.81
CA LYS B 258 9.55 -6.94 -3.08
C LYS B 258 8.84 -5.61 -3.32
N PRO B 259 7.49 -5.63 -3.37
CA PRO B 259 6.77 -4.36 -3.52
C PRO B 259 7.05 -3.45 -2.32
N ALA B 260 7.32 -2.17 -2.57
CA ALA B 260 7.60 -1.23 -1.49
C ALA B 260 7.33 0.21 -1.90
N ALA B 261 6.57 0.92 -1.06
CA ALA B 261 6.26 2.32 -1.28
C ALA B 261 7.50 3.19 -1.38
N ILE B 262 8.57 2.80 -0.70
CA ILE B 262 9.83 3.54 -0.73
C ILE B 262 10.42 3.65 -2.15
N ASN B 263 10.30 2.58 -2.93
CA ASN B 263 10.74 2.59 -4.33
C ASN B 263 9.86 3.50 -5.18
N TRP B 264 8.57 3.50 -4.90
CA TRP B 264 7.59 4.33 -5.60
C TRP B 264 7.83 5.82 -5.35
N ILE B 265 8.11 6.16 -4.09
CA ILE B 265 8.24 7.56 -3.66
C ILE B 265 9.66 8.12 -3.87
N GLU B 266 10.67 7.35 -3.48
CA GLU B 266 12.06 7.80 -3.57
C GLU B 266 12.73 7.43 -4.90
N GLY B 267 12.19 6.42 -5.58
CA GLY B 267 12.81 5.88 -6.78
C GLY B 267 13.85 4.82 -6.47
N ARG B 268 14.11 3.95 -7.44
CA ARG B 268 15.19 2.96 -7.36
C ARG B 268 15.69 2.63 -8.76
N GLY B 269 17.00 2.69 -8.95
CA GLY B 269 17.57 2.56 -10.28
C GLY B 269 17.23 3.80 -11.08
N LYS B 270 16.58 3.61 -12.24
CA LYS B 270 16.24 4.70 -13.14
C LYS B 270 14.79 5.15 -12.97
N SER B 271 14.60 6.45 -12.77
CA SER B 271 13.27 7.05 -12.78
C SER B 271 13.04 7.69 -14.15
N VAL B 272 11.98 7.27 -14.83
CA VAL B 272 11.75 7.66 -16.22
C VAL B 272 10.32 8.15 -16.46
N VAL B 273 10.18 9.12 -17.36
CA VAL B 273 8.87 9.55 -17.84
C VAL B 273 8.86 9.56 -19.36
N CYS B 274 7.73 9.18 -19.96
CA CYS B 274 7.57 9.17 -21.40
C CYS B 274 6.20 9.71 -21.78
N GLU B 275 6.11 10.34 -22.95
CA GLU B 275 4.86 10.95 -23.39
C GLU B 275 4.72 10.94 -24.92
N ALA B 276 3.47 11.05 -25.38
CA ALA B 276 3.14 11.18 -26.79
C ALA B 276 1.74 11.76 -26.96
N VAL B 277 1.49 12.36 -28.12
CA VAL B 277 0.15 12.80 -28.50
C VAL B 277 -0.29 12.01 -29.73
N ILE B 278 -1.41 11.31 -29.60
CA ILE B 278 -1.95 10.50 -30.69
C ILE B 278 -3.13 11.23 -31.32
N PRO B 279 -3.02 11.56 -32.63
CA PRO B 279 -4.09 12.25 -33.35
C PRO B 279 -5.40 11.46 -33.33
N ALA B 280 -6.51 12.17 -33.28
CA ALA B 280 -7.86 11.57 -33.23
C ALA B 280 -8.08 10.54 -34.34
N LYS B 281 -7.57 10.85 -35.53
CA LYS B 281 -7.63 9.96 -36.70
C LYS B 281 -6.93 8.64 -36.42
N VAL B 282 -5.74 8.72 -35.81
CA VAL B 282 -4.93 7.54 -35.51
C VAL B 282 -5.56 6.69 -34.40
N VAL B 283 -6.14 7.34 -33.39
CA VAL B 283 -6.88 6.64 -32.34
C VAL B 283 -8.05 5.85 -32.92
N ARG B 284 -8.71 6.46 -33.92
CA ARG B 284 -9.87 5.86 -34.57
C ARG B 284 -9.48 4.69 -35.48
N GLU B 285 -8.48 4.91 -36.33
CA GLU B 285 -8.09 3.96 -37.37
C GLU B 285 -7.21 2.82 -36.87
N VAL B 286 -6.17 3.16 -36.10
CA VAL B 286 -5.21 2.16 -35.62
C VAL B 286 -5.71 1.46 -34.35
N LEU B 287 -6.19 2.25 -33.39
CA LEU B 287 -6.58 1.73 -32.07
C LEU B 287 -8.05 1.33 -31.97
N LYS B 288 -8.83 1.63 -33.02
CA LYS B 288 -10.24 1.21 -33.13
C LYS B 288 -11.14 1.69 -31.99
N THR B 289 -10.87 2.91 -31.52
CA THR B 289 -11.62 3.50 -30.39
C THR B 289 -11.65 5.03 -30.52
N THR B 290 -12.02 5.72 -29.44
CA THR B 290 -12.01 7.18 -29.42
C THR B 290 -11.16 7.70 -28.26
N THR B 291 -10.69 8.93 -28.39
CA THR B 291 -9.96 9.61 -27.32
C THR B 291 -10.79 9.68 -26.04
N GLU B 292 -12.07 10.04 -26.18
CA GLU B 292 -12.99 10.12 -25.05
C GLU B 292 -13.12 8.79 -24.31
N ALA B 293 -13.24 7.69 -25.06
CA ALA B 293 -13.36 6.36 -24.49
C ALA B 293 -12.08 5.94 -23.75
N MET B 294 -10.94 6.27 -24.33
CA MET B 294 -9.63 5.96 -23.74
C MET B 294 -9.42 6.64 -22.39
N ILE B 295 -9.72 7.94 -22.33
CA ILE B 295 -9.59 8.73 -21.11
C ILE B 295 -10.50 8.17 -20.01
N GLU B 296 -11.75 7.88 -20.37
CA GLU B 296 -12.74 7.37 -19.43
C GLU B 296 -12.31 6.03 -18.83
N VAL B 297 -11.82 5.13 -19.67
CA VAL B 297 -11.29 3.85 -19.21
C VAL B 297 -10.03 4.05 -18.36
N ASN B 298 -9.14 4.95 -18.78
CA ASN B 298 -7.92 5.21 -18.01
C ASN B 298 -8.19 5.72 -16.60
N ILE B 299 -9.09 6.70 -16.46
CA ILE B 299 -9.44 7.24 -15.16
C ILE B 299 -10.04 6.16 -14.26
N ASN B 300 -11.00 5.41 -14.79
CA ASN B 300 -11.78 4.48 -13.97
C ASN B 300 -11.14 3.11 -13.77
N LYS B 301 -10.18 2.76 -14.61
CA LYS B 301 -9.42 1.51 -14.46
C LYS B 301 -8.08 1.77 -13.78
N ASN B 302 -7.24 2.58 -14.40
CA ASN B 302 -5.86 2.79 -13.94
C ASN B 302 -5.72 3.67 -12.71
N LEU B 303 -6.69 4.56 -12.48
CA LEU B 303 -6.68 5.39 -11.28
C LEU B 303 -7.67 4.88 -10.24
N VAL B 304 -8.96 4.99 -10.52
CA VAL B 304 -10.00 4.59 -9.56
C VAL B 304 -9.96 3.09 -9.26
N GLY B 305 -9.83 2.27 -10.30
CA GLY B 305 -9.78 0.82 -10.15
C GLY B 305 -8.63 0.34 -9.28
N SER B 306 -7.42 0.82 -9.60
CA SER B 306 -6.22 0.50 -8.81
C SER B 306 -6.34 1.00 -7.38
N ALA B 307 -6.97 2.17 -7.22
CA ALA B 307 -7.26 2.73 -5.89
C ALA B 307 -8.18 1.83 -5.08
N MET B 308 -9.24 1.33 -5.72
CA MET B 308 -10.19 0.44 -5.05
C MET B 308 -9.54 -0.89 -4.67
N ALA B 309 -8.57 -1.32 -5.47
CA ALA B 309 -7.82 -2.56 -5.24
C ALA B 309 -6.74 -2.43 -4.16
N GLY B 310 -6.48 -1.20 -3.73
CA GLY B 310 -5.45 -0.92 -2.73
C GLY B 310 -4.05 -1.10 -3.29
N SER B 311 -3.81 -0.48 -4.45
CA SER B 311 -2.52 -0.57 -5.13
C SER B 311 -1.57 0.54 -4.70
N ILE B 312 -0.31 0.17 -4.53
CA ILE B 312 0.79 1.13 -4.42
C ILE B 312 1.68 0.94 -5.64
N GLY B 313 1.63 1.89 -6.57
CA GLY B 313 2.48 1.87 -7.76
C GLY B 313 1.94 1.14 -8.97
N GLY B 314 0.77 0.54 -8.85
CA GLY B 314 0.18 -0.24 -9.94
C GLY B 314 -0.93 0.50 -10.66
N TYR B 315 -0.65 1.74 -11.05
CA TYR B 315 -1.64 2.60 -11.71
C TYR B 315 -1.49 2.53 -13.22
N ASN B 316 -1.57 1.32 -13.75
CA ASN B 316 -1.33 1.04 -15.16
C ASN B 316 -2.08 -0.22 -15.59
N ALA B 317 -2.11 -0.47 -16.89
CA ALA B 317 -2.82 -1.63 -17.43
C ALA B 317 -1.98 -2.90 -17.38
N HIS B 318 -0.82 -2.89 -18.05
CA HIS B 318 0.05 -4.08 -18.08
C HIS B 318 1.53 -3.77 -18.33
N ALA B 319 2.05 -2.75 -17.63
CA ALA B 319 3.47 -2.41 -17.70
C ALA B 319 4.35 -3.66 -17.47
N ALA B 320 3.95 -4.49 -16.52
CA ALA B 320 4.66 -5.73 -16.19
C ALA B 320 4.87 -6.66 -17.39
N ASN B 321 3.90 -6.74 -18.28
CA ASN B 321 4.02 -7.55 -19.50
C ASN B 321 5.20 -7.11 -20.38
N ILE B 322 5.31 -5.81 -20.58
CA ILE B 322 6.36 -5.23 -21.42
C ILE B 322 7.72 -5.29 -20.74
N VAL B 323 7.77 -4.88 -19.47
CA VAL B 323 9.00 -4.96 -18.67
C VAL B 323 9.56 -6.39 -18.68
N THR B 324 8.73 -7.37 -18.35
CA THR B 324 9.16 -8.77 -18.29
C THR B 324 9.70 -9.27 -19.63
N ALA B 325 9.00 -8.97 -20.72
CA ALA B 325 9.38 -9.43 -22.06
C ALA B 325 10.72 -8.86 -22.52
N ILE B 326 10.94 -7.57 -22.26
CA ILE B 326 12.21 -6.92 -22.59
C ILE B 326 13.33 -7.43 -21.68
N TYR B 327 13.03 -7.57 -20.40
CA TYR B 327 14.01 -8.03 -19.41
C TYR B 327 14.58 -9.41 -19.73
N ILE B 328 13.71 -10.36 -20.10
CA ILE B 328 14.13 -11.71 -20.45
C ILE B 328 14.96 -11.70 -21.75
N ALA B 329 14.50 -10.94 -22.74
CA ALA B 329 15.19 -10.83 -24.03
C ALA B 329 16.58 -10.18 -23.91
N CYS B 330 16.72 -9.24 -22.98
CA CYS B 330 17.94 -8.43 -22.87
C CYS B 330 18.85 -8.80 -21.70
N GLY B 331 18.62 -9.97 -21.10
CA GLY B 331 19.49 -10.48 -20.03
C GLY B 331 19.42 -9.75 -18.71
N GLN B 332 18.27 -9.14 -18.43
CA GLN B 332 18.05 -8.46 -17.16
C GLN B 332 17.62 -9.46 -16.09
N ASP B 333 17.55 -8.99 -14.85
CA ASP B 333 17.06 -9.79 -13.74
C ASP B 333 15.54 -9.71 -13.76
N ALA B 334 14.90 -10.74 -14.29
CA ALA B 334 13.45 -10.74 -14.50
C ALA B 334 12.65 -10.68 -13.19
N ALA B 335 13.27 -11.12 -12.09
CA ALA B 335 12.65 -11.03 -10.77
C ALA B 335 12.46 -9.59 -10.31
N GLN B 336 13.25 -8.68 -10.90
CA GLN B 336 13.15 -7.26 -10.57
C GLN B 336 12.00 -6.54 -11.26
N ASN B 337 11.19 -7.27 -12.03
CA ASN B 337 9.99 -6.68 -12.61
C ASN B 337 8.96 -6.33 -11.54
N VAL B 338 9.12 -6.91 -10.35
CA VAL B 338 8.26 -6.60 -9.20
C VAL B 338 8.21 -5.08 -8.98
N GLY B 339 9.39 -4.47 -8.86
CA GLY B 339 9.50 -3.03 -8.69
C GLY B 339 9.69 -2.25 -9.98
N SER B 340 10.34 -2.88 -10.96
CA SER B 340 10.62 -2.21 -12.24
C SER B 340 9.36 -1.89 -13.04
N SER B 341 8.29 -2.63 -12.78
CA SER B 341 7.01 -2.43 -13.47
C SER B 341 6.14 -1.33 -12.85
N ASN B 342 6.58 -0.74 -11.73
CA ASN B 342 5.88 0.40 -11.13
C ASN B 342 5.61 1.46 -12.20
N CYS B 343 4.35 1.86 -12.34
CA CYS B 343 3.96 2.75 -13.43
C CYS B 343 2.63 3.43 -13.16
N ILE B 344 2.57 4.73 -13.44
CA ILE B 344 1.30 5.45 -13.51
C ILE B 344 1.08 5.95 -14.94
N THR B 345 -0.03 5.50 -15.52
CA THR B 345 -0.41 5.87 -16.88
C THR B 345 -1.50 6.94 -16.82
N LEU B 346 -1.24 8.07 -17.47
CA LEU B 346 -2.18 9.19 -17.48
C LEU B 346 -2.61 9.53 -18.89
N MET B 347 -3.89 9.86 -19.04
CA MET B 347 -4.46 10.23 -20.34
C MET B 347 -5.38 11.43 -20.22
N GLU B 348 -5.26 12.34 -21.18
CA GLU B 348 -6.16 13.51 -21.26
C GLU B 348 -6.36 13.98 -22.69
N ALA B 349 -7.41 14.77 -22.90
CA ALA B 349 -7.70 15.35 -24.22
C ALA B 349 -6.70 16.44 -24.56
N SER B 350 -6.29 16.48 -25.82
CA SER B 350 -5.23 17.39 -26.27
C SER B 350 -5.52 17.93 -27.67
N GLY B 351 -4.77 18.94 -28.08
CA GLY B 351 -4.89 19.51 -29.42
C GLY B 351 -5.91 20.63 -29.52
N PRO B 352 -5.90 21.37 -30.65
CA PRO B 352 -6.77 22.52 -30.86
C PRO B 352 -8.27 22.20 -30.85
N THR B 353 -8.62 20.97 -31.23
CA THR B 353 -10.01 20.53 -31.21
C THR B 353 -10.37 19.74 -29.95
N ASN B 354 -9.37 19.56 -29.07
CA ASN B 354 -9.52 18.78 -27.83
C ASN B 354 -9.94 17.33 -28.09
N GLU B 355 -9.52 16.80 -29.23
CA GLU B 355 -9.93 15.46 -29.68
C GLU B 355 -8.75 14.49 -29.79
N ASP B 356 -7.54 15.00 -29.67
CA ASP B 356 -6.34 14.18 -29.71
C ASP B 356 -6.04 13.62 -28.32
N LEU B 357 -5.30 12.50 -28.27
CA LEU B 357 -5.05 11.81 -27.02
C LEU B 357 -3.62 12.03 -26.51
N TYR B 358 -3.50 12.74 -25.39
CA TYR B 358 -2.22 12.85 -24.70
C TYR B 358 -2.08 11.68 -23.73
N ILE B 359 -0.96 10.99 -23.81
CA ILE B 359 -0.64 9.90 -22.89
C ILE B 359 0.75 10.09 -22.29
N SER B 360 0.87 9.79 -21.00
CA SER B 360 2.16 9.75 -20.33
C SER B 360 2.27 8.51 -19.47
N CYS B 361 3.49 7.98 -19.38
CA CYS B 361 3.81 6.90 -18.46
C CYS B 361 5.00 7.32 -17.60
N THR B 362 4.84 7.18 -16.29
CA THR B 362 5.90 7.52 -15.35
C THR B 362 6.30 6.28 -14.56
N MET B 363 7.57 5.92 -14.66
CA MET B 363 8.11 4.71 -14.04
C MET B 363 9.30 5.08 -13.17
N PRO B 364 9.08 5.20 -11.86
CA PRO B 364 10.12 5.75 -10.97
C PRO B 364 11.19 4.75 -10.54
N SER B 365 11.03 3.46 -10.87
CA SER B 365 11.92 2.45 -10.32
C SER B 365 12.34 1.34 -11.30
N ILE B 366 12.79 1.75 -12.48
CA ILE B 366 13.31 0.80 -13.46
C ILE B 366 14.73 0.35 -13.08
N GLU B 367 14.85 -0.92 -12.72
CA GLU B 367 16.12 -1.52 -12.32
C GLU B 367 16.72 -2.25 -13.51
N ILE B 368 17.76 -1.67 -14.10
CA ILE B 368 18.24 -2.08 -15.42
C ILE B 368 19.75 -1.90 -15.60
N GLY B 369 20.34 -2.70 -16.50
CA GLY B 369 21.77 -2.63 -16.81
C GLY B 369 22.11 -3.18 -18.18
N THR B 370 23.26 -2.80 -18.70
CA THR B 370 23.74 -3.27 -20.01
C THR B 370 25.08 -3.99 -19.92
N VAL B 371 25.64 -4.05 -18.71
CA VAL B 371 26.82 -4.88 -18.40
C VAL B 371 26.57 -5.73 -17.15
N GLY B 372 27.20 -6.90 -17.09
CA GLY B 372 27.07 -7.79 -15.95
C GLY B 372 25.85 -8.69 -16.01
N GLY B 373 25.84 -9.73 -15.17
CA GLY B 373 24.74 -10.69 -15.11
C GLY B 373 24.46 -11.37 -16.43
N GLY B 374 23.17 -11.46 -16.77
CA GLY B 374 22.74 -12.12 -18.01
C GLY B 374 23.11 -11.39 -19.28
N THR B 375 23.51 -10.13 -19.16
CA THR B 375 23.92 -9.33 -20.31
C THR B 375 25.33 -9.70 -20.79
N ASN B 376 25.99 -10.59 -20.05
CA ASN B 376 27.31 -11.10 -20.44
C ASN B 376 27.22 -12.24 -21.46
N LEU B 377 26.01 -12.75 -21.66
CA LEU B 377 25.77 -13.85 -22.59
C LEU B 377 25.47 -13.34 -24.00
N LEU B 378 25.96 -14.06 -25.00
CA LEU B 378 25.90 -13.62 -26.40
C LEU B 378 24.48 -13.47 -27.00
N PRO B 379 23.59 -14.46 -26.79
CA PRO B 379 22.22 -14.27 -27.28
C PRO B 379 21.54 -13.03 -26.69
N GLN B 380 21.71 -12.82 -25.39
CA GLN B 380 21.18 -11.64 -24.71
C GLN B 380 21.79 -10.35 -25.25
N GLN B 381 23.09 -10.42 -25.57
CA GLN B 381 23.81 -9.29 -26.17
C GLN B 381 23.30 -8.95 -27.57
N ALA B 382 22.82 -9.96 -28.29
CA ALA B 382 22.24 -9.77 -29.62
C ALA B 382 21.03 -8.85 -29.57
N CYS B 383 20.19 -9.04 -28.56
CA CYS B 383 19.00 -8.22 -28.34
C CYS B 383 19.37 -6.82 -27.86
N LEU B 384 20.43 -6.72 -27.07
CA LEU B 384 20.96 -5.42 -26.63
C LEU B 384 21.56 -4.65 -27.80
N GLN B 385 22.20 -5.37 -28.72
CA GLN B 385 22.78 -4.78 -29.93
C GLN B 385 21.70 -4.24 -30.87
N MET B 386 20.56 -4.93 -30.92
CA MET B 386 19.39 -4.47 -31.68
C MET B 386 19.03 -3.04 -31.32
N LEU B 387 19.03 -2.73 -30.03
CA LEU B 387 18.65 -1.42 -29.52
C LEU B 387 19.84 -0.46 -29.45
N GLY B 388 21.04 -0.98 -29.74
CA GLY B 388 22.27 -0.19 -29.74
C GLY B 388 22.75 0.19 -28.35
N VAL B 389 22.45 -0.66 -27.37
CA VAL B 389 22.76 -0.37 -25.97
C VAL B 389 23.70 -1.38 -25.32
N GLN B 390 24.24 -2.31 -26.11
CA GLN B 390 25.09 -3.37 -25.58
C GLN B 390 26.37 -2.84 -24.96
N GLY B 391 26.68 -3.32 -23.75
CA GLY B 391 27.92 -2.99 -23.07
C GLY B 391 27.95 -1.65 -22.38
N ALA B 392 29.13 -1.26 -21.93
CA ALA B 392 29.32 -0.01 -21.21
C ALA B 392 29.72 1.12 -22.16
N CYS B 393 29.09 2.28 -22.00
CA CYS B 393 29.41 3.46 -22.80
C CYS B 393 30.65 4.15 -22.24
N LYS B 394 31.72 4.15 -23.02
CA LYS B 394 33.01 4.72 -22.61
C LYS B 394 32.95 6.24 -22.49
N ASP B 395 32.38 6.89 -23.51
CA ASP B 395 32.30 8.35 -23.58
C ASP B 395 31.40 8.95 -22.50
N ASN B 396 30.32 8.24 -22.18
CA ASN B 396 29.35 8.69 -21.18
C ASN B 396 28.82 7.52 -20.35
N PRO B 397 29.52 7.18 -19.25
CA PRO B 397 29.14 6.06 -18.37
C PRO B 397 27.69 6.15 -17.92
N GLY B 398 26.92 5.10 -18.20
CA GLY B 398 25.50 5.05 -17.84
C GLY B 398 24.55 5.30 -19.00
N GLU B 399 25.07 5.86 -20.09
CA GLU B 399 24.25 6.25 -21.24
C GLU B 399 23.47 5.09 -21.88
N ASN B 400 24.11 3.93 -21.99
CA ASN B 400 23.47 2.75 -22.56
C ASN B 400 22.35 2.22 -21.66
N ALA B 401 22.61 2.17 -20.36
CA ALA B 401 21.62 1.74 -19.38
C ALA B 401 20.44 2.71 -19.28
N ARG B 402 20.73 4.01 -19.34
CA ARG B 402 19.70 5.05 -19.34
C ARG B 402 18.86 4.99 -20.61
N GLN B 403 19.50 4.75 -21.74
CA GLN B 403 18.81 4.61 -23.02
C GLN B 403 17.86 3.40 -23.01
N LEU B 404 18.33 2.29 -22.46
CA LEU B 404 17.51 1.09 -22.35
C LEU B 404 16.29 1.32 -21.45
N ALA B 405 16.49 2.07 -20.37
CA ALA B 405 15.40 2.45 -19.46
C ALA B 405 14.35 3.31 -20.17
N ARG B 406 14.81 4.21 -21.04
CA ARG B 406 13.91 5.04 -21.84
C ARG B 406 13.11 4.20 -22.84
N ILE B 407 13.78 3.22 -23.45
CA ILE B 407 13.14 2.28 -24.38
C ILE B 407 12.05 1.47 -23.68
N VAL B 408 12.36 0.97 -22.48
CA VAL B 408 11.38 0.23 -21.67
C VAL B 408 10.14 1.08 -21.39
N CYS B 409 10.35 2.30 -20.91
CA CYS B 409 9.24 3.21 -20.60
C CYS B 409 8.41 3.54 -21.84
N GLY B 410 9.09 3.76 -22.97
CA GLY B 410 8.43 4.03 -24.24
C GLY B 410 7.61 2.85 -24.73
N THR B 411 8.17 1.66 -24.62
CA THR B 411 7.49 0.42 -25.05
C THR B 411 6.31 0.10 -24.11
N VAL B 412 6.47 0.39 -22.82
CA VAL B 412 5.38 0.28 -21.86
C VAL B 412 4.21 1.16 -22.33
N MET B 413 4.50 2.40 -22.70
CA MET B 413 3.48 3.32 -23.19
C MET B 413 2.78 2.81 -24.44
N ALA B 414 3.54 2.21 -25.35
CA ALA B 414 2.98 1.54 -26.53
C ALA B 414 2.04 0.41 -26.12
N GLY B 415 2.48 -0.40 -25.16
CA GLY B 415 1.66 -1.47 -24.60
C GLY B 415 0.39 -0.94 -23.95
N GLU B 416 0.52 0.16 -23.21
CA GLU B 416 -0.62 0.80 -22.55
C GLU B 416 -1.66 1.27 -23.56
N LEU B 417 -1.20 1.93 -24.63
CA LEU B 417 -2.10 2.41 -25.68
C LEU B 417 -2.94 1.31 -26.31
N SER B 418 -2.29 0.20 -26.66
CA SER B 418 -2.96 -0.89 -27.38
C SER B 418 -3.94 -1.68 -26.50
N LEU B 419 -3.53 -2.03 -25.28
CA LEU B 419 -4.40 -2.77 -24.38
C LEU B 419 -5.59 -1.93 -23.92
N MET B 420 -5.34 -0.67 -23.58
CA MET B 420 -6.42 0.23 -23.15
C MET B 420 -7.44 0.44 -24.27
N ALA B 421 -6.96 0.50 -25.51
CA ALA B 421 -7.82 0.57 -26.68
C ALA B 421 -8.68 -0.68 -26.83
N ALA B 422 -8.07 -1.85 -26.65
CA ALA B 422 -8.76 -3.14 -26.70
C ALA B 422 -9.85 -3.23 -25.63
N LEU B 423 -9.56 -2.69 -24.45
CA LEU B 423 -10.52 -2.70 -23.35
C LEU B 423 -11.65 -1.69 -23.55
N ALA B 424 -11.30 -0.52 -24.08
CA ALA B 424 -12.27 0.54 -24.36
C ALA B 424 -13.24 0.14 -25.46
N ALA B 425 -12.72 -0.50 -26.51
CA ALA B 425 -13.53 -0.95 -27.65
C ALA B 425 -14.41 -2.14 -27.29
N GLY B 426 -13.92 -3.00 -26.40
CA GLY B 426 -14.67 -4.17 -25.94
C GLY B 426 -14.83 -5.24 -26.99
N PRO C 10 -42.56 45.63 16.99
CA PRO C 10 -42.08 46.67 16.09
C PRO C 10 -41.39 46.09 14.86
N ASN C 11 -41.59 46.72 13.71
CA ASN C 11 -40.99 46.28 12.45
C ASN C 11 -40.08 47.35 11.82
N GLU C 12 -40.60 48.57 11.70
CA GLU C 12 -39.86 49.68 11.11
C GLU C 12 -38.98 50.40 12.12
N GLU C 13 -39.39 50.34 13.39
CA GLU C 13 -38.67 51.02 14.48
C GLU C 13 -37.36 50.31 14.82
N CYS C 14 -37.30 49.00 14.60
CA CYS C 14 -36.13 48.18 14.91
C CYS C 14 -34.91 48.53 14.04
N LEU C 15 -35.17 48.96 12.81
CA LEU C 15 -34.10 49.34 11.89
C LEU C 15 -33.45 50.68 12.26
N GLN C 16 -34.24 51.55 12.91
CA GLN C 16 -33.76 52.87 13.32
C GLN C 16 -32.85 52.81 14.55
N ILE C 17 -33.20 51.95 15.50
CA ILE C 17 -32.43 51.78 16.73
C ILE C 17 -31.10 51.07 16.47
N LEU C 18 -31.11 50.16 15.50
CA LEU C 18 -29.92 49.40 15.10
C LEU C 18 -28.85 50.30 14.48
N GLY C 19 -29.31 51.36 13.81
CA GLY C 19 -28.40 52.33 13.17
C GLY C 19 -27.64 53.21 14.16
N ASN C 20 -28.19 53.36 15.36
CA ASN C 20 -27.56 54.16 16.41
C ASN C 20 -26.33 53.48 17.00
N GLY C 24 -27.83 51.03 20.46
CA GLY C 24 -27.50 50.11 19.39
C GLY C 24 -28.38 48.87 19.38
N ALA C 25 -27.77 47.72 19.60
CA ALA C 25 -28.48 46.44 19.62
C ALA C 25 -28.93 46.05 21.02
N LYS C 26 -28.42 46.75 22.03
CA LYS C 26 -28.75 46.49 23.43
C LYS C 26 -30.21 46.84 23.77
N PHE C 27 -30.72 47.89 23.12
CA PHE C 27 -32.09 48.34 23.33
C PHE C 27 -33.12 47.43 22.67
N LEU C 28 -32.69 46.70 21.65
CA LEU C 28 -33.54 45.74 20.94
C LEU C 28 -33.61 44.41 21.69
N SER C 29 -34.79 43.79 21.69
CA SER C 29 -34.99 42.50 22.36
C SER C 29 -34.59 41.34 21.45
N ASP C 30 -34.58 40.14 22.01
CA ASP C 30 -34.21 38.92 21.27
C ASP C 30 -35.19 38.58 20.15
N ALA C 31 -36.48 38.74 20.43
CA ALA C 31 -37.54 38.41 19.47
C ALA C 31 -37.57 39.38 18.27
N GLU C 32 -37.11 40.61 18.49
CA GLU C 32 -37.07 41.63 17.45
C GLU C 32 -35.97 41.37 16.41
N ILE C 33 -34.84 40.82 16.86
CA ILE C 33 -33.73 40.47 15.98
C ILE C 33 -34.07 39.24 15.14
N ILE C 34 -34.80 38.30 15.75
CA ILE C 34 -35.27 37.09 15.06
C ILE C 34 -36.30 37.44 13.98
N GLN C 35 -37.10 38.49 14.23
CA GLN C 35 -38.11 38.96 13.29
C GLN C 35 -37.51 39.42 11.96
N LEU C 36 -36.35 40.08 12.03
CA LEU C 36 -35.64 40.54 10.83
C LEU C 36 -35.04 39.38 10.04
N VAL C 37 -34.47 38.40 10.74
CA VAL C 37 -33.86 37.23 10.11
C VAL C 37 -34.81 36.03 10.20
N GLU C 48 -23.07 38.72 14.03
CA GLU C 48 -21.77 38.54 14.66
C GLU C 48 -21.23 39.86 15.22
N THR C 49 -21.13 40.86 14.35
CA THR C 49 -20.63 42.17 14.73
C THR C 49 -21.76 43.13 15.14
N LEU C 50 -22.98 42.81 14.71
CA LEU C 50 -24.16 43.63 15.01
C LEU C 50 -24.54 43.62 16.49
N ILE C 51 -24.44 42.44 17.11
CA ILE C 51 -24.80 42.25 18.51
C ILE C 51 -23.62 42.60 19.43
N GLU C 52 -23.92 43.17 20.60
CA GLU C 52 -22.91 43.68 21.54
C GLU C 52 -22.01 42.57 22.08
N THR C 53 -22.60 41.68 22.89
CA THR C 53 -21.86 40.59 23.53
C THR C 53 -21.86 39.33 22.67
N HIS C 54 -20.81 38.51 22.82
CA HIS C 54 -20.65 37.28 22.06
C HIS C 54 -21.68 36.21 22.42
N GLU C 55 -21.97 36.10 23.73
CA GLU C 55 -22.91 35.09 24.23
C GLU C 55 -24.35 35.32 23.75
N ARG C 56 -24.74 36.59 23.63
CA ARG C 56 -26.06 36.95 23.11
C ARG C 56 -26.20 36.54 21.64
N GLY C 57 -25.12 36.72 20.88
CA GLY C 57 -25.06 36.28 19.48
C GLY C 57 -25.28 34.78 19.35
N VAL C 58 -24.65 34.02 20.24
CA VAL C 58 -24.83 32.56 20.31
C VAL C 58 -26.28 32.22 20.66
N SER C 59 -26.84 32.96 21.61
CA SER C 59 -28.22 32.75 22.08
C SER C 59 -29.25 32.95 20.96
N ILE C 60 -29.13 34.05 20.22
CA ILE C 60 -30.03 34.33 19.08
C ILE C 60 -29.87 33.27 17.97
N ARG C 61 -28.62 32.87 17.70
CA ARG C 61 -28.36 31.84 16.70
C ARG C 61 -28.99 30.50 17.10
N ARG C 62 -28.92 30.18 18.40
CA ARG C 62 -29.54 28.98 18.94
C ARG C 62 -31.07 29.00 18.78
N GLN C 63 -31.67 30.16 19.04
CA GLN C 63 -33.11 30.33 18.92
C GLN C 63 -33.58 30.19 17.48
N LEU C 64 -32.81 30.75 16.55
CA LEU C 64 -33.07 30.62 15.11
C LEU C 64 -32.92 29.18 14.65
N LEU C 65 -31.93 28.48 15.20
CA LEU C 65 -31.68 27.08 14.87
C LEU C 65 -32.78 26.16 15.38
N SER C 66 -33.22 26.40 16.62
CA SER C 66 -34.22 25.54 17.28
C SER C 66 -35.51 25.40 16.47
N LYS C 67 -35.92 26.48 15.82
CA LYS C 67 -37.14 26.51 15.01
C LYS C 67 -37.00 25.76 13.69
N LYS C 68 -35.77 25.39 13.33
CA LYS C 68 -35.50 24.64 12.11
C LYS C 68 -35.43 23.13 12.37
N LEU C 69 -35.30 22.76 13.64
CA LEU C 69 -35.19 21.35 14.04
C LEU C 69 -36.57 20.75 14.29
N SER C 70 -36.69 19.44 14.05
CA SER C 70 -37.93 18.70 14.33
C SER C 70 -38.18 18.63 15.84
N GLU C 71 -37.09 18.62 16.61
CA GLU C 71 -37.14 18.68 18.07
C GLU C 71 -36.35 19.91 18.54
N PRO C 72 -37.03 21.07 18.70
CA PRO C 72 -36.40 22.29 19.20
C PRO C 72 -35.70 22.12 20.57
N SER C 73 -36.21 21.21 21.39
CA SER C 73 -35.62 20.94 22.71
C SER C 73 -34.30 20.17 22.63
N SER C 74 -33.81 19.93 21.41
CA SER C 74 -32.52 19.27 21.20
C SER C 74 -31.38 20.05 21.86
N LEU C 75 -31.45 21.38 21.77
CA LEU C 75 -30.38 22.25 22.25
C LEU C 75 -30.35 22.44 23.77
N GLN C 76 -31.36 21.90 24.46
CA GLN C 76 -31.52 22.06 25.91
C GLN C 76 -30.26 21.73 26.70
N TYR C 77 -29.66 20.57 26.41
CA TYR C 77 -28.49 20.11 27.15
C TYR C 77 -27.15 20.39 26.46
N LEU C 78 -27.20 21.11 25.35
CA LEU C 78 -26.00 21.65 24.73
C LEU C 78 -25.67 22.99 25.41
N PRO C 79 -24.59 23.02 26.21
CA PRO C 79 -24.28 24.22 26.99
C PRO C 79 -23.66 25.32 26.14
N TYR C 80 -23.84 26.57 26.58
CA TYR C 80 -23.30 27.72 25.85
C TYR C 80 -22.94 28.90 26.76
N ARG C 81 -23.62 29.01 27.89
CA ARG C 81 -23.47 30.15 28.80
C ARG C 81 -22.12 30.18 29.51
N ASP C 82 -21.61 31.39 29.71
CA ASP C 82 -20.39 31.67 30.50
C ASP C 82 -19.07 31.19 29.87
N TYR C 83 -19.13 30.72 28.64
CA TYR C 83 -17.93 30.32 27.92
C TYR C 83 -17.28 31.52 27.23
N ASN C 84 -15.96 31.56 27.24
CA ASN C 84 -15.19 32.65 26.65
C ASN C 84 -15.14 32.57 25.12
N TYR C 85 -16.12 33.20 24.48
CA TYR C 85 -16.22 33.18 23.02
C TYR C 85 -15.29 34.16 22.32
N SER C 86 -14.72 35.10 23.08
CA SER C 86 -13.88 36.16 22.53
C SER C 86 -12.66 35.66 21.75
N LEU C 87 -12.15 34.49 22.15
CA LEU C 87 -10.99 33.88 21.51
C LEU C 87 -11.37 32.89 20.41
N VAL C 88 -12.66 32.55 20.35
CA VAL C 88 -13.17 31.58 19.37
C VAL C 88 -13.64 32.28 18.09
N MET C 89 -14.39 33.38 18.25
CA MET C 89 -14.99 34.09 17.12
C MET C 89 -13.92 34.69 16.19
N GLY C 90 -14.07 34.40 14.90
CA GLY C 90 -13.14 34.85 13.87
C GLY C 90 -11.76 34.20 13.96
N ALA C 91 -11.69 33.05 14.63
CA ALA C 91 -10.41 32.38 14.85
C ALA C 91 -10.50 30.85 14.82
N CYS C 92 -11.46 30.28 15.55
CA CYS C 92 -11.52 28.83 15.76
C CYS C 92 -12.78 28.13 15.26
N CYS C 93 -13.91 28.85 15.25
CA CYS C 93 -15.19 28.24 14.87
C CYS C 93 -16.15 29.31 14.36
N GLU C 94 -17.05 28.90 13.46
CA GLU C 94 -18.09 29.78 12.93
C GLU C 94 -19.47 29.16 13.20
N ASN C 95 -20.51 29.98 13.09
CA ASN C 95 -21.89 29.56 13.36
C ASN C 95 -22.02 28.85 14.71
N VAL C 96 -21.39 29.43 15.74
CA VAL C 96 -21.26 28.82 17.05
C VAL C 96 -22.60 28.77 17.80
N ILE C 97 -22.96 27.57 18.26
CA ILE C 97 -24.20 27.35 19.00
C ILE C 97 -23.94 26.86 20.42
N GLY C 98 -22.67 26.80 20.81
CA GLY C 98 -22.28 26.38 22.15
C GLY C 98 -20.96 25.64 22.17
N TYR C 99 -20.79 24.78 23.18
CA TYR C 99 -19.58 23.99 23.33
C TYR C 99 -19.86 22.54 23.74
N MET C 100 -18.97 21.64 23.36
CA MET C 100 -19.07 20.24 23.71
C MET C 100 -18.07 19.88 24.81
N PRO C 101 -18.56 19.56 26.01
CA PRO C 101 -17.68 19.16 27.10
C PRO C 101 -17.17 17.73 26.93
N ILE C 102 -15.87 17.58 26.80
CA ILE C 102 -15.24 16.25 26.74
C ILE C 102 -14.54 16.01 28.08
N PRO C 103 -14.92 14.92 28.78
CA PRO C 103 -14.30 14.60 30.07
C PRO C 103 -12.78 14.51 29.97
N VAL C 104 -12.08 15.09 30.94
CA VAL C 104 -10.63 15.07 30.96
C VAL C 104 -10.12 14.28 32.16
N GLY C 105 -9.37 13.22 31.87
CA GLY C 105 -8.71 12.43 32.91
C GLY C 105 -7.21 12.64 32.87
N VAL C 106 -6.53 12.22 33.93
CA VAL C 106 -5.07 12.37 34.01
C VAL C 106 -4.37 11.02 34.16
N ALA C 107 -3.35 10.80 33.33
CA ALA C 107 -2.52 9.60 33.41
C ALA C 107 -1.10 10.00 33.78
N GLY C 108 -0.56 9.37 34.82
CA GLY C 108 0.80 9.64 35.25
C GLY C 108 1.10 9.26 36.69
N PRO C 109 2.32 9.59 37.18
CA PRO C 109 3.35 10.31 36.42
C PRO C 109 3.97 9.48 35.29
N LEU C 110 4.18 10.14 34.15
CA LEU C 110 4.94 9.57 33.05
C LEU C 110 6.40 9.98 33.23
N CYS C 111 7.23 9.01 33.59
CA CYS C 111 8.65 9.23 33.79
C CYS C 111 9.38 9.18 32.46
N LEU C 112 9.73 10.37 31.97
CA LEU C 112 10.28 10.54 30.63
C LEU C 112 11.44 11.52 30.64
N ASP C 113 12.60 11.06 30.17
CA ASP C 113 13.82 11.86 30.05
C ASP C 113 14.18 12.57 31.37
N GLU C 114 14.16 11.80 32.46
CA GLU C 114 14.49 12.27 33.82
C GLU C 114 13.48 13.28 34.40
N LYS C 115 12.34 13.43 33.73
CA LYS C 115 11.26 14.30 34.19
C LYS C 115 10.01 13.47 34.48
N GLU C 116 9.03 14.09 35.13
CA GLU C 116 7.75 13.43 35.41
C GLU C 116 6.59 14.29 34.92
N PHE C 117 5.73 13.70 34.08
CA PHE C 117 4.61 14.41 33.45
C PHE C 117 3.27 13.85 33.88
N GLN C 118 2.31 14.75 34.09
CA GLN C 118 0.93 14.38 34.36
C GLN C 118 0.12 14.67 33.10
N VAL C 119 -0.22 13.60 32.38
CA VAL C 119 -0.73 13.74 31.01
C VAL C 119 -2.27 13.84 30.98
N PRO C 120 -2.78 14.99 30.50
CA PRO C 120 -4.23 15.16 30.37
C PRO C 120 -4.77 14.44 29.13
N MET C 121 -5.90 13.77 29.29
CA MET C 121 -6.49 12.98 28.21
C MET C 121 -8.00 13.22 28.15
N ALA C 122 -8.44 13.80 27.04
CA ALA C 122 -9.87 14.07 26.82
C ALA C 122 -10.49 12.93 26.03
N THR C 123 -11.37 12.17 26.67
CA THR C 123 -11.97 10.98 26.06
C THR C 123 -13.33 10.63 26.66
N THR C 124 -14.10 9.85 25.91
CA THR C 124 -15.34 9.26 26.41
C THR C 124 -15.29 7.74 26.36
N GLU C 125 -14.10 7.17 26.11
CA GLU C 125 -13.92 5.72 26.11
C GLU C 125 -13.51 5.22 27.50
N GLY C 126 -14.39 4.44 28.10
CA GLY C 126 -14.11 3.83 29.40
C GLY C 126 -12.87 2.96 29.38
N CYS C 127 -12.10 3.04 30.47
CA CYS C 127 -10.86 2.28 30.67
C CYS C 127 -9.61 2.86 30.01
N LEU C 128 -9.77 3.79 29.07
CA LEU C 128 -8.63 4.34 28.33
C LEU C 128 -7.61 5.05 29.23
N VAL C 129 -8.09 6.00 30.04
CA VAL C 129 -7.23 6.76 30.95
C VAL C 129 -6.60 5.84 31.99
N ALA C 130 -7.42 4.99 32.62
CA ALA C 130 -6.97 4.04 33.63
C ALA C 130 -5.93 3.06 33.09
N SER C 131 -6.15 2.56 31.87
CA SER C 131 -5.20 1.63 31.24
C SER C 131 -3.89 2.33 30.94
N THR C 132 -3.96 3.53 30.35
CA THR C 132 -2.78 4.33 30.07
C THR C 132 -2.02 4.66 31.37
N ASN C 133 -2.78 4.91 32.43
CA ASN C 133 -2.22 5.15 33.77
C ASN C 133 -1.43 3.94 34.30
N ARG C 134 -1.93 2.75 34.02
CA ARG C 134 -1.22 1.51 34.39
C ARG C 134 0.09 1.36 33.62
N GLY C 135 0.06 1.70 32.33
CA GLY C 135 1.26 1.70 31.50
C GLY C 135 2.32 2.65 32.03
N CYS C 136 1.89 3.82 32.48
CA CYS C 136 2.78 4.80 33.11
C CYS C 136 3.45 4.22 34.36
N ARG C 137 2.64 3.56 35.19
CA ARG C 137 3.13 2.92 36.42
C ARG C 137 4.22 1.89 36.12
N ALA C 138 4.03 1.11 35.06
CA ALA C 138 5.01 0.11 34.64
C ALA C 138 6.33 0.76 34.25
N ILE C 139 6.26 1.84 33.47
CA ILE C 139 7.44 2.61 33.07
C ILE C 139 8.14 3.23 34.29
N GLY C 140 7.34 3.83 35.18
CA GLY C 140 7.85 4.52 36.36
C GLY C 140 8.61 3.64 37.33
N LEU C 141 8.15 2.40 37.50
CA LEU C 141 8.83 1.43 38.35
C LEU C 141 10.00 0.77 37.63
N GLY C 142 10.16 1.07 36.34
CA GLY C 142 11.20 0.48 35.52
C GLY C 142 12.38 1.38 35.16
N GLY C 143 12.57 2.44 35.93
CA GLY C 143 13.69 3.35 35.71
C GLY C 143 13.40 4.50 34.77
N GLY C 144 12.22 4.49 34.15
CA GLY C 144 11.77 5.58 33.29
C GLY C 144 12.02 5.38 31.80
N ALA C 145 11.39 6.25 31.01
CA ALA C 145 11.52 6.21 29.56
C ALA C 145 12.49 7.27 29.04
N SER C 146 13.02 7.03 27.84
CA SER C 146 13.87 7.99 27.17
C SER C 146 13.39 8.20 25.74
N SER C 147 13.40 9.44 25.28
CA SER C 147 12.91 9.79 23.95
C SER C 147 13.83 10.75 23.20
N ARG C 148 13.71 10.75 21.87
CA ARG C 148 14.48 11.63 21.01
C ARG C 148 13.62 12.12 19.84
N VAL C 149 13.71 13.42 19.54
CA VAL C 149 13.12 13.97 18.31
C VAL C 149 14.15 13.81 17.20
N LEU C 150 13.77 13.10 16.14
CA LEU C 150 14.68 12.74 15.06
C LEU C 150 14.65 13.72 13.90
N ALA C 151 13.47 14.32 13.68
CA ALA C 151 13.26 15.27 12.61
C ALA C 151 12.12 16.22 12.95
N ASP C 152 12.14 17.41 12.35
CA ASP C 152 11.10 18.40 12.55
C ASP C 152 10.88 19.21 11.28
N GLY C 153 9.65 19.19 10.78
CA GLY C 153 9.29 19.97 9.60
C GLY C 153 7.89 19.67 9.09
N MET C 154 7.03 20.69 9.16
CA MET C 154 5.69 20.62 8.57
C MET C 154 5.82 20.72 7.04
N THR C 155 4.86 20.13 6.33
CA THR C 155 4.94 20.05 4.87
C THR C 155 3.69 20.53 4.14
N ARG C 156 3.89 20.98 2.91
CA ARG C 156 2.81 21.30 1.98
C ARG C 156 3.22 20.77 0.61
N GLY C 157 2.32 20.04 -0.05
CA GLY C 157 2.65 19.39 -1.32
C GLY C 157 1.76 19.78 -2.48
N PRO C 158 1.96 20.99 -3.05
CA PRO C 158 1.18 21.44 -4.19
C PRO C 158 1.36 20.59 -5.45
N VAL C 159 0.37 20.67 -6.33
CA VAL C 159 0.49 20.11 -7.67
C VAL C 159 0.55 21.24 -8.69
N VAL C 160 1.60 21.21 -9.52
CA VAL C 160 1.72 22.14 -10.64
C VAL C 160 1.71 21.34 -11.95
N ARG C 161 1.34 22.01 -13.04
CA ARG C 161 1.28 21.38 -14.35
C ARG C 161 2.00 22.21 -15.39
N LEU C 162 2.69 21.52 -16.29
CA LEU C 162 3.38 22.16 -17.41
C LEU C 162 2.84 21.58 -18.72
N PRO C 163 3.13 22.25 -19.86
CA PRO C 163 2.61 21.77 -21.15
C PRO C 163 2.96 20.30 -21.46
N ARG C 164 4.18 19.89 -21.13
CA ARG C 164 4.65 18.53 -21.43
C ARG C 164 5.44 17.94 -20.27
N ALA C 165 5.61 16.61 -20.30
CA ALA C 165 6.42 15.90 -19.32
C ALA C 165 7.89 16.31 -19.37
N CYS C 166 8.39 16.62 -20.58
CA CYS C 166 9.76 17.12 -20.74
C CYS C 166 9.95 18.46 -20.04
N ASP C 167 8.87 19.26 -20.00
CA ASP C 167 8.87 20.56 -19.32
C ASP C 167 8.86 20.41 -17.81
N SER C 168 8.04 19.50 -17.29
CA SER C 168 8.00 19.21 -15.87
C SER C 168 9.32 18.61 -15.38
N ALA C 169 9.94 17.80 -16.24
CA ALA C 169 11.27 17.25 -16.00
C ALA C 169 12.31 18.36 -15.86
N GLU C 170 12.18 19.37 -16.71
CA GLU C 170 13.08 20.54 -16.69
C GLU C 170 12.97 21.30 -15.37
N VAL C 171 11.74 21.45 -14.87
CA VAL C 171 11.51 22.13 -13.59
C VAL C 171 12.09 21.32 -12.44
N LYS C 172 11.86 20.00 -12.45
CA LYS C 172 12.41 19.11 -11.44
C LYS C 172 13.93 19.19 -11.37
N ALA C 173 14.57 19.18 -12.54
CA ALA C 173 16.02 19.29 -12.64
C ALA C 173 16.51 20.66 -12.15
N TRP C 174 15.77 21.71 -12.48
CA TRP C 174 16.08 23.07 -12.06
C TRP C 174 16.00 23.24 -10.54
N LEU C 175 14.98 22.63 -9.94
CA LEU C 175 14.79 22.68 -8.49
C LEU C 175 15.86 21.89 -7.73
N GLU C 176 16.48 20.92 -8.42
CA GLU C 176 17.50 20.07 -7.82
C GLU C 176 18.90 20.70 -7.83
N THR C 177 19.10 21.71 -8.68
CA THR C 177 20.35 22.47 -8.70
C THR C 177 20.43 23.36 -7.46
N SER C 178 21.64 23.62 -7.00
CA SER C 178 21.87 24.47 -5.83
C SER C 178 21.37 25.90 -6.05
N GLU C 179 21.56 26.40 -7.27
CA GLU C 179 21.13 27.76 -7.65
C GLU C 179 19.61 27.88 -7.72
N GLY C 180 18.97 26.88 -8.32
CA GLY C 180 17.51 26.85 -8.44
C GLY C 180 16.82 26.76 -7.08
N PHE C 181 17.36 25.91 -6.22
CA PHE C 181 16.85 25.73 -4.86
C PHE C 181 17.01 26.99 -4.01
N ALA C 182 18.14 27.67 -4.16
CA ALA C 182 18.44 28.90 -3.40
C ALA C 182 17.44 30.02 -3.69
N VAL C 183 17.03 30.15 -4.95
CA VAL C 183 16.05 31.14 -5.37
C VAL C 183 14.68 30.86 -4.73
N ILE C 184 14.27 29.59 -4.78
CA ILE C 184 13.00 29.15 -4.19
C ILE C 184 13.03 29.28 -2.67
N LYS C 185 14.16 28.89 -2.07
CA LYS C 185 14.35 29.00 -0.62
C LYS C 185 14.26 30.45 -0.14
N GLU C 186 14.87 31.37 -0.89
CA GLU C 186 14.83 32.80 -0.56
C GLU C 186 13.39 33.33 -0.55
N ALA C 187 12.61 32.94 -1.55
CA ALA C 187 11.20 33.32 -1.66
C ALA C 187 10.37 32.75 -0.52
N PHE C 188 10.59 31.46 -0.23
CA PHE C 188 9.91 30.75 0.86
C PHE C 188 10.22 31.38 2.22
N ASP C 189 11.51 31.59 2.49
CA ASP C 189 11.98 32.05 3.80
C ASP C 189 11.63 33.50 4.12
N SER C 190 11.32 34.28 3.09
CA SER C 190 11.00 35.70 3.26
C SER C 190 9.62 35.95 3.88
N THR C 191 8.80 34.91 3.92
CA THR C 191 7.41 35.03 4.39
C THR C 191 7.25 35.11 5.90
N SER C 192 8.15 34.45 6.64
CA SER C 192 8.05 34.36 8.09
C SER C 192 9.42 34.23 8.76
N ARG C 193 9.45 34.55 10.05
CA ARG C 193 10.66 34.43 10.89
C ARG C 193 11.15 32.98 10.94
N PHE C 194 10.23 32.05 11.10
CA PHE C 194 10.56 30.63 11.27
C PHE C 194 10.61 29.86 9.94
N ALA C 195 10.21 30.52 8.87
CA ALA C 195 10.25 29.91 7.53
C ALA C 195 11.68 29.65 7.09
N ARG C 196 12.06 28.37 7.11
CA ARG C 196 13.40 27.94 6.69
C ARG C 196 13.31 26.65 5.88
N LEU C 197 13.23 26.81 4.55
CA LEU C 197 12.99 25.69 3.65
C LEU C 197 14.10 24.63 3.68
N GLN C 198 13.70 23.39 3.94
CA GLN C 198 14.58 22.24 3.89
C GLN C 198 14.64 21.71 2.45
N LYS C 199 15.41 20.65 2.22
CA LYS C 199 15.55 20.06 0.89
C LYS C 199 14.20 19.63 0.33
N LEU C 200 13.94 20.02 -0.92
CA LEU C 200 12.68 19.72 -1.60
C LEU C 200 12.58 18.26 -2.00
N HIS C 201 11.37 17.72 -1.90
CA HIS C 201 11.07 16.39 -2.43
C HIS C 201 10.08 16.55 -3.58
N THR C 202 10.47 16.07 -4.76
CA THR C 202 9.66 16.23 -5.96
C THR C 202 9.32 14.91 -6.64
N SER C 203 8.12 14.84 -7.20
CA SER C 203 7.67 13.65 -7.91
C SER C 203 6.93 14.05 -9.19
N ILE C 204 7.34 13.45 -10.30
CA ILE C 204 6.71 13.69 -11.58
C ILE C 204 5.62 12.65 -11.87
N ALA C 205 4.53 13.11 -12.47
CA ALA C 205 3.50 12.24 -13.03
C ALA C 205 3.12 12.82 -14.40
N GLY C 206 3.88 12.42 -15.41
CA GLY C 206 3.74 13.01 -16.75
C GLY C 206 4.09 14.48 -16.72
N ARG C 207 3.14 15.31 -17.15
CA ARG C 207 3.33 16.77 -17.17
C ARG C 207 3.04 17.43 -15.82
N ASN C 208 2.59 16.62 -14.85
CA ASN C 208 2.40 17.08 -13.48
C ASN C 208 3.70 17.03 -12.68
N LEU C 209 3.88 18.02 -11.81
CA LEU C 209 4.96 17.99 -10.85
C LEU C 209 4.42 18.22 -9.44
N TYR C 210 4.72 17.30 -8.54
CA TYR C 210 4.34 17.40 -7.14
C TYR C 210 5.56 17.79 -6.34
N ILE C 211 5.46 18.91 -5.63
CA ILE C 211 6.60 19.46 -4.89
C ILE C 211 6.28 19.49 -3.40
N ARG C 212 7.09 18.77 -2.62
CA ARG C 212 6.90 18.72 -1.18
C ARG C 212 7.81 19.74 -0.50
N PHE C 213 7.21 20.83 -0.04
CA PHE C 213 7.91 21.86 0.73
C PHE C 213 7.92 21.46 2.20
N GLN C 214 9.08 21.57 2.84
CA GLN C 214 9.22 21.25 4.26
C GLN C 214 10.03 22.30 5.00
N SER C 215 9.54 22.67 6.18
CA SER C 215 10.21 23.65 7.04
C SER C 215 9.76 23.53 8.49
N ARG C 216 10.66 23.86 9.41
CA ARG C 216 10.31 24.04 10.81
C ARG C 216 9.41 25.25 10.95
N SER C 217 8.68 25.34 12.05
CA SER C 217 7.64 26.36 12.22
C SER C 217 7.56 26.88 13.65
N GLY C 218 8.70 26.99 14.31
CA GLY C 218 8.75 27.37 15.71
C GLY C 218 7.96 26.37 16.55
N ASP C 219 7.06 26.88 17.37
CA ASP C 219 6.21 26.04 18.23
C ASP C 219 4.82 25.81 17.66
N ALA C 220 4.56 26.36 16.48
CA ALA C 220 3.29 26.17 15.79
C ALA C 220 3.28 24.86 15.02
N MET C 221 2.08 24.31 14.80
CA MET C 221 1.92 23.12 13.96
C MET C 221 2.42 23.42 12.55
N GLY C 222 2.13 24.62 12.06
CA GLY C 222 2.82 25.17 10.90
C GLY C 222 2.08 25.22 9.58
N MET C 223 0.88 24.67 9.52
CA MET C 223 0.13 24.60 8.25
C MET C 223 -0.08 25.95 7.58
N ASN C 224 -0.48 26.96 8.36
CA ASN C 224 -0.66 28.32 7.82
C ASN C 224 0.66 28.95 7.38
N MET C 225 1.72 28.75 8.17
CA MET C 225 3.05 29.27 7.87
C MET C 225 3.64 28.63 6.62
N ILE C 226 3.57 27.30 6.54
CA ILE C 226 4.08 26.55 5.39
C ILE C 226 3.32 26.89 4.11
N SER C 227 2.00 27.05 4.23
CA SER C 227 1.15 27.38 3.09
C SER C 227 1.45 28.76 2.53
N LYS C 228 1.73 29.72 3.40
CA LYS C 228 2.11 31.07 3.01
C LYS C 228 3.46 31.07 2.28
N GLY C 229 4.40 30.31 2.83
CA GLY C 229 5.73 30.15 2.21
C GLY C 229 5.66 29.44 0.87
N THR C 230 4.80 28.43 0.79
CA THR C 230 4.59 27.66 -0.45
C THR C 230 4.03 28.55 -1.57
N GLU C 231 3.02 29.35 -1.25
CA GLU C 231 2.39 30.24 -2.22
C GLU C 231 3.38 31.23 -2.83
N LYS C 232 4.26 31.79 -2.00
CA LYS C 232 5.29 32.72 -2.46
C LYS C 232 6.37 32.00 -3.28
N ALA C 233 6.71 30.78 -2.86
CA ALA C 233 7.71 29.96 -3.56
C ALA C 233 7.22 29.54 -4.95
N LEU C 234 5.92 29.26 -5.06
CA LEU C 234 5.31 28.89 -6.34
C LEU C 234 5.18 30.09 -7.28
N SER C 235 4.98 31.27 -6.70
CA SER C 235 4.91 32.51 -7.47
C SER C 235 6.27 32.83 -8.10
N LYS C 236 7.33 32.62 -7.32
CA LYS C 236 8.71 32.80 -7.79
C LYS C 236 9.09 31.77 -8.84
N LEU C 237 8.60 30.54 -8.67
CA LEU C 237 8.84 29.47 -9.64
C LEU C 237 8.17 29.79 -10.98
N HIS C 238 7.01 30.43 -10.92
CA HIS C 238 6.27 30.85 -12.11
C HIS C 238 7.01 31.93 -12.92
N GLU C 239 7.86 32.70 -12.23
CA GLU C 239 8.68 33.72 -12.89
C GLU C 239 9.76 33.10 -13.77
N TYR C 240 10.22 31.91 -13.40
CA TYR C 240 11.23 31.18 -14.14
C TYR C 240 10.61 30.23 -15.17
N PHE C 241 9.41 29.75 -14.87
CA PHE C 241 8.66 28.90 -15.79
C PHE C 241 7.23 29.44 -15.96
N PRO C 242 7.06 30.43 -16.86
CA PRO C 242 5.78 31.12 -17.07
C PRO C 242 4.65 30.22 -17.61
N GLU C 243 5.01 29.10 -18.22
CA GLU C 243 4.05 28.15 -18.76
C GLU C 243 3.44 27.25 -17.66
N MET C 244 4.04 27.30 -16.47
CA MET C 244 3.60 26.47 -15.34
C MET C 244 2.26 26.95 -14.78
N GLN C 245 1.33 26.01 -14.60
CA GLN C 245 0.05 26.27 -13.97
C GLN C 245 0.06 25.70 -12.55
N ILE C 246 -0.30 26.53 -11.58
CA ILE C 246 -0.47 26.07 -10.21
C ILE C 246 -1.91 25.56 -10.07
N LEU C 247 -2.06 24.23 -10.10
CA LEU C 247 -3.39 23.61 -10.08
C LEU C 247 -4.02 23.69 -8.69
N ALA C 248 -3.24 23.36 -7.66
CA ALA C 248 -3.70 23.46 -6.28
C ALA C 248 -2.52 23.59 -5.33
N VAL C 249 -2.66 24.45 -4.32
CA VAL C 249 -1.60 24.65 -3.32
C VAL C 249 -1.41 23.37 -2.47
N SER C 250 -2.44 22.53 -2.44
CA SER C 250 -2.32 21.17 -1.92
C SER C 250 -2.75 20.17 -2.98
N GLY C 251 -1.80 19.35 -3.44
CA GLY C 251 -2.08 18.27 -4.37
C GLY C 251 -2.03 16.92 -3.69
N ASN C 252 -2.33 16.90 -2.39
CA ASN C 252 -2.30 15.68 -1.56
C ASN C 252 -0.93 15.00 -1.42
N TYR C 253 0.12 15.75 -1.71
CA TYR C 253 1.49 15.24 -1.63
C TYR C 253 2.15 15.64 -0.31
N CYS C 254 1.38 16.28 0.56
CA CYS C 254 1.86 16.77 1.85
C CYS C 254 2.33 15.67 2.81
N THR C 255 1.48 14.72 3.21
CA THR C 255 0.04 14.66 2.92
C THR C 255 -0.69 15.01 4.21
N ASP C 256 -1.70 15.88 4.10
CA ASP C 256 -2.44 16.35 5.28
C ASP C 256 -3.78 15.64 5.44
N LYS C 257 -3.93 14.95 6.57
CA LYS C 257 -5.22 14.39 7.02
C LYS C 257 -5.75 13.23 6.17
N LYS C 258 -4.86 12.60 5.41
CA LYS C 258 -5.16 11.34 4.72
C LYS C 258 -3.98 10.41 4.95
N PRO C 259 -4.23 9.10 5.03
CA PRO C 259 -3.13 8.14 5.16
C PRO C 259 -2.23 8.20 3.92
N ALA C 260 -0.91 8.23 4.13
CA ALA C 260 0.03 8.29 3.01
C ALA C 260 1.38 7.72 3.39
N ALA C 261 1.90 6.83 2.56
CA ALA C 261 3.21 6.23 2.78
C ALA C 261 4.33 7.27 2.83
N ILE C 262 4.12 8.40 2.16
CA ILE C 262 5.12 9.48 2.15
C ILE C 262 5.38 10.05 3.55
N ASN C 263 4.33 10.18 4.35
CA ASN C 263 4.47 10.64 5.74
C ASN C 263 5.21 9.60 6.60
N TRP C 264 4.94 8.33 6.32
CA TRP C 264 5.56 7.21 7.04
C TRP C 264 7.06 7.12 6.76
N ILE C 265 7.44 7.32 5.50
CA ILE C 265 8.83 7.15 5.05
C ILE C 265 9.65 8.43 5.21
N GLU C 266 9.08 9.57 4.84
CA GLU C 266 9.78 10.84 4.87
C GLU C 266 9.62 11.61 6.18
N GLY C 267 8.55 11.32 6.92
CA GLY C 267 8.21 12.06 8.12
C GLY C 267 7.38 13.30 7.80
N ARG C 268 6.61 13.76 8.79
CA ARG C 268 5.85 15.01 8.69
C ARG C 268 5.65 15.56 10.10
N GLY C 269 5.94 16.84 10.28
CA GLY C 269 5.94 17.43 11.61
C GLY C 269 7.11 16.87 12.39
N LYS C 270 6.83 16.30 13.57
CA LYS C 270 7.87 15.75 14.44
C LYS C 270 8.01 14.24 14.27
N SER C 271 9.23 13.79 14.02
CA SER C 271 9.55 12.35 14.04
C SER C 271 10.19 12.03 15.39
N VAL C 272 9.59 11.09 16.11
CA VAL C 272 10.00 10.80 17.49
C VAL C 272 10.20 9.31 17.74
N VAL C 273 11.14 8.99 18.61
CA VAL C 273 11.31 7.63 19.12
C VAL C 273 11.38 7.65 20.64
N CYS C 274 10.82 6.62 21.28
CA CYS C 274 10.88 6.51 22.74
C CYS C 274 11.02 5.05 23.16
N GLU C 275 11.67 4.84 24.30
CA GLU C 275 12.00 3.49 24.75
C GLU C 275 12.00 3.38 26.28
N ALA C 276 11.80 2.15 26.76
CA ALA C 276 11.93 1.83 28.18
C ALA C 276 12.24 0.35 28.36
N VAL C 277 12.82 0.01 29.50
CA VAL C 277 13.01 -1.39 29.89
C VAL C 277 12.17 -1.65 31.14
N ILE C 278 11.23 -2.59 31.02
CA ILE C 278 10.36 -2.95 32.13
C ILE C 278 10.90 -4.23 32.79
N PRO C 279 11.27 -4.13 34.09
CA PRO C 279 11.77 -5.30 34.81
C PRO C 279 10.74 -6.42 34.87
N ALA C 280 11.22 -7.66 34.84
CA ALA C 280 10.36 -8.84 34.88
C ALA C 280 9.33 -8.79 36.01
N LYS C 281 9.76 -8.34 37.18
CA LYS C 281 8.91 -8.20 38.37
C LYS C 281 7.74 -7.25 38.11
N VAL C 282 8.02 -6.16 37.41
CA VAL C 282 7.01 -5.14 37.09
C VAL C 282 6.02 -5.66 36.04
N VAL C 283 6.53 -6.41 35.06
CA VAL C 283 5.68 -7.03 34.04
C VAL C 283 4.65 -7.97 34.68
N ARG C 284 5.08 -8.73 35.69
CA ARG C 284 4.20 -9.67 36.39
C ARG C 284 3.21 -8.99 37.32
N GLU C 285 3.71 -8.08 38.17
CA GLU C 285 2.89 -7.45 39.21
C GLU C 285 1.96 -6.36 38.70
N VAL C 286 2.48 -5.47 37.85
CA VAL C 286 1.70 -4.34 37.34
C VAL C 286 0.88 -4.74 36.11
N LEU C 287 1.53 -5.39 35.16
CA LEU C 287 0.91 -5.71 33.87
C LEU C 287 0.24 -7.08 33.80
N LYS C 288 0.39 -7.88 34.86
CA LYS C 288 -0.28 -9.19 35.00
C LYS C 288 0.00 -10.16 33.85
N THR C 289 1.24 -10.15 33.37
CA THR C 289 1.66 -10.98 32.24
C THR C 289 3.15 -11.31 32.32
N THR C 290 3.71 -11.84 31.24
CA THR C 290 5.14 -12.12 31.17
C THR C 290 5.78 -11.42 29.97
N THR C 291 7.09 -11.22 30.04
CA THR C 291 7.88 -10.64 28.95
C THR C 291 7.74 -11.47 27.67
N GLU C 292 7.83 -12.80 27.81
CA GLU C 292 7.70 -13.72 26.68
C GLU C 292 6.33 -13.59 26.01
N ALA C 293 5.27 -13.51 26.82
CA ALA C 293 3.91 -13.36 26.32
C ALA C 293 3.72 -12.05 25.55
N MET C 294 4.28 -10.97 26.10
CA MET C 294 4.21 -9.65 25.48
C MET C 294 4.89 -9.61 24.10
N ILE C 295 6.07 -10.22 24.02
CA ILE C 295 6.84 -10.29 22.78
C ILE C 295 6.09 -11.08 21.70
N GLU C 296 5.51 -12.21 22.09
CA GLU C 296 4.77 -13.06 21.15
C GLU C 296 3.52 -12.37 20.60
N VAL C 297 2.80 -11.65 21.47
CA VAL C 297 1.64 -10.88 21.02
C VAL C 297 2.08 -9.72 20.12
N ASN C 298 3.15 -9.03 20.50
CA ASN C 298 3.65 -7.92 19.69
C ASN C 298 4.04 -8.33 18.26
N ILE C 299 4.82 -9.40 18.15
CA ILE C 299 5.22 -9.91 16.84
C ILE C 299 4.00 -10.28 16.00
N ASN C 300 3.09 -11.04 16.59
CA ASN C 300 1.98 -11.64 15.83
C ASN C 300 0.76 -10.75 15.65
N LYS C 301 0.65 -9.71 16.47
CA LYS C 301 -0.44 -8.72 16.33
C LYS C 301 0.06 -7.47 15.62
N ASN C 302 1.03 -6.78 16.22
CA ASN C 302 1.48 -5.49 15.73
C ASN C 302 2.35 -5.54 14.48
N LEU C 303 3.01 -6.68 14.25
CA LEU C 303 3.80 -6.86 13.03
C LEU C 303 3.06 -7.73 12.01
N VAL C 304 2.88 -9.01 12.32
CA VAL C 304 2.26 -9.96 11.38
C VAL C 304 0.79 -9.63 11.12
N GLY C 305 0.04 -9.34 12.19
CA GLY C 305 -1.36 -8.98 12.07
C GLY C 305 -1.61 -7.78 11.18
N SER C 306 -0.91 -6.68 11.47
CA SER C 306 -1.01 -5.47 10.66
C SER C 306 -0.59 -5.72 9.21
N ALA C 307 0.44 -6.56 9.04
CA ALA C 307 0.90 -6.97 7.71
C ALA C 307 -0.19 -7.72 6.94
N MET C 308 -0.87 -8.64 7.61
CA MET C 308 -1.95 -9.41 6.97
C MET C 308 -3.13 -8.50 6.60
N ALA C 309 -3.34 -7.45 7.40
CA ALA C 309 -4.42 -6.49 7.20
C ALA C 309 -4.10 -5.46 6.12
N GLY C 310 -2.86 -5.44 5.64
CA GLY C 310 -2.41 -4.50 4.62
C GLY C 310 -2.26 -3.09 5.15
N SER C 311 -1.59 -2.96 6.29
CA SER C 311 -1.37 -1.67 6.93
C SER C 311 -0.10 -0.99 6.45
N ILE C 312 -0.20 0.33 6.26
CA ILE C 312 0.97 1.18 6.07
C ILE C 312 1.02 2.12 7.26
N GLY C 313 1.97 1.86 8.16
CA GLY C 313 2.18 2.72 9.33
C GLY C 313 1.37 2.41 10.58
N GLY C 314 0.53 1.37 10.51
CA GLY C 314 -0.31 1.00 11.65
C GLY C 314 0.20 -0.22 12.39
N TYR C 315 1.50 -0.20 12.72
CA TYR C 315 2.14 -1.34 13.38
C TYR C 315 2.17 -1.18 14.90
N ASN C 316 0.97 -0.99 15.46
CA ASN C 316 0.78 -0.69 16.87
C ASN C 316 -0.58 -1.15 17.34
N ALA C 317 -0.80 -1.15 18.66
CA ALA C 317 -2.06 -1.59 19.24
C ALA C 317 -3.14 -0.51 19.19
N HIS C 318 -2.86 0.65 19.79
CA HIS C 318 -3.84 1.75 19.85
C HIS C 318 -3.23 3.13 20.05
N ALA C 319 -2.14 3.42 19.33
CA ALA C 319 -1.52 4.75 19.37
C ALA C 319 -2.56 5.85 19.15
N ALA C 320 -3.52 5.59 18.25
CA ALA C 320 -4.59 6.53 17.93
C ALA C 320 -5.41 6.98 19.15
N ASN C 321 -5.66 6.05 20.08
CA ASN C 321 -6.39 6.36 21.31
C ASN C 321 -5.70 7.43 22.14
N ILE C 322 -4.39 7.31 22.31
CA ILE C 322 -3.60 8.23 23.12
C ILE C 322 -3.42 9.57 22.40
N VAL C 323 -3.07 9.50 21.11
CA VAL C 323 -2.91 10.70 20.29
C VAL C 323 -4.18 11.55 20.32
N THR C 324 -5.31 10.93 20.02
CA THR C 324 -6.59 11.64 19.98
C THR C 324 -6.94 12.29 21.33
N ALA C 325 -6.78 11.53 22.41
CA ALA C 325 -7.10 11.99 23.76
C ALA C 325 -6.24 13.19 24.17
N ILE C 326 -4.94 13.12 23.90
CA ILE C 326 -4.03 14.23 24.19
C ILE C 326 -4.35 15.42 23.28
N TYR C 327 -4.57 15.14 21.99
CA TYR C 327 -4.85 16.19 21.01
C TYR C 327 -6.08 17.02 21.37
N ILE C 328 -7.17 16.36 21.75
CA ILE C 328 -8.40 17.06 22.14
C ILE C 328 -8.19 17.88 23.42
N ALA C 329 -7.48 17.30 24.39
CA ALA C 329 -7.19 17.99 25.66
C ALA C 329 -6.28 19.20 25.48
N CYS C 330 -5.31 19.10 24.58
CA CYS C 330 -4.28 20.13 24.42
C CYS C 330 -4.48 21.06 23.22
N GLY C 331 -5.69 21.09 22.68
CA GLY C 331 -6.05 22.03 21.62
C GLY C 331 -5.40 21.79 20.28
N GLN C 332 -5.09 20.53 19.99
CA GLN C 332 -4.50 20.17 18.70
C GLN C 332 -5.59 19.96 17.65
N ASP C 333 -5.17 19.78 16.41
CA ASP C 333 -6.09 19.46 15.32
C ASP C 333 -6.32 17.96 15.33
N ALA C 334 -7.44 17.54 15.93
CA ALA C 334 -7.72 16.11 16.13
C ALA C 334 -7.90 15.34 14.82
N ALA C 335 -8.22 16.04 13.73
CA ALA C 335 -8.30 15.42 12.40
C ALA C 335 -6.93 14.89 11.94
N GLN C 336 -5.88 15.45 12.53
CA GLN C 336 -4.51 15.03 12.19
C GLN C 336 -4.08 13.75 12.92
N ASN C 337 -4.99 13.13 13.67
CA ASN C 337 -4.71 11.83 14.26
C ASN C 337 -4.55 10.75 13.19
N VAL C 338 -5.07 11.02 12.00
CA VAL C 338 -4.92 10.12 10.86
C VAL C 338 -3.44 9.78 10.64
N GLY C 339 -2.62 10.82 10.48
CA GLY C 339 -1.18 10.64 10.27
C GLY C 339 -0.35 10.67 11.54
N SER C 340 -0.77 11.46 12.51
CA SER C 340 -0.03 11.59 13.78
C SER C 340 0.04 10.30 14.58
N SER C 341 -0.90 9.40 14.32
CA SER C 341 -0.98 8.12 15.03
C SER C 341 -0.08 7.04 14.42
N ASN C 342 0.56 7.34 13.28
CA ASN C 342 1.53 6.42 12.69
C ASN C 342 2.54 5.99 13.74
N CYS C 343 2.70 4.67 13.89
CA CYS C 343 3.50 4.12 14.97
C CYS C 343 3.88 2.67 14.73
N ILE C 344 5.16 2.36 14.96
CA ILE C 344 5.60 0.98 15.06
C ILE C 344 6.08 0.67 16.48
N THR C 345 5.44 -0.31 17.11
CA THR C 345 5.76 -0.73 18.46
C THR C 345 6.60 -1.99 18.41
N LEU C 346 7.78 -1.93 19.02
CA LEU C 346 8.70 -3.06 19.04
C LEU C 346 8.98 -3.51 20.46
N MET C 347 9.10 -4.83 20.64
CA MET C 347 9.38 -5.43 21.93
C MET C 347 10.38 -6.58 21.80
N GLU C 348 11.32 -6.63 22.73
CA GLU C 348 12.27 -7.74 22.79
C GLU C 348 12.73 -7.98 24.23
N ALA C 349 13.27 -9.18 24.47
CA ALA C 349 13.78 -9.54 25.78
C ALA C 349 15.08 -8.81 26.07
N SER C 350 15.25 -8.41 27.33
CA SER C 350 16.39 -7.59 27.73
C SER C 350 16.91 -7.99 29.10
N GLY C 351 18.07 -7.45 29.48
CA GLY C 351 18.67 -7.73 30.78
C GLY C 351 19.57 -8.94 30.76
N PRO C 352 20.31 -9.18 31.87
CA PRO C 352 21.26 -10.29 31.96
C PRO C 352 20.61 -11.67 31.85
N THR C 353 19.41 -11.81 32.42
CA THR C 353 18.69 -13.09 32.41
C THR C 353 17.69 -13.19 31.26
N ASN C 354 17.68 -12.18 30.40
CA ASN C 354 16.81 -12.13 29.21
C ASN C 354 15.32 -12.22 29.55
N GLU C 355 14.94 -11.68 30.71
CA GLU C 355 13.56 -11.77 31.20
C GLU C 355 12.89 -10.40 31.39
N ASP C 356 13.64 -9.33 31.15
CA ASP C 356 13.09 -7.98 31.19
C ASP C 356 12.56 -7.58 29.82
N LEU C 357 11.58 -6.67 29.81
CA LEU C 357 10.92 -6.29 28.57
C LEU C 357 11.40 -4.94 28.04
N TYR C 358 12.12 -4.98 26.91
CA TYR C 358 12.48 -3.77 26.20
C TYR C 358 11.35 -3.41 25.23
N ILE C 359 10.87 -2.18 25.32
CA ILE C 359 9.84 -1.67 24.43
C ILE C 359 10.27 -0.35 23.79
N SER C 360 9.96 -0.20 22.50
CA SER C 360 10.17 1.06 21.81
C SER C 360 8.97 1.41 20.94
N CYS C 361 8.68 2.71 20.84
CA CYS C 361 7.67 3.22 19.93
C CYS C 361 8.29 4.28 19.03
N THR C 362 8.11 4.12 17.72
CA THR C 362 8.63 5.07 16.76
C THR C 362 7.46 5.68 15.99
N MET C 363 7.37 7.01 16.07
CA MET C 363 6.28 7.76 15.46
C MET C 363 6.83 8.86 14.55
N PRO C 364 6.87 8.60 13.23
CA PRO C 364 7.57 9.48 12.29
C PRO C 364 6.81 10.74 11.87
N SER C 365 5.53 10.84 12.21
CA SER C 365 4.71 11.93 11.67
C SER C 365 3.74 12.56 12.68
N ILE C 366 4.27 12.96 13.84
CA ILE C 366 3.47 13.67 14.84
C ILE C 366 3.29 15.13 14.44
N GLU C 367 2.06 15.50 14.12
CA GLU C 367 1.72 16.86 13.70
C GLU C 367 1.14 17.60 14.89
N ILE C 368 1.92 18.55 15.42
CA ILE C 368 1.64 19.11 16.75
C ILE C 368 2.16 20.54 16.92
N GLY C 369 1.55 21.28 17.83
CA GLY C 369 1.94 22.66 18.11
C GLY C 369 1.51 23.12 19.50
N THR C 370 2.11 24.20 19.98
CA THR C 370 1.79 24.75 21.29
C THR C 370 1.38 26.23 21.23
N VAL C 371 1.38 26.78 20.01
CA VAL C 371 0.80 28.10 19.72
C VAL C 371 -0.14 27.98 18.52
N GLY C 372 -1.17 28.83 18.49
CA GLY C 372 -2.10 28.88 17.37
C GLY C 372 -3.21 27.85 17.44
N GLY C 373 -4.27 28.07 16.64
CA GLY C 373 -5.41 27.17 16.60
C GLY C 373 -6.09 27.05 17.96
N GLY C 374 -6.41 25.80 18.32
CA GLY C 374 -7.09 25.51 19.58
C GLY C 374 -6.25 25.75 20.83
N THR C 375 -4.94 25.89 20.65
CA THR C 375 -4.02 26.17 21.76
C THR C 375 -4.09 27.62 22.23
N ASN C 376 -4.87 28.44 21.53
CA ASN C 376 -5.11 29.82 21.91
C ASN C 376 -6.21 29.97 22.97
N LEU C 377 -6.96 28.89 23.19
CA LEU C 377 -8.07 28.90 24.14
C LEU C 377 -7.59 28.54 25.54
N LEU C 378 -8.14 29.20 26.54
CA LEU C 378 -7.68 29.07 27.94
C LEU C 378 -7.77 27.65 28.54
N PRO C 379 -8.91 26.95 28.36
CA PRO C 379 -8.98 25.58 28.88
C PRO C 379 -7.92 24.66 28.26
N GLN C 380 -7.72 24.77 26.96
CA GLN C 380 -6.68 24.01 26.25
C GLN C 380 -5.29 24.39 26.72
N GLN C 381 -5.09 25.68 26.99
CA GLN C 381 -3.83 26.19 27.54
C GLN C 381 -3.53 25.64 28.92
N ALA C 382 -4.59 25.37 29.69
CA ALA C 382 -4.47 24.77 31.02
C ALA C 382 -3.81 23.39 30.94
N CYS C 383 -4.26 22.57 30.01
CA CYS C 383 -3.69 21.23 29.81
C CYS C 383 -2.25 21.28 29.28
N LEU C 384 -1.96 22.27 28.43
CA LEU C 384 -0.60 22.51 27.95
C LEU C 384 0.31 22.96 29.09
N GLN C 385 -0.23 23.80 29.98
CA GLN C 385 0.51 24.28 31.16
C GLN C 385 0.82 23.16 32.15
N MET C 386 -0.09 22.19 32.25
CA MET C 386 0.12 21.00 33.08
C MET C 386 1.42 20.31 32.71
N LEU C 387 1.71 20.26 31.41
CA LEU C 387 2.89 19.59 30.88
C LEU C 387 4.08 20.53 30.72
N GLY C 388 3.85 21.81 31.01
CA GLY C 388 4.90 22.84 30.93
C GLY C 388 5.32 23.19 29.52
N VAL C 389 4.39 23.07 28.57
CA VAL C 389 4.68 23.30 27.15
C VAL C 389 3.83 24.39 26.50
N GLN C 390 3.04 25.10 27.30
CA GLN C 390 2.13 26.11 26.77
C GLN C 390 2.87 27.29 26.13
N GLY C 391 2.41 27.66 24.94
CA GLY C 391 2.94 28.82 24.23
C GLY C 391 4.27 28.58 23.55
N ALA C 392 4.86 29.66 23.04
CA ALA C 392 6.13 29.59 22.35
C ALA C 392 7.29 29.63 23.35
N CYS C 393 8.37 28.93 23.00
CA CYS C 393 9.60 28.98 23.79
C CYS C 393 10.52 30.04 23.21
N LYS C 394 10.64 31.17 23.92
CA LYS C 394 11.42 32.33 23.44
C LYS C 394 12.90 32.02 23.29
N ASP C 395 13.49 31.39 24.31
CA ASP C 395 14.92 31.08 24.33
C ASP C 395 15.30 29.99 23.32
N ASN C 396 14.39 29.04 23.12
CA ASN C 396 14.63 27.92 22.21
C ASN C 396 13.38 27.62 21.37
N PRO C 397 13.20 28.35 20.25
CA PRO C 397 12.03 28.18 19.39
C PRO C 397 11.83 26.75 18.94
N GLY C 398 10.64 26.20 19.20
CA GLY C 398 10.32 24.83 18.82
C GLY C 398 10.36 23.84 19.98
N GLU C 399 11.04 24.23 21.06
CA GLU C 399 11.27 23.34 22.20
C GLU C 399 9.99 22.84 22.87
N ASN C 400 8.99 23.71 23.00
CA ASN C 400 7.72 23.34 23.61
C ASN C 400 6.94 22.34 22.77
N ALA C 401 6.89 22.57 21.45
CA ALA C 401 6.25 21.65 20.52
C ALA C 401 6.99 20.31 20.45
N ARG C 402 8.32 20.37 20.42
CA ARG C 402 9.15 19.16 20.44
C ARG C 402 8.93 18.36 21.72
N GLN C 403 8.89 19.05 22.86
CA GLN C 403 8.63 18.39 24.15
C GLN C 403 7.26 17.72 24.18
N LEU C 404 6.25 18.40 23.64
CA LEU C 404 4.90 17.83 23.58
C LEU C 404 4.86 16.57 22.73
N ALA C 405 5.57 16.58 21.61
CA ALA C 405 5.69 15.41 20.74
C ALA C 405 6.34 14.23 21.46
N ARG C 406 7.37 14.52 22.26
CA ARG C 406 8.04 13.51 23.08
C ARG C 406 7.08 12.93 24.13
N ILE C 407 6.27 13.81 24.73
CA ILE C 407 5.24 13.40 25.70
C ILE C 407 4.20 12.50 25.03
N VAL C 408 3.76 12.87 23.83
CA VAL C 408 2.79 12.06 23.08
C VAL C 408 3.35 10.66 22.81
N CYS C 409 4.56 10.59 22.28
CA CYS C 409 5.22 9.31 21.97
C CYS C 409 5.40 8.47 23.23
N GLY C 410 5.84 9.11 24.32
CA GLY C 410 6.00 8.43 25.61
C GLY C 410 4.69 7.87 26.14
N THR C 411 3.62 8.66 26.05
CA THR C 411 2.30 8.25 26.53
C THR C 411 1.71 7.14 25.65
N VAL C 412 1.98 7.19 24.35
CA VAL C 412 1.62 6.12 23.42
C VAL C 412 2.24 4.79 23.88
N MET C 413 3.52 4.84 24.22
CA MET C 413 4.24 3.67 24.72
C MET C 413 3.63 3.10 26.00
N ALA C 414 3.23 3.99 26.92
CA ALA C 414 2.51 3.60 28.12
C ALA C 414 1.20 2.88 27.75
N GLY C 415 0.47 3.47 26.81
CA GLY C 415 -0.77 2.86 26.30
C GLY C 415 -0.54 1.50 25.66
N GLU C 416 0.53 1.39 24.88
CA GLU C 416 0.90 0.13 24.24
C GLU C 416 1.17 -0.96 25.28
N LEU C 417 1.96 -0.63 26.29
CA LEU C 417 2.28 -1.58 27.37
C LEU C 417 1.04 -2.18 28.01
N SER C 418 0.11 -1.32 28.41
CA SER C 418 -1.07 -1.78 29.15
C SER C 418 -2.07 -2.57 28.32
N LEU C 419 -2.38 -2.09 27.11
CA LEU C 419 -3.31 -2.80 26.23
C LEU C 419 -2.74 -4.15 25.78
N MET C 420 -1.48 -4.16 25.39
CA MET C 420 -0.81 -5.39 24.97
C MET C 420 -0.79 -6.41 26.11
N ALA C 421 -0.57 -5.92 27.33
CA ALA C 421 -0.63 -6.74 28.53
C ALA C 421 -2.02 -7.35 28.75
N ALA C 422 -3.05 -6.53 28.52
CA ALA C 422 -4.44 -6.98 28.66
C ALA C 422 -4.76 -8.07 27.64
N LEU C 423 -4.31 -7.88 26.40
CA LEU C 423 -4.52 -8.84 25.33
C LEU C 423 -3.73 -10.13 25.54
N ALA C 424 -2.51 -9.99 26.06
CA ALA C 424 -1.64 -11.14 26.34
C ALA C 424 -2.18 -12.02 27.46
N ALA C 425 -2.70 -11.38 28.51
CA ALA C 425 -3.26 -12.08 29.66
C ALA C 425 -4.64 -12.66 29.39
N GLY C 426 -5.33 -12.11 28.39
CA GLY C 426 -6.66 -12.55 28.00
C GLY C 426 -7.74 -12.06 28.94
N GLY D 24 -19.09 9.54 57.08
CA GLY D 24 -17.65 9.31 57.38
C GLY D 24 -16.75 10.34 56.73
N ALA D 25 -16.74 10.36 55.41
CA ALA D 25 -15.92 11.29 54.64
C ALA D 25 -16.61 12.64 54.42
N LYS D 26 -17.92 12.67 54.61
CA LYS D 26 -18.72 13.88 54.46
C LYS D 26 -18.44 14.88 55.59
N PHE D 27 -18.19 14.36 56.78
CA PHE D 27 -17.90 15.19 57.96
C PHE D 27 -16.46 15.73 57.93
N LEU D 28 -15.58 15.00 57.25
CA LEU D 28 -14.18 15.40 57.13
C LEU D 28 -14.00 16.46 56.05
N SER D 29 -13.05 17.37 56.29
CA SER D 29 -12.74 18.45 55.34
C SER D 29 -11.90 17.95 54.17
N ASP D 30 -11.76 18.79 53.14
CA ASP D 30 -10.97 18.47 51.95
C ASP D 30 -9.50 18.28 52.27
N ALA D 31 -8.96 19.13 53.14
CA ALA D 31 -7.55 19.08 53.55
C ALA D 31 -7.24 17.86 54.42
N GLU D 32 -8.27 17.34 55.10
CA GLU D 32 -8.14 16.19 55.97
C GLU D 32 -7.91 14.90 55.18
N ILE D 33 -8.54 14.81 54.02
CA ILE D 33 -8.41 13.65 53.12
C ILE D 33 -7.05 13.66 52.42
N ILE D 34 -6.60 14.85 52.03
CA ILE D 34 -5.31 15.03 51.34
C ILE D 34 -4.13 14.68 52.25
N GLN D 35 -4.15 15.21 53.48
CA GLN D 35 -3.09 14.98 54.46
C GLN D 35 -3.06 13.53 54.96
N LEU D 36 -4.17 12.82 54.79
CA LEU D 36 -4.26 11.40 55.14
C LEU D 36 -3.46 10.53 54.18
N VAL D 37 -3.49 10.89 52.90
CA VAL D 37 -2.73 10.17 51.86
C VAL D 37 -1.26 10.60 51.89
N ASN D 38 -1.02 11.90 51.94
CA ASN D 38 0.33 12.45 51.99
C ASN D 38 0.94 12.32 53.39
N GLU D 48 -12.12 7.60 45.41
CA GLU D 48 -12.85 7.11 44.25
C GLU D 48 -14.35 6.95 44.56
N THR D 49 -14.65 6.20 45.62
CA THR D 49 -16.02 5.94 46.04
C THR D 49 -16.29 6.50 47.44
N LEU D 50 -15.20 6.78 48.16
CA LEU D 50 -15.27 7.29 49.54
C LEU D 50 -15.93 8.67 49.66
N ILE D 51 -15.69 9.52 48.65
CA ILE D 51 -16.20 10.89 48.66
C ILE D 51 -17.73 10.95 48.46
N GLU D 52 -18.27 9.90 47.83
CA GLU D 52 -19.72 9.76 47.56
C GLU D 52 -20.21 10.72 46.48
N THR D 53 -20.09 12.03 46.74
CA THR D 53 -20.44 13.05 45.75
C THR D 53 -19.38 13.17 44.67
N HIS D 54 -19.82 13.31 43.43
CA HIS D 54 -18.94 13.27 42.25
C HIS D 54 -18.03 14.49 42.13
N GLU D 55 -18.61 15.69 42.21
CA GLU D 55 -17.88 16.93 41.99
C GLU D 55 -16.77 17.18 43.01
N ARG D 56 -17.04 16.85 44.27
CA ARG D 56 -16.04 16.97 45.34
C ARG D 56 -14.88 15.99 45.12
N GLY D 57 -15.20 14.82 44.57
CA GLY D 57 -14.19 13.83 44.19
C GLY D 57 -13.23 14.36 43.14
N VAL D 58 -13.79 15.07 42.16
CA VAL D 58 -13.02 15.75 41.12
C VAL D 58 -12.19 16.88 41.73
N SER D 59 -12.80 17.62 42.65
CA SER D 59 -12.15 18.74 43.34
C SER D 59 -10.91 18.29 44.12
N ILE D 60 -11.05 17.22 44.89
CA ILE D 60 -9.95 16.67 45.69
C ILE D 60 -8.83 16.12 44.79
N ARG D 61 -9.22 15.41 43.74
CA ARG D 61 -8.25 14.86 42.77
C ARG D 61 -7.45 15.97 42.08
N ARG D 62 -8.12 17.08 41.77
CA ARG D 62 -7.46 18.28 41.22
C ARG D 62 -6.44 18.86 42.22
N GLN D 63 -6.83 18.91 43.48
CA GLN D 63 -5.96 19.43 44.55
C GLN D 63 -4.72 18.56 44.75
N LEU D 64 -4.90 17.23 44.67
CA LEU D 64 -3.80 16.28 44.76
C LEU D 64 -2.89 16.41 43.54
N LEU D 65 -3.49 16.63 42.37
CA LEU D 65 -2.75 16.80 41.13
C LEU D 65 -1.91 18.08 41.12
N SER D 66 -2.49 19.17 41.64
CA SER D 66 -1.84 20.48 41.64
C SER D 66 -0.44 20.47 42.27
N LYS D 67 -0.29 19.71 43.36
CA LYS D 67 0.98 19.61 44.09
C LYS D 67 2.02 18.76 43.37
N LYS D 68 1.63 18.15 42.25
CA LYS D 68 2.53 17.33 41.44
C LYS D 68 3.01 18.07 40.20
N LEU D 69 2.42 19.24 39.95
CA LEU D 69 2.72 20.03 38.75
C LEU D 69 3.71 21.16 39.06
N SER D 70 4.58 21.46 38.10
CA SER D 70 5.54 22.56 38.21
C SER D 70 4.83 23.90 38.46
N GLU D 71 3.69 24.08 37.80
CA GLU D 71 2.79 25.20 38.07
C GLU D 71 1.42 24.67 38.49
N PRO D 72 1.15 24.63 39.81
CA PRO D 72 -0.15 24.21 40.35
C PRO D 72 -1.32 25.02 39.80
N SER D 73 -1.07 26.27 39.42
CA SER D 73 -2.10 27.16 38.86
C SER D 73 -2.53 26.79 37.44
N SER D 74 -1.91 25.75 36.88
CA SER D 74 -2.24 25.26 35.53
C SER D 74 -3.72 24.92 35.39
N LEU D 75 -4.31 24.39 36.46
CA LEU D 75 -5.69 23.91 36.42
C LEU D 75 -6.75 25.01 36.53
N GLN D 76 -6.30 26.26 36.75
CA GLN D 76 -7.20 27.40 36.97
C GLN D 76 -8.30 27.54 35.91
N TYR D 77 -7.91 27.44 34.64
CA TYR D 77 -8.85 27.62 33.54
C TYR D 77 -9.36 26.31 32.93
N LEU D 78 -9.02 25.19 33.57
CA LEU D 78 -9.63 23.90 33.23
C LEU D 78 -10.92 23.77 34.05
N PRO D 79 -12.08 23.90 33.39
CA PRO D 79 -13.36 23.91 34.10
C PRO D 79 -13.76 22.53 34.61
N TYR D 80 -14.51 22.50 35.71
CA TYR D 80 -14.98 21.24 36.28
C TYR D 80 -16.33 21.36 36.98
N ARG D 81 -16.65 22.56 37.50
CA ARG D 81 -17.89 22.80 38.23
C ARG D 81 -19.14 22.61 37.37
N ASP D 82 -20.21 22.12 38.03
CA ASP D 82 -21.56 22.04 37.46
C ASP D 82 -21.76 21.04 36.32
N TYR D 83 -20.74 20.23 36.04
CA TYR D 83 -20.84 19.20 35.00
C TYR D 83 -21.43 17.90 35.54
N ASN D 84 -22.24 17.25 34.72
CA ASN D 84 -22.89 16.00 35.09
C ASN D 84 -21.96 14.79 35.03
N TYR D 85 -21.25 14.54 36.13
CA TYR D 85 -20.27 13.45 36.21
C TYR D 85 -20.88 12.07 36.44
N SER D 86 -22.17 12.03 36.79
CA SER D 86 -22.87 10.78 37.10
C SER D 86 -22.86 9.77 35.95
N LEU D 87 -22.94 10.28 34.72
CA LEU D 87 -22.92 9.44 33.53
C LEU D 87 -21.51 9.15 33.02
N VAL D 88 -20.52 9.82 33.61
CA VAL D 88 -19.12 9.67 33.20
C VAL D 88 -18.38 8.62 34.03
N MET D 89 -18.51 8.73 35.36
CA MET D 89 -17.78 7.87 36.29
C MET D 89 -18.13 6.39 36.11
N GLY D 90 -17.09 5.57 35.95
CA GLY D 90 -17.24 4.14 35.76
C GLY D 90 -17.85 3.75 34.42
N ALA D 91 -17.77 4.67 33.44
CA ALA D 91 -18.37 4.44 32.13
C ALA D 91 -17.56 5.02 30.97
N CYS D 92 -17.14 6.28 31.09
CA CYS D 92 -16.54 7.01 29.97
C CYS D 92 -15.12 7.52 30.20
N CYS D 93 -14.77 7.78 31.46
CA CYS D 93 -13.46 8.35 31.79
C CYS D 93 -13.06 8.04 33.24
N GLU D 94 -11.76 7.97 33.47
CA GLU D 94 -11.22 7.74 34.82
C GLU D 94 -10.25 8.85 35.18
N ASN D 95 -9.92 8.96 36.46
CA ASN D 95 -9.02 10.00 36.98
C ASN D 95 -9.44 11.40 36.51
N VAL D 96 -10.75 11.64 36.54
CA VAL D 96 -11.35 12.86 35.98
C VAL D 96 -10.96 14.11 36.77
N ILE D 97 -10.45 15.10 36.04
CA ILE D 97 -10.02 16.37 36.64
C ILE D 97 -10.82 17.56 36.07
N GLY D 98 -11.77 17.27 35.20
CA GLY D 98 -12.64 18.29 34.62
C GLY D 98 -13.13 17.93 33.23
N TYR D 99 -13.44 18.97 32.45
CA TYR D 99 -13.89 18.78 31.07
C TYR D 99 -13.25 19.79 30.12
N MET D 100 -13.12 19.39 28.86
CA MET D 100 -12.59 20.24 27.82
C MET D 100 -13.70 20.73 26.89
N PRO D 101 -13.99 22.05 26.91
CA PRO D 101 -15.01 22.58 26.02
C PRO D 101 -14.48 22.75 24.60
N ILE D 102 -15.13 22.07 23.66
CA ILE D 102 -14.80 22.20 22.24
C ILE D 102 -15.93 22.98 21.59
N PRO D 103 -15.61 24.12 20.95
CA PRO D 103 -16.63 24.95 20.28
C PRO D 103 -17.44 24.13 19.27
N VAL D 104 -18.76 24.30 19.29
CA VAL D 104 -19.65 23.61 18.38
C VAL D 104 -20.30 24.62 17.43
N GLY D 105 -20.08 24.41 16.13
CA GLY D 105 -20.72 25.21 15.09
C GLY D 105 -21.77 24.40 14.36
N VAL D 106 -22.59 25.08 13.56
CA VAL D 106 -23.61 24.40 12.77
C VAL D 106 -23.47 24.67 11.26
N ALA D 107 -23.48 23.59 10.49
CA ALA D 107 -23.47 23.69 9.03
C ALA D 107 -24.77 23.11 8.48
N GLY D 108 -25.45 23.89 7.64
CA GLY D 108 -26.71 23.45 7.05
C GLY D 108 -27.55 24.57 6.48
N PRO D 109 -28.75 24.23 5.97
CA PRO D 109 -29.29 22.87 5.90
C PRO D 109 -28.55 21.96 4.92
N LEU D 110 -28.32 20.72 5.33
CA LEU D 110 -27.82 19.69 4.43
C LEU D 110 -29.01 18.96 3.82
N CYS D 111 -29.25 19.21 2.53
CA CYS D 111 -30.34 18.59 1.81
C CYS D 111 -29.92 17.19 1.36
N LEU D 112 -30.42 16.19 2.07
CA LEU D 112 -30.01 14.81 1.86
C LEU D 112 -31.20 13.86 1.93
N ASP D 113 -31.38 13.09 0.85
CA ASP D 113 -32.47 12.11 0.74
C ASP D 113 -33.83 12.72 1.07
N GLU D 114 -34.11 13.86 0.43
CA GLU D 114 -35.39 14.59 0.59
C GLU D 114 -35.62 15.14 2.01
N LYS D 115 -34.59 15.08 2.84
CA LYS D 115 -34.64 15.64 4.20
C LYS D 115 -33.67 16.82 4.32
N GLU D 116 -33.79 17.57 5.40
CA GLU D 116 -32.88 18.68 5.69
C GLU D 116 -32.29 18.54 7.09
N PHE D 117 -30.96 18.59 7.17
CA PHE D 117 -30.24 18.39 8.43
C PHE D 117 -29.41 19.59 8.84
N GLN D 118 -29.41 19.88 10.13
CA GLN D 118 -28.54 20.91 10.70
C GLN D 118 -27.41 20.19 11.42
N VAL D 119 -26.23 20.18 10.80
CA VAL D 119 -25.12 19.33 11.23
C VAL D 119 -24.21 20.02 12.26
N PRO D 120 -24.15 19.47 13.48
CA PRO D 120 -23.27 20.00 14.52
C PRO D 120 -21.82 19.58 14.28
N MET D 121 -20.89 20.52 14.45
CA MET D 121 -19.47 20.27 14.20
C MET D 121 -18.62 20.87 15.31
N ALA D 122 -17.94 20.01 16.06
CA ALA D 122 -17.08 20.44 17.16
C ALA D 122 -15.63 20.55 16.68
N THR D 123 -15.12 21.77 16.64
CA THR D 123 -13.79 22.04 16.09
C THR D 123 -13.16 23.31 16.63
N THR D 124 -11.84 23.41 16.52
CA THR D 124 -11.12 24.64 16.80
C THR D 124 -10.36 25.13 15.56
N GLU D 125 -10.67 24.54 14.40
CA GLU D 125 -10.07 24.99 13.15
C GLU D 125 -10.95 26.05 12.47
N GLY D 126 -10.40 27.26 12.38
CA GLY D 126 -11.08 28.36 11.71
C GLY D 126 -11.41 28.05 10.26
N CYS D 127 -12.59 28.50 9.83
CA CYS D 127 -13.09 28.32 8.46
C CYS D 127 -13.71 26.96 8.15
N LEU D 128 -13.51 25.97 9.02
CA LEU D 128 -14.02 24.62 8.76
C LEU D 128 -15.55 24.56 8.68
N VAL D 129 -16.23 25.07 9.71
CA VAL D 129 -17.68 25.08 9.75
C VAL D 129 -18.24 25.93 8.62
N ALA D 130 -17.69 27.14 8.47
CA ALA D 130 -18.11 28.07 7.41
C ALA D 130 -17.92 27.50 6.01
N SER D 131 -16.79 26.84 5.77
CA SER D 131 -16.52 26.21 4.47
C SER D 131 -17.50 25.06 4.21
N THR D 132 -17.68 24.20 5.22
CA THR D 132 -18.64 23.09 5.11
C THR D 132 -20.05 23.62 4.85
N ASN D 133 -20.40 24.72 5.51
CA ASN D 133 -21.68 25.40 5.32
C ASN D 133 -21.90 25.88 3.88
N ARG D 134 -20.82 26.36 3.24
CA ARG D 134 -20.87 26.78 1.83
C ARG D 134 -21.13 25.60 0.91
N GLY D 135 -20.49 24.46 1.22
CA GLY D 135 -20.71 23.23 0.46
C GLY D 135 -22.15 22.74 0.55
N CYS D 136 -22.74 22.88 1.74
CA CYS D 136 -24.15 22.56 1.95
C CYS D 136 -25.06 23.43 1.09
N ARG D 137 -24.74 24.71 0.99
CA ARG D 137 -25.50 25.67 0.19
C ARG D 137 -25.46 25.30 -1.30
N ALA D 138 -24.29 24.89 -1.76
CA ALA D 138 -24.10 24.46 -3.15
C ALA D 138 -24.94 23.23 -3.48
N ILE D 139 -24.97 22.27 -2.56
CA ILE D 139 -25.80 21.07 -2.68
C ILE D 139 -27.29 21.43 -2.62
N GLY D 140 -27.64 22.32 -1.70
CA GLY D 140 -29.02 22.78 -1.51
C GLY D 140 -29.62 23.44 -2.73
N LEU D 141 -28.82 24.28 -3.40
CA LEU D 141 -29.25 24.95 -4.61
C LEU D 141 -29.16 24.04 -5.84
N GLY D 142 -28.61 22.85 -5.65
CA GLY D 142 -28.46 21.87 -6.73
C GLY D 142 -29.47 20.73 -6.72
N GLY D 143 -30.52 20.88 -5.92
CA GLY D 143 -31.59 19.87 -5.85
C GLY D 143 -31.39 18.83 -4.77
N GLY D 144 -30.29 18.92 -4.03
CA GLY D 144 -30.04 18.05 -2.88
C GLY D 144 -29.19 16.83 -3.18
N ALA D 145 -28.78 16.14 -2.12
CA ALA D 145 -27.93 14.96 -2.20
C ALA D 145 -28.72 13.67 -1.99
N SER D 146 -28.20 12.57 -2.54
CA SER D 146 -28.78 11.25 -2.35
C SER D 146 -27.71 10.29 -1.86
N SER D 147 -28.04 9.49 -0.85
CA SER D 147 -27.08 8.53 -0.27
C SER D 147 -27.67 7.14 -0.06
N ARG D 148 -26.79 6.15 0.04
CA ARG D 148 -27.18 4.76 0.29
C ARG D 148 -26.19 4.06 1.22
N VAL D 149 -26.71 3.31 2.18
CA VAL D 149 -25.88 2.43 3.00
C VAL D 149 -25.72 1.10 2.27
N LEU D 150 -24.47 0.75 1.97
CA LEU D 150 -24.14 -0.42 1.15
C LEU D 150 -23.90 -1.68 1.99
N ALA D 151 -23.38 -1.49 3.20
CA ALA D 151 -23.05 -2.59 4.09
C ALA D 151 -23.03 -2.12 5.54
N ASP D 152 -23.26 -3.05 6.47
CA ASP D 152 -23.25 -2.76 7.89
C ASP D 152 -22.71 -3.96 8.68
N GLY D 153 -21.61 -3.74 9.39
CA GLY D 153 -21.03 -4.79 10.23
C GLY D 153 -19.73 -4.37 10.89
N MET D 154 -19.77 -4.25 12.22
CA MET D 154 -18.56 -4.04 13.01
C MET D 154 -17.75 -5.33 13.04
N THR D 155 -16.43 -5.21 13.15
CA THR D 155 -15.55 -6.37 13.08
C THR D 155 -14.56 -6.47 14.24
N ARG D 156 -14.16 -7.70 14.56
CA ARG D 156 -13.04 -7.97 15.44
C ARG D 156 -12.22 -9.09 14.81
N GLY D 157 -10.90 -8.90 14.78
CA GLY D 157 -10.00 -9.84 14.11
C GLY D 157 -8.95 -10.44 15.01
N PRO D 158 -9.33 -11.43 15.84
CA PRO D 158 -8.36 -12.10 16.71
C PRO D 158 -7.30 -12.87 15.94
N VAL D 159 -6.17 -13.10 16.60
CA VAL D 159 -5.15 -14.02 16.12
C VAL D 159 -5.15 -15.26 16.99
N VAL D 160 -5.29 -16.42 16.36
CA VAL D 160 -5.15 -17.70 17.06
C VAL D 160 -3.94 -18.44 16.50
N ARG D 161 -3.37 -19.34 17.31
CA ARG D 161 -2.21 -20.11 16.90
C ARG D 161 -2.45 -21.61 17.09
N LEU D 162 -2.00 -22.38 16.11
CA LEU D 162 -2.06 -23.83 16.16
C LEU D 162 -0.63 -24.37 16.21
N PRO D 163 -0.45 -25.66 16.56
CA PRO D 163 0.91 -26.22 16.60
C PRO D 163 1.65 -26.13 15.27
N ARG D 164 0.95 -26.33 14.16
CA ARG D 164 1.55 -26.30 12.82
C ARG D 164 0.65 -25.61 11.80
N ALA D 165 1.24 -25.22 10.67
CA ALA D 165 0.50 -24.61 9.57
C ALA D 165 -0.55 -25.55 8.98
N CYS D 166 -0.25 -26.86 8.98
CA CYS D 166 -1.21 -27.87 8.57
C CYS D 166 -2.44 -27.87 9.48
N ASP D 167 -2.22 -27.58 10.77
CA ASP D 167 -3.29 -27.51 11.75
C ASP D 167 -4.15 -26.26 11.59
N SER D 168 -3.50 -25.10 11.38
CA SER D 168 -4.22 -23.85 11.13
C SER D 168 -5.02 -23.93 9.83
N ALA D 169 -4.45 -24.60 8.83
CA ALA D 169 -5.14 -24.88 7.57
C ALA D 169 -6.41 -25.69 7.80
N GLU D 170 -6.33 -26.69 8.70
CA GLU D 170 -7.47 -27.53 9.05
C GLU D 170 -8.60 -26.70 9.67
N VAL D 171 -8.23 -25.77 10.57
CA VAL D 171 -9.21 -24.90 11.22
C VAL D 171 -9.89 -23.99 10.20
N LYS D 172 -9.10 -23.42 9.28
CA LYS D 172 -9.63 -22.58 8.20
C LYS D 172 -10.68 -23.33 7.37
N ALA D 173 -10.33 -24.54 6.95
CA ALA D 173 -11.22 -25.40 6.17
C ALA D 173 -12.49 -25.74 6.96
N TRP D 174 -12.33 -26.01 8.25
CA TRP D 174 -13.44 -26.33 9.14
C TRP D 174 -14.41 -25.16 9.27
N LEU D 175 -13.87 -23.95 9.39
CA LEU D 175 -14.66 -22.73 9.46
C LEU D 175 -15.38 -22.43 8.15
N GLU D 176 -14.84 -22.95 7.04
CA GLU D 176 -15.39 -22.71 5.72
C GLU D 176 -16.53 -23.67 5.35
N THR D 177 -16.67 -24.75 6.12
CA THR D 177 -17.79 -25.68 5.96
C THR D 177 -19.07 -25.07 6.52
N SER D 178 -20.21 -25.44 5.92
CA SER D 178 -21.51 -24.94 6.35
C SER D 178 -21.81 -25.30 7.81
N GLU D 179 -21.52 -26.54 8.18
CA GLU D 179 -21.75 -27.03 9.54
C GLU D 179 -20.80 -26.41 10.57
N GLY D 180 -19.55 -26.20 10.17
CA GLY D 180 -18.55 -25.57 11.02
C GLY D 180 -18.88 -24.13 11.34
N PHE D 181 -19.32 -23.39 10.31
CA PHE D 181 -19.72 -21.99 10.46
C PHE D 181 -21.00 -21.86 11.31
N ALA D 182 -21.93 -22.80 11.13
CA ALA D 182 -23.20 -22.79 11.87
C ALA D 182 -22.99 -22.89 13.38
N VAL D 183 -22.05 -23.73 13.79
CA VAL D 183 -21.71 -23.92 15.20
C VAL D 183 -21.11 -22.65 15.81
N ILE D 184 -20.21 -22.02 15.06
CA ILE D 184 -19.56 -20.77 15.49
C ILE D 184 -20.56 -19.61 15.52
N LYS D 185 -21.44 -19.57 14.52
CA LYS D 185 -22.50 -18.55 14.45
C LYS D 185 -23.45 -18.65 15.65
N GLU D 186 -23.83 -19.89 15.99
CA GLU D 186 -24.70 -20.16 17.14
C GLU D 186 -24.10 -19.64 18.45
N ALA D 187 -22.81 -19.90 18.65
CA ALA D 187 -22.08 -19.43 19.83
C ALA D 187 -21.95 -17.91 19.86
N PHE D 188 -21.66 -17.33 18.69
CA PHE D 188 -21.54 -15.88 18.54
C PHE D 188 -22.86 -15.17 18.82
N ASP D 189 -23.92 -15.64 18.18
CA ASP D 189 -25.25 -15.01 18.25
C ASP D 189 -25.93 -15.13 19.62
N SER D 190 -25.49 -16.09 20.43
CA SER D 190 -26.06 -16.35 21.75
C SER D 190 -25.73 -15.26 22.78
N THR D 191 -24.70 -14.47 22.50
CA THR D 191 -24.20 -13.45 23.43
C THR D 191 -25.09 -12.20 23.52
N SER D 192 -25.78 -11.87 22.44
CA SER D 192 -26.60 -10.65 22.38
C SER D 192 -27.77 -10.76 21.41
N ARG D 193 -28.78 -9.92 21.63
CA ARG D 193 -29.97 -9.83 20.77
C ARG D 193 -29.60 -9.41 19.34
N PHE D 194 -28.63 -8.52 19.23
CA PHE D 194 -28.23 -7.94 17.94
C PHE D 194 -27.08 -8.70 17.26
N ALA D 195 -26.46 -9.63 18.00
CA ALA D 195 -25.37 -10.44 17.48
C ALA D 195 -25.87 -11.40 16.39
N ARG D 196 -25.45 -11.15 15.16
CA ARG D 196 -25.81 -11.97 14.01
C ARG D 196 -24.60 -12.09 13.09
N LEU D 197 -23.82 -13.15 13.31
CA LEU D 197 -22.55 -13.34 12.62
C LEU D 197 -22.70 -13.50 11.11
N GLN D 198 -21.96 -12.66 10.38
CA GLN D 198 -21.91 -12.72 8.92
C GLN D 198 -20.80 -13.68 8.48
N LYS D 199 -20.60 -13.80 7.17
CA LYS D 199 -19.58 -14.68 6.61
C LYS D 199 -18.18 -14.33 7.16
N LEU D 200 -17.48 -15.34 7.64
CA LEU D 200 -16.14 -15.16 8.21
C LEU D 200 -15.09 -14.92 7.14
N HIS D 201 -14.13 -14.04 7.45
CA HIS D 201 -12.97 -13.84 6.60
C HIS D 201 -11.73 -14.30 7.36
N THR D 202 -11.02 -15.26 6.77
CA THR D 202 -9.87 -15.89 7.44
C THR D 202 -8.59 -15.78 6.62
N SER D 203 -7.48 -15.50 7.30
CA SER D 203 -6.17 -15.46 6.67
C SER D 203 -5.15 -16.21 7.50
N ILE D 204 -4.39 -17.07 6.81
CA ILE D 204 -3.33 -17.85 7.45
C ILE D 204 -1.98 -17.14 7.30
N ALA D 205 -1.16 -17.26 8.33
CA ALA D 205 0.24 -16.90 8.28
C ALA D 205 1.01 -17.98 9.03
N GLY D 206 1.44 -19.01 8.30
CA GLY D 206 2.05 -20.18 8.92
C GLY D 206 1.07 -20.87 9.84
N ARG D 207 1.46 -21.05 11.11
CA ARG D 207 0.60 -21.67 12.11
C ARG D 207 -0.38 -20.68 12.75
N ASN D 208 -0.28 -19.40 12.37
CA ASN D 208 -1.22 -18.38 12.80
C ASN D 208 -2.47 -18.39 11.93
N LEU D 209 -3.62 -18.15 12.55
CA LEU D 209 -4.86 -17.94 11.82
C LEU D 209 -5.53 -16.66 12.30
N TYR D 210 -5.83 -15.78 11.36
CA TYR D 210 -6.50 -14.52 11.64
C TYR D 210 -7.94 -14.62 11.18
N ILE D 211 -8.86 -14.45 12.12
CA ILE D 211 -10.28 -14.62 11.84
C ILE D 211 -11.03 -13.30 12.04
N ARG D 212 -11.64 -12.80 10.98
CA ARG D 212 -12.38 -11.55 11.02
C ARG D 212 -13.86 -11.83 11.24
N PHE D 213 -14.31 -11.62 12.48
CA PHE D 213 -15.72 -11.77 12.83
C PHE D 213 -16.45 -10.46 12.50
N GLN D 214 -17.59 -10.58 11.81
CA GLN D 214 -18.38 -9.42 11.42
C GLN D 214 -19.86 -9.63 11.74
N SER D 215 -20.48 -8.60 12.31
CA SER D 215 -21.90 -8.63 12.64
C SER D 215 -22.47 -7.22 12.80
N ARG D 216 -23.77 -7.08 12.51
CA ARG D 216 -24.51 -5.87 12.84
C ARG D 216 -24.62 -5.73 14.36
N SER D 217 -24.92 -4.53 14.84
CA SER D 217 -24.89 -4.26 16.27
C SER D 217 -25.99 -3.29 16.70
N GLY D 218 -27.14 -3.37 16.04
CA GLY D 218 -28.21 -2.42 16.25
C GLY D 218 -27.73 -1.01 15.96
N ASP D 219 -27.96 -0.10 16.91
CA ASP D 219 -27.56 1.29 16.76
C ASP D 219 -26.23 1.62 17.45
N ALA D 220 -25.63 0.61 18.08
CA ALA D 220 -24.35 0.77 18.74
C ALA D 220 -23.20 0.67 17.73
N MET D 221 -22.08 1.29 18.05
CA MET D 221 -20.86 1.15 17.25
C MET D 221 -20.43 -0.32 17.24
N GLY D 222 -20.55 -0.98 18.40
CA GLY D 222 -20.54 -2.44 18.45
C GLY D 222 -19.28 -3.14 18.92
N MET D 223 -18.24 -2.39 19.25
CA MET D 223 -16.96 -3.00 19.65
C MET D 223 -17.07 -3.94 20.86
N ASN D 224 -17.80 -3.53 21.90
CA ASN D 224 -18.02 -4.38 23.06
C ASN D 224 -18.85 -5.62 22.72
N MET D 225 -19.91 -5.43 21.94
CA MET D 225 -20.80 -6.50 21.52
C MET D 225 -20.09 -7.54 20.66
N ILE D 226 -19.34 -7.07 19.66
CA ILE D 226 -18.58 -7.94 18.75
C ILE D 226 -17.48 -8.71 19.49
N SER D 227 -16.80 -8.02 20.42
CA SER D 227 -15.75 -8.64 21.23
C SER D 227 -16.29 -9.75 22.13
N LYS D 228 -17.47 -9.51 22.70
CA LYS D 228 -18.16 -10.50 23.54
C LYS D 228 -18.56 -11.72 22.71
N GLY D 229 -19.08 -11.48 21.51
CA GLY D 229 -19.45 -12.55 20.58
C GLY D 229 -18.24 -13.33 20.12
N THR D 230 -17.15 -12.61 19.81
CA THR D 230 -15.90 -13.21 19.38
C THR D 230 -15.32 -14.14 20.45
N GLU D 231 -15.30 -13.67 21.70
CA GLU D 231 -14.76 -14.45 22.82
C GLU D 231 -15.48 -15.78 23.01
N LYS D 232 -16.81 -15.74 22.92
CA LYS D 232 -17.63 -16.96 23.05
C LYS D 232 -17.46 -17.89 21.86
N ALA D 233 -17.34 -17.30 20.66
CA ALA D 233 -17.15 -18.06 19.43
C ALA D 233 -15.81 -18.79 19.42
N LEU D 234 -14.76 -18.12 19.92
CA LEU D 234 -13.42 -18.71 20.02
C LEU D 234 -13.38 -19.81 21.07
N SER D 235 -14.15 -19.64 22.15
CA SER D 235 -14.30 -20.65 23.19
C SER D 235 -14.94 -21.92 22.62
N LYS D 236 -15.92 -21.74 21.74
CA LYS D 236 -16.57 -22.85 21.06
C LYS D 236 -15.64 -23.53 20.06
N LEU D 237 -14.86 -22.73 19.35
CA LEU D 237 -13.86 -23.24 18.41
C LEU D 237 -12.79 -24.06 19.12
N HIS D 238 -12.46 -23.66 20.35
CA HIS D 238 -11.49 -24.37 21.17
C HIS D 238 -11.96 -25.77 21.58
N GLU D 239 -13.28 -25.96 21.63
CA GLU D 239 -13.85 -27.28 21.93
C GLU D 239 -13.54 -28.29 20.83
N TYR D 240 -13.50 -27.81 19.58
CA TYR D 240 -13.21 -28.65 18.42
C TYR D 240 -11.72 -28.78 18.16
N PHE D 241 -10.97 -27.72 18.50
CA PHE D 241 -9.53 -27.70 18.34
C PHE D 241 -8.85 -27.28 19.66
N PRO D 242 -8.67 -28.25 20.58
CA PRO D 242 -8.18 -27.96 21.93
C PRO D 242 -6.71 -27.50 22.00
N GLU D 243 -5.95 -27.73 20.93
CA GLU D 243 -4.55 -27.29 20.88
C GLU D 243 -4.40 -25.86 20.38
N MET D 244 -5.53 -25.23 20.01
CA MET D 244 -5.55 -23.85 19.57
C MET D 244 -5.29 -22.89 20.74
N GLN D 245 -4.35 -21.97 20.53
CA GLN D 245 -4.08 -20.92 21.50
C GLN D 245 -4.66 -19.61 21.00
N ILE D 246 -5.50 -18.98 21.83
CA ILE D 246 -5.97 -17.63 21.55
C ILE D 246 -4.89 -16.67 22.03
N LEU D 247 -4.12 -16.14 21.08
CA LEU D 247 -3.01 -15.26 21.41
C LEU D 247 -3.49 -13.86 21.80
N ALA D 248 -4.43 -13.33 21.03
CA ALA D 248 -5.05 -12.03 21.33
C ALA D 248 -6.43 -11.94 20.68
N VAL D 249 -7.39 -11.42 21.44
CA VAL D 249 -8.76 -11.23 20.93
C VAL D 249 -8.79 -10.19 19.80
N SER D 250 -7.78 -9.32 19.76
CA SER D 250 -7.51 -8.48 18.59
C SER D 250 -6.10 -8.72 18.10
N GLY D 251 -5.99 -9.30 16.90
CA GLY D 251 -4.71 -9.50 16.26
C GLY D 251 -4.46 -8.49 15.16
N ASN D 252 -5.06 -7.31 15.31
CA ASN D 252 -4.98 -6.21 14.32
C ASN D 252 -5.58 -6.52 12.95
N TYR D 253 -6.43 -7.54 12.89
CA TYR D 253 -7.06 -7.96 11.64
C TYR D 253 -8.48 -7.39 11.50
N CYS D 254 -8.87 -6.56 12.44
CA CYS D 254 -10.22 -5.98 12.50
C CYS D 254 -10.54 -5.05 11.32
N THR D 255 -9.78 -3.98 11.08
CA THR D 255 -8.70 -3.47 11.93
C THR D 255 -9.21 -2.22 12.64
N ASP D 256 -8.95 -2.12 13.93
CA ASP D 256 -9.45 -1.00 14.73
C ASP D 256 -8.38 0.06 14.99
N LYS D 257 -8.67 1.28 14.54
CA LYS D 257 -7.88 2.48 14.88
C LYS D 257 -6.44 2.51 14.32
N LYS D 258 -6.19 1.68 13.31
CA LYS D 258 -4.96 1.74 12.51
C LYS D 258 -5.35 1.71 11.04
N PRO D 259 -4.58 2.39 10.18
CA PRO D 259 -4.86 2.31 8.75
C PRO D 259 -4.67 0.88 8.26
N ALA D 260 -5.64 0.36 7.49
CA ALA D 260 -5.55 -1.00 6.97
C ALA D 260 -6.33 -1.16 5.68
N ALA D 261 -5.69 -1.77 4.69
CA ALA D 261 -6.32 -2.03 3.40
C ALA D 261 -7.56 -2.92 3.53
N ILE D 262 -7.58 -3.79 4.53
CA ILE D 262 -8.73 -4.68 4.74
C ILE D 262 -10.03 -3.90 4.99
N ASN D 263 -9.96 -2.79 5.72
CA ASN D 263 -11.12 -1.94 5.98
C ASN D 263 -11.60 -1.26 4.70
N TRP D 264 -10.63 -0.86 3.88
CA TRP D 264 -10.90 -0.20 2.61
C TRP D 264 -11.58 -1.15 1.62
N ILE D 265 -11.11 -2.39 1.57
CA ILE D 265 -11.59 -3.39 0.60
C ILE D 265 -12.84 -4.14 1.09
N GLU D 266 -12.82 -4.56 2.35
CA GLU D 266 -13.93 -5.35 2.92
C GLU D 266 -15.01 -4.51 3.60
N GLY D 267 -14.66 -3.28 3.96
CA GLY D 267 -15.54 -2.43 4.75
C GLY D 267 -15.47 -2.74 6.24
N ARG D 268 -15.82 -1.76 7.06
CA ARG D 268 -15.94 -1.94 8.51
C ARG D 268 -16.97 -0.93 9.02
N GLY D 269 -17.89 -1.42 9.87
CA GLY D 269 -19.01 -0.59 10.30
C GLY D 269 -19.94 -0.36 9.12
N LYS D 270 -20.19 0.92 8.81
CA LYS D 270 -21.10 1.29 7.73
C LYS D 270 -20.33 1.66 6.46
N SER D 271 -20.71 1.04 5.33
CA SER D 271 -20.21 1.43 4.03
C SER D 271 -21.26 2.31 3.37
N VAL D 272 -20.88 3.53 2.99
CA VAL D 272 -21.84 4.52 2.50
C VAL D 272 -21.38 5.17 1.21
N VAL D 273 -22.34 5.50 0.35
CA VAL D 273 -22.08 6.30 -0.85
C VAL D 273 -23.09 7.45 -0.89
N CYS D 274 -22.64 8.60 -1.38
CA CYS D 274 -23.51 9.77 -1.54
C CYS D 274 -23.14 10.56 -2.78
N GLU D 275 -24.12 11.24 -3.37
CA GLU D 275 -23.93 11.92 -4.65
C GLU D 275 -24.79 13.18 -4.76
N ALA D 276 -24.38 14.07 -5.65
CA ALA D 276 -25.16 15.26 -6.01
C ALA D 276 -24.74 15.78 -7.37
N VAL D 277 -25.61 16.56 -8.00
CA VAL D 277 -25.27 17.29 -9.21
C VAL D 277 -25.40 18.78 -8.92
N ILE D 278 -24.32 19.51 -9.15
CA ILE D 278 -24.30 20.95 -8.90
C ILE D 278 -24.35 21.70 -10.23
N PRO D 279 -25.40 22.52 -10.42
CA PRO D 279 -25.56 23.29 -11.66
C PRO D 279 -24.39 24.23 -11.90
N ALA D 280 -24.04 24.42 -13.17
CA ALA D 280 -22.93 25.28 -13.58
C ALA D 280 -22.99 26.67 -12.91
N LYS D 281 -24.20 27.23 -12.85
CA LYS D 281 -24.44 28.54 -12.23
C LYS D 281 -24.07 28.56 -10.75
N VAL D 282 -24.43 27.48 -10.04
CA VAL D 282 -24.17 27.35 -8.60
C VAL D 282 -22.67 27.20 -8.33
N VAL D 283 -21.98 26.43 -9.19
CA VAL D 283 -20.52 26.27 -9.10
C VAL D 283 -19.83 27.63 -9.26
N ARG D 284 -20.37 28.45 -10.16
CA ARG D 284 -19.81 29.78 -10.45
C ARG D 284 -20.07 30.77 -9.32
N GLU D 285 -21.33 30.85 -8.88
CA GLU D 285 -21.76 31.88 -7.94
C GLU D 285 -21.47 31.57 -6.47
N VAL D 286 -21.72 30.32 -6.07
CA VAL D 286 -21.52 29.90 -4.68
C VAL D 286 -20.08 29.46 -4.41
N LEU D 287 -19.54 28.63 -5.32
CA LEU D 287 -18.21 28.03 -5.12
C LEU D 287 -17.06 28.82 -5.75
N LYS D 288 -17.40 29.86 -6.52
CA LYS D 288 -16.42 30.77 -7.13
C LYS D 288 -15.41 30.08 -8.05
N THR D 289 -15.88 29.09 -8.80
CA THR D 289 -15.03 28.31 -9.71
C THR D 289 -15.85 27.77 -10.90
N THR D 290 -15.25 26.86 -11.67
CA THR D 290 -15.94 26.22 -12.78
C THR D 290 -15.93 24.70 -12.62
N THR D 291 -16.90 24.04 -13.26
CA THR D 291 -16.98 22.58 -13.28
C THR D 291 -15.69 21.96 -13.82
N GLU D 292 -15.17 22.53 -14.92
CA GLU D 292 -13.93 22.09 -15.54
C GLU D 292 -12.75 22.14 -14.57
N ALA D 293 -12.64 23.24 -13.83
CA ALA D 293 -11.56 23.43 -12.85
C ALA D 293 -11.65 22.43 -11.71
N MET D 294 -12.87 22.18 -11.24
CA MET D 294 -13.13 21.23 -10.15
C MET D 294 -12.70 19.80 -10.52
N ILE D 295 -13.05 19.39 -11.74
CA ILE D 295 -12.72 18.04 -12.24
C ILE D 295 -11.20 17.85 -12.38
N GLU D 296 -10.52 18.85 -12.96
CA GLU D 296 -9.07 18.79 -13.14
C GLU D 296 -8.33 18.73 -11.80
N VAL D 297 -8.79 19.49 -10.83
CA VAL D 297 -8.20 19.46 -9.48
C VAL D 297 -8.49 18.13 -8.79
N ASN D 298 -9.72 17.62 -8.93
CA ASN D 298 -10.08 16.34 -8.31
C ASN D 298 -9.26 15.17 -8.84
N ILE D 299 -9.10 15.10 -10.16
CA ILE D 299 -8.31 14.04 -10.78
C ILE D 299 -6.85 14.10 -10.30
N ASN D 300 -6.26 15.28 -10.36
CA ASN D 300 -4.83 15.43 -10.14
C ASN D 300 -4.40 15.58 -8.67
N LYS D 301 -5.35 15.91 -7.80
CA LYS D 301 -5.11 15.96 -6.36
C LYS D 301 -5.57 14.67 -5.68
N ASN D 302 -6.87 14.39 -5.80
CA ASN D 302 -7.48 13.27 -5.07
C ASN D 302 -7.18 11.89 -5.61
N LEU D 303 -6.90 11.79 -6.91
CA LEU D 303 -6.54 10.51 -7.50
C LEU D 303 -5.03 10.40 -7.71
N VAL D 304 -4.49 11.22 -8.61
CA VAL D 304 -3.07 11.15 -8.95
C VAL D 304 -2.17 11.58 -7.79
N GLY D 305 -2.53 12.68 -7.12
CA GLY D 305 -1.78 13.16 -5.96
C GLY D 305 -1.68 12.16 -4.83
N SER D 306 -2.83 11.60 -4.45
CA SER D 306 -2.87 10.56 -3.42
C SER D 306 -2.12 9.30 -3.85
N ALA D 307 -2.19 8.99 -5.14
CA ALA D 307 -1.43 7.87 -5.71
C ALA D 307 0.06 8.10 -5.58
N MET D 308 0.54 9.29 -5.93
CA MET D 308 1.96 9.63 -5.83
C MET D 308 2.45 9.60 -4.37
N ALA D 309 1.54 9.88 -3.45
CA ALA D 309 1.84 9.92 -2.01
C ALA D 309 1.84 8.54 -1.36
N GLY D 310 1.39 7.53 -2.10
CA GLY D 310 1.29 6.16 -1.59
C GLY D 310 0.17 6.00 -0.60
N SER D 311 -1.00 6.54 -0.93
CA SER D 311 -2.17 6.47 -0.07
C SER D 311 -3.00 5.21 -0.32
N ILE D 312 -3.44 4.59 0.77
CA ILE D 312 -4.47 3.56 0.72
C ILE D 312 -5.70 4.13 1.40
N GLY D 313 -6.72 4.42 0.60
CA GLY D 313 -8.00 4.91 1.12
C GLY D 313 -8.12 6.41 1.31
N GLY D 314 -7.07 7.16 1.00
CA GLY D 314 -7.05 8.61 1.21
C GLY D 314 -7.23 9.41 -0.06
N TYR D 315 -8.22 9.04 -0.85
CA TYR D 315 -8.46 9.66 -2.15
C TYR D 315 -9.49 10.79 -2.04
N ASN D 316 -9.21 11.74 -1.15
CA ASN D 316 -10.12 12.83 -0.83
C ASN D 316 -9.34 14.06 -0.36
N ALA D 317 -10.03 15.19 -0.21
CA ALA D 317 -9.40 16.42 0.25
C ALA D 317 -9.25 16.48 1.76
N HIS D 318 -10.37 16.40 2.48
CA HIS D 318 -10.35 16.53 3.93
C HIS D 318 -11.55 15.88 4.63
N ALA D 319 -11.92 14.68 4.18
CA ALA D 319 -12.98 13.90 4.83
C ALA D 319 -12.77 13.83 6.34
N ALA D 320 -11.50 13.67 6.75
CA ALA D 320 -11.11 13.61 8.16
C ALA D 320 -11.57 14.82 8.98
N ASN D 321 -11.52 16.01 8.39
CA ASN D 321 -11.98 17.24 9.06
C ASN D 321 -13.44 17.15 9.47
N ILE D 322 -14.28 16.70 8.56
CA ILE D 322 -15.71 16.60 8.77
C ILE D 322 -16.05 15.45 9.72
N VAL D 323 -15.44 14.29 9.47
CA VAL D 323 -15.63 13.12 10.33
C VAL D 323 -15.29 13.45 11.79
N THR D 324 -14.11 14.03 12.01
CA THR D 324 -13.66 14.36 13.36
C THR D 324 -14.59 15.35 14.05
N ALA D 325 -15.00 16.39 13.33
CA ALA D 325 -15.87 17.44 13.86
C ALA D 325 -17.24 16.90 14.29
N ILE D 326 -17.85 16.09 13.43
CA ILE D 326 -19.13 15.44 13.76
C ILE D 326 -18.96 14.43 14.89
N TYR D 327 -17.89 13.65 14.82
CA TYR D 327 -17.60 12.62 15.83
C TYR D 327 -17.48 13.18 17.25
N ILE D 328 -16.72 14.27 17.39
CA ILE D 328 -16.55 14.91 18.70
C ILE D 328 -17.88 15.51 19.18
N ALA D 329 -18.62 16.14 18.28
CA ALA D 329 -19.90 16.75 18.61
C ALA D 329 -20.96 15.70 19.01
N CYS D 330 -20.93 14.55 18.36
CA CYS D 330 -21.97 13.53 18.52
C CYS D 330 -21.59 12.33 19.41
N GLY D 331 -20.53 12.50 20.21
CA GLY D 331 -20.14 11.48 21.19
C GLY D 331 -19.57 10.19 20.65
N GLN D 332 -19.00 10.27 19.45
CA GLN D 332 -18.37 9.12 18.82
C GLN D 332 -16.95 8.92 19.35
N ASP D 333 -16.34 7.80 18.97
CA ASP D 333 -14.95 7.52 19.32
C ASP D 333 -14.08 8.22 18.28
N ALA D 334 -13.54 9.38 18.65
CA ALA D 334 -12.80 10.22 17.72
C ALA D 334 -11.52 9.55 17.20
N ALA D 335 -10.99 8.59 17.96
CA ALA D 335 -9.82 7.82 17.53
C ALA D 335 -10.11 6.98 16.29
N GLN D 336 -11.40 6.69 16.07
CA GLN D 336 -11.81 5.92 14.89
C GLN D 336 -11.89 6.76 13.61
N ASN D 337 -11.52 8.04 13.69
CA ASN D 337 -11.40 8.86 12.49
C ASN D 337 -10.30 8.33 11.55
N VAL D 338 -9.39 7.54 12.10
CA VAL D 338 -8.32 6.91 11.31
C VAL D 338 -8.92 6.16 10.12
N GLY D 339 -9.82 5.22 10.42
CA GLY D 339 -10.47 4.41 9.38
C GLY D 339 -11.78 4.98 8.89
N SER D 340 -12.52 5.66 9.76
CA SER D 340 -13.82 6.23 9.39
C SER D 340 -13.74 7.29 8.30
N SER D 341 -12.58 7.94 8.19
CA SER D 341 -12.38 8.99 7.19
C SER D 341 -11.94 8.46 5.82
N ASN D 342 -11.79 7.15 5.68
CA ASN D 342 -11.54 6.52 4.37
C ASN D 342 -12.58 6.99 3.37
N CYS D 343 -12.12 7.54 2.25
CA CYS D 343 -13.02 8.19 1.29
C CYS D 343 -12.37 8.36 -0.08
N ILE D 344 -13.14 8.04 -1.12
CA ILE D 344 -12.77 8.40 -2.49
C ILE D 344 -13.78 9.40 -3.05
N THR D 345 -13.28 10.57 -3.43
CA THR D 345 -14.11 11.63 -3.98
C THR D 345 -13.96 11.66 -5.49
N LEU D 346 -15.09 11.57 -6.19
CA LEU D 346 -15.10 11.53 -7.64
C LEU D 346 -15.93 12.67 -8.22
N MET D 347 -15.43 13.26 -9.29
CA MET D 347 -16.11 14.36 -9.98
C MET D 347 -16.06 14.19 -11.49
N GLU D 348 -17.19 14.45 -12.15
CA GLU D 348 -17.26 14.45 -13.61
C GLU D 348 -18.30 15.45 -14.10
N ALA D 349 -18.22 15.76 -15.40
CA ALA D 349 -19.17 16.68 -16.04
C ALA D 349 -20.52 15.99 -16.25
N SER D 350 -21.59 16.75 -16.08
CA SER D 350 -22.94 16.22 -16.16
C SER D 350 -23.88 17.22 -16.83
N GLY D 351 -25.08 16.76 -17.17
CA GLY D 351 -26.10 17.62 -17.78
C GLY D 351 -26.08 17.61 -19.31
N PRO D 352 -27.10 18.25 -19.93
CA PRO D 352 -27.22 18.30 -21.39
C PRO D 352 -26.08 19.05 -22.08
N THR D 353 -25.63 20.14 -21.46
CA THR D 353 -24.53 20.94 -22.00
C THR D 353 -23.17 20.46 -21.48
N ASN D 354 -23.19 19.43 -20.63
CA ASN D 354 -22.00 18.84 -20.03
C ASN D 354 -21.18 19.84 -19.20
N GLU D 355 -21.88 20.76 -18.54
CA GLU D 355 -21.25 21.84 -17.78
C GLU D 355 -21.63 21.84 -16.30
N ASP D 356 -22.49 20.92 -15.90
CA ASP D 356 -22.85 20.74 -14.49
C ASP D 356 -21.87 19.78 -13.82
N LEU D 357 -21.74 19.89 -12.50
CA LEU D 357 -20.76 19.09 -11.76
C LEU D 357 -21.40 17.94 -10.98
N TYR D 358 -21.11 16.71 -11.41
CA TYR D 358 -21.49 15.53 -10.65
C TYR D 358 -20.38 15.21 -9.67
N ILE D 359 -20.75 15.04 -8.40
CA ILE D 359 -19.81 14.65 -7.35
C ILE D 359 -20.33 13.44 -6.58
N SER D 360 -19.43 12.53 -6.24
CA SER D 360 -19.75 11.41 -5.37
C SER D 360 -18.67 11.20 -4.33
N CYS D 361 -19.08 10.79 -3.14
CA CYS D 361 -18.15 10.40 -2.08
C CYS D 361 -18.50 8.99 -1.62
N THR D 362 -17.51 8.12 -1.60
CA THR D 362 -17.69 6.74 -1.16
C THR D 362 -16.83 6.47 0.06
N MET D 363 -17.47 6.07 1.15
CA MET D 363 -16.81 5.86 2.43
C MET D 363 -17.14 4.46 2.96
N PRO D 364 -16.23 3.49 2.75
CA PRO D 364 -16.52 2.09 3.03
C PRO D 364 -16.41 1.66 4.50
N SER D 365 -15.90 2.53 5.36
CA SER D 365 -15.60 2.11 6.74
C SER D 365 -15.95 3.13 7.84
N ILE D 366 -17.16 3.67 7.78
CA ILE D 366 -17.65 4.58 8.82
C ILE D 366 -18.02 3.80 10.08
N GLU D 367 -17.24 4.00 11.14
CA GLU D 367 -17.44 3.33 12.42
C GLU D 367 -18.20 4.29 13.34
N ILE D 368 -19.48 3.98 13.57
CA ILE D 368 -20.40 4.95 14.15
C ILE D 368 -21.52 4.30 14.98
N GLY D 369 -22.04 5.04 15.95
CA GLY D 369 -23.13 4.56 16.80
C GLY D 369 -23.95 5.70 17.39
N THR D 370 -25.16 5.36 17.86
CA THR D 370 -26.05 6.34 18.48
C THR D 370 -26.48 5.94 19.89
N VAL D 371 -26.03 4.76 20.32
CA VAL D 371 -26.13 4.32 21.72
C VAL D 371 -24.75 3.86 22.22
N GLY D 372 -24.53 4.00 23.52
CA GLY D 372 -23.28 3.56 24.14
C GLY D 372 -22.15 4.56 24.06
N GLY D 373 -21.14 4.36 24.89
CA GLY D 373 -19.96 5.23 24.92
C GLY D 373 -20.28 6.68 25.22
N GLY D 374 -19.74 7.57 24.39
CA GLY D 374 -19.94 9.01 24.57
C GLY D 374 -21.35 9.49 24.25
N THR D 375 -22.11 8.66 23.56
CA THR D 375 -23.49 9.01 23.19
C THR D 375 -24.46 8.87 24.37
N ASN D 376 -23.96 8.40 25.51
CA ASN D 376 -24.74 8.32 26.74
C ASN D 376 -24.81 9.64 27.50
N LEU D 377 -23.92 10.58 27.15
CA LEU D 377 -23.84 11.87 27.83
C LEU D 377 -24.82 12.86 27.21
N LEU D 378 -25.44 13.68 28.05
CA LEU D 378 -26.52 14.59 27.63
C LEU D 378 -26.12 15.66 26.58
N PRO D 379 -24.96 16.33 26.74
CA PRO D 379 -24.57 17.29 25.71
C PRO D 379 -24.36 16.64 24.34
N GLN D 380 -23.72 15.48 24.33
CA GLN D 380 -23.53 14.70 23.11
C GLN D 380 -24.86 14.23 22.53
N GLN D 381 -25.81 13.88 23.40
CA GLN D 381 -27.16 13.49 23.00
C GLN D 381 -27.91 14.64 22.34
N ALA D 382 -27.61 15.86 22.78
CA ALA D 382 -28.21 17.08 22.22
C ALA D 382 -27.90 17.22 20.73
N CYS D 383 -26.64 17.00 20.36
CA CYS D 383 -26.22 17.09 18.96
C CYS D 383 -26.78 15.95 18.13
N LEU D 384 -26.92 14.77 18.74
CA LEU D 384 -27.56 13.63 18.10
C LEU D 384 -29.05 13.91 17.86
N GLN D 385 -29.68 14.55 18.83
CA GLN D 385 -31.10 14.93 18.73
C GLN D 385 -31.36 15.98 17.66
N MET D 386 -30.38 16.86 17.44
CA MET D 386 -30.43 17.85 16.36
C MET D 386 -30.67 17.18 15.01
N LEU D 387 -30.02 16.02 14.83
CA LEU D 387 -30.09 15.26 13.59
C LEU D 387 -31.20 14.21 13.61
N GLY D 388 -31.87 14.10 14.76
CA GLY D 388 -32.96 13.14 14.95
C GLY D 388 -32.53 11.68 14.97
N VAL D 389 -31.31 11.44 15.43
CA VAL D 389 -30.72 10.09 15.43
C VAL D 389 -30.34 9.59 16.83
N GLN D 390 -30.72 10.33 17.86
CA GLN D 390 -30.33 9.99 19.24
C GLN D 390 -30.97 8.68 19.72
N GLY D 391 -30.14 7.83 20.32
CA GLY D 391 -30.61 6.59 20.93
C GLY D 391 -30.87 5.48 19.94
N ALA D 392 -31.43 4.38 20.45
CA ALA D 392 -31.75 3.22 19.63
C ALA D 392 -33.10 3.41 18.95
N CYS D 393 -33.18 2.97 17.69
CA CYS D 393 -34.43 2.99 16.96
C CYS D 393 -35.22 1.72 17.29
N LYS D 394 -36.36 1.90 17.95
CA LYS D 394 -37.19 0.79 18.42
C LYS D 394 -37.82 0.00 17.28
N ASP D 395 -38.46 0.70 16.37
CA ASP D 395 -39.17 0.08 15.24
C ASP D 395 -38.23 -0.54 14.21
N ASN D 396 -37.05 0.07 14.04
CA ASN D 396 -36.08 -0.38 13.05
C ASN D 396 -34.65 -0.33 13.60
N PRO D 397 -34.24 -1.40 14.33
CA PRO D 397 -32.90 -1.46 14.94
C PRO D 397 -31.77 -1.19 13.93
N GLY D 398 -30.96 -0.17 14.21
CA GLY D 398 -29.86 0.20 13.33
C GLY D 398 -30.11 1.43 12.47
N GLU D 399 -31.38 1.83 12.35
CA GLU D 399 -31.77 2.95 11.49
C GLU D 399 -31.13 4.29 11.87
N ASN D 400 -31.02 4.54 13.17
CA ASN D 400 -30.43 5.79 13.66
C ASN D 400 -28.92 5.88 13.36
N ALA D 401 -28.20 4.79 13.58
CA ALA D 401 -26.78 4.72 13.26
C ALA D 401 -26.54 4.80 11.76
N ARG D 402 -27.36 4.10 10.98
CA ARG D 402 -27.30 4.15 9.52
C ARG D 402 -27.57 5.56 9.00
N GLN D 403 -28.58 6.23 9.57
CA GLN D 403 -28.89 7.60 9.20
C GLN D 403 -27.72 8.55 9.48
N LEU D 404 -27.13 8.42 10.68
CA LEU D 404 -26.00 9.25 11.06
C LEU D 404 -24.80 9.05 10.12
N ALA D 405 -24.57 7.80 9.70
CA ALA D 405 -23.52 7.48 8.74
C ALA D 405 -23.79 8.14 7.39
N ARG D 406 -25.05 8.16 6.96
CA ARG D 406 -25.45 8.83 5.73
C ARG D 406 -25.22 10.34 5.84
N ILE D 407 -25.53 10.92 7.00
CA ILE D 407 -25.30 12.32 7.29
C ILE D 407 -23.81 12.66 7.24
N VAL D 408 -22.99 11.80 7.84
CA VAL D 408 -21.54 11.96 7.82
C VAL D 408 -21.00 11.99 6.39
N CYS D 409 -21.40 11.01 5.58
CA CYS D 409 -20.98 10.93 4.18
C CYS D 409 -21.43 12.15 3.38
N GLY D 410 -22.68 12.57 3.59
CA GLY D 410 -23.24 13.75 2.95
C GLY D 410 -22.51 15.02 3.30
N THR D 411 -22.19 15.18 4.59
CA THR D 411 -21.48 16.36 5.09
C THR D 411 -20.03 16.36 4.58
N VAL D 412 -19.40 15.19 4.51
CA VAL D 412 -18.09 15.03 3.88
C VAL D 412 -18.10 15.58 2.45
N MET D 413 -19.12 15.20 1.69
CA MET D 413 -19.28 15.67 0.31
C MET D 413 -19.41 17.20 0.22
N ALA D 414 -20.17 17.78 1.15
CA ALA D 414 -20.27 19.24 1.26
C ALA D 414 -18.90 19.87 1.51
N GLY D 415 -18.15 19.28 2.45
CA GLY D 415 -16.79 19.73 2.76
C GLY D 415 -15.85 19.59 1.57
N GLU D 416 -15.96 18.48 0.86
CA GLU D 416 -15.15 18.23 -0.34
C GLU D 416 -15.42 19.31 -1.38
N LEU D 417 -16.70 19.57 -1.62
CA LEU D 417 -17.15 20.56 -2.60
C LEU D 417 -16.55 21.94 -2.33
N SER D 418 -16.60 22.39 -1.08
CA SER D 418 -16.12 23.72 -0.73
C SER D 418 -14.59 23.85 -0.74
N LEU D 419 -13.88 22.88 -0.16
CA LEU D 419 -12.42 22.94 -0.13
C LEU D 419 -11.81 22.81 -1.53
N MET D 420 -12.34 21.90 -2.34
CA MET D 420 -11.87 21.73 -3.71
C MET D 420 -12.05 22.99 -4.53
N ALA D 421 -13.18 23.67 -4.31
CA ALA D 421 -13.47 24.95 -4.96
C ALA D 421 -12.45 26.01 -4.56
N ALA D 422 -12.12 26.06 -3.27
CA ALA D 422 -11.12 26.99 -2.74
C ALA D 422 -9.75 26.75 -3.36
N LEU D 423 -9.40 25.48 -3.51
CA LEU D 423 -8.12 25.10 -4.12
C LEU D 423 -8.10 25.37 -5.63
N ALA D 424 -9.21 25.08 -6.30
CA ALA D 424 -9.34 25.30 -7.74
C ALA D 424 -9.30 26.78 -8.11
N ALA D 425 -9.94 27.61 -7.28
CA ALA D 425 -9.98 29.06 -7.50
C ALA D 425 -8.67 29.74 -7.10
N GLY D 426 -7.91 29.09 -6.23
CA GLY D 426 -6.62 29.59 -5.78
C GLY D 426 -6.75 30.62 -4.68
S SO4 E . -4.97 -19.32 -19.64
O1 SO4 E . -5.33 -20.30 -18.62
O2 SO4 E . -3.55 -19.47 -19.97
O3 SO4 E . -5.21 -17.97 -19.14
O4 SO4 E . -5.78 -19.54 -20.83
N3 RIE F . -6.04 -8.68 -23.59
C4 RIE F . -4.74 -9.00 -23.45
C5 RIE F . -4.11 -8.39 -24.67
C6 RIE F . -2.68 -8.38 -25.09
C7 RIE F . -4.10 -9.76 -22.32
C8 RIE F . -3.52 -8.75 -21.33
C10 RIE F . -2.96 -8.31 -18.93
C13 RIE F . -1.93 -7.25 -24.38
C15 RIE F . -8.77 -10.55 -21.99
C17 RIE F . -4.18 -8.21 -29.98
C20 RIE F . -3.22 -8.57 -30.94
C21 RIE F . -7.41 -8.16 -21.70
C24 RIE F . -8.44 -8.48 -20.81
C26 RIE F . -4.24 -5.98 -30.90
O2 RIE F . -4.35 -6.05 -26.67
C3 RIE F . -5.11 -7.00 -26.68
N2 RIE F . -5.86 -7.32 -27.77
C1 RIE F . -5.72 -6.49 -28.97
C16 RIE F . -7.07 -6.31 -29.67
C32 RIE F . -4.70 -6.91 -29.96
C23 RIE F . -3.30 -6.33 -31.85
C29 RIE F . -2.79 -7.62 -31.87
C14 RIE F . -6.81 -8.43 -27.81
C2 RIE F . -5.25 -7.77 -25.41
C12 RIE F . -2.00 -9.72 -24.87
C27 RIE F . -7.01 -9.02 -22.74
C18 RIE F . -7.73 -10.21 -22.86
C30 RIE F . -9.12 -9.69 -20.97
F1 RIE F . -10.12 -10.01 -20.13
N4 RIE F . -6.39 -7.96 -24.73
C9 RIE F . -3.11 -9.38 -20.01
O4 RIE F . -1.84 -10.03 -20.17
C11 RIE F . -4.30 -7.81 -18.37
O3 RIE F . -4.94 -8.86 -17.63
C35 RIE F . -4.04 -6.63 -17.45
C36 RIE F . -5.33 -5.92 -17.11
O6 RIE F . -5.85 -5.17 -17.97
O7 RIE F . -5.84 -6.12 -15.98
S SO4 G . 25.08 -6.22 -11.18
O1 SO4 G . 24.32 -6.17 -9.93
O2 SO4 G . 26.38 -6.83 -10.91
O3 SO4 G . 25.29 -4.86 -11.68
O4 SO4 G . 24.35 -7.00 -12.17
N3 RIE H . 23.00 -12.76 -1.94
C4 RIE H . 22.27 -13.20 -2.98
C5 RIE H . 22.32 -14.69 -2.83
C6 RIE H . 21.71 -15.75 -3.69
C7 RIE H . 21.58 -12.35 -4.02
C8 RIE H . 20.13 -12.18 -3.57
C10 RIE H . 18.11 -10.69 -3.65
C13 RIE H . 20.26 -15.99 -3.25
C15 RIE H . 24.62 -9.46 -1.83
C17 RIE H . 25.46 -18.91 -2.47
C20 RIE H . 25.60 -20.03 -3.28
C21 RIE H . 22.42 -10.75 -0.79
C24 RIE H . 22.66 -9.41 -0.45
C26 RIE H . 25.04 -20.37 -0.58
O2 RIE H . 22.54 -16.98 -0.73
C3 RIE H . 23.48 -16.26 -1.04
N2 RIE H . 24.75 -16.62 -0.81
C1 RIE H . 25.00 -17.93 -0.18
C16 RIE H . 26.21 -17.85 0.77
C32 RIE H . 25.17 -19.08 -1.11
C23 RIE H . 25.19 -21.49 -1.40
C29 RIE H . 25.48 -21.31 -2.76
C14 RIE H . 25.92 -15.78 -1.13
C2 RIE H . 23.16 -14.93 -1.62
C12 RIE H . 21.80 -15.44 -5.18
C27 RIE H . 23.24 -11.47 -1.65
C18 RIE H . 24.36 -10.79 -2.15
C30 RIE H . 23.77 -8.77 -0.97
F1 RIE H . 24.02 -7.49 -0.65
N4 RIE H . 23.53 -13.73 -1.11
C9 RIE H . 19.41 -11.09 -4.36
O4 RIE H . 19.07 -11.60 -5.65
C11 RIE H . 18.32 -9.77 -2.44
O3 RIE H . 18.76 -8.48 -2.88
C35 RIE H . 17.00 -9.65 -1.69
C36 RIE H . 17.22 -8.97 -0.35
O6 RIE H . 17.72 -9.65 0.58
O7 RIE H . 16.90 -7.78 -0.22
S SO4 I . -1.00 26.65 12.52
O1 SO4 I . -1.78 26.48 13.75
O2 SO4 I . 0.42 26.63 12.84
O3 SO4 I . -1.35 27.92 11.91
O4 SO4 I . -1.31 25.56 11.60
N3 RIE J . -8.06 25.66 3.44
C4 RIE J . -8.59 25.09 4.52
C5 RIE J . -10.05 25.45 4.44
C6 RIE J . -11.17 25.09 5.35
C7 RIE J . -7.86 24.25 5.55
C8 RIE J . -8.06 22.80 5.16
C10 RIE J . -7.04 20.50 5.19
C13 RIE J . -11.74 23.73 4.95
C15 RIE J . -4.50 26.56 3.13
C17 RIE J . -13.51 29.46 4.08
C20 RIE J . -14.55 29.87 4.92
C21 RIE J . -6.27 24.64 2.23
C24 RIE J . -4.93 24.58 1.83
C26 RIE J . -15.10 29.21 2.26
O2 RIE J . -12.31 26.09 2.38
C3 RIE J . -11.40 26.86 2.64
N2 RIE J . -11.49 28.17 2.40
C1 RIE J . -12.73 28.69 1.80
C16 RIE J . -12.42 29.82 0.80
C32 RIE J . -13.79 29.13 2.74
C23 RIE J . -16.14 29.62 3.11
C29 RIE J . -15.86 29.95 4.43
C14 RIE J . -10.41 29.13 2.67
C2 RIE J . -10.15 26.28 3.20
C12 RIE J . -10.77 25.11 6.82
C27 RIE J . -6.77 25.63 3.09
C18 RIE J . -5.84 26.57 3.52
C30 RIE J . -4.04 25.55 2.29
F1 RIE J . -2.75 25.51 1.91
N4 RIE J . -8.93 26.38 2.63
C9 RIE J . -7.12 21.84 5.90
O4 RIE J . -7.64 21.63 7.22
C11 RIE J . -6.14 20.51 3.95
O3 RIE J . -4.77 20.74 4.34
C35 RIE J . -6.26 19.17 3.25
C36 RIE J . -5.59 19.23 1.89
O6 RIE J . -6.19 19.82 0.96
O7 RIE J . -4.47 18.69 1.75
S SO4 K . -19.85 0.10 21.88
O1 SO4 K . -19.99 1.50 22.30
O2 SO4 K . -19.84 -0.76 23.05
O3 SO4 K . -18.59 -0.06 21.15
O4 SO4 K . -20.97 -0.25 21.02
N3 RIE L . -9.47 -3.18 25.61
C4 RIE L . -9.52 -1.85 25.46
C5 RIE L . -8.74 -1.33 26.64
C6 RIE L . -8.44 0.07 27.03
C7 RIE L . -10.19 -1.08 24.34
C8 RIE L . -9.11 -0.75 23.30
C10 RIE L . -8.62 -0.35 20.88
C13 RIE L . -7.19 0.55 26.30
C15 RIE L . -11.93 -5.49 24.14
C17 RIE L . -8.39 -1.36 31.89
C20 RIE L . -8.51 -0.33 32.84
C21 RIE L . -9.33 -4.65 23.74
C24 RIE L . -9.89 -5.61 22.88
C26 RIE L . -6.23 -1.94 32.81
O2 RIE L . -6.42 -2.05 28.60
C3 RIE L . -7.51 -2.58 28.63
N2 RIE L . -7.95 -3.23 29.72
C1 RIE L . -7.07 -3.28 30.90
C16 RIE L . -7.18 -4.62 31.61
C32 RIE L . -7.24 -2.17 31.88
C23 RIE L . -6.34 -0.91 33.75
C29 RIE L . -7.49 -0.12 33.76
C14 RIE L . -9.24 -3.92 29.81
C2 RIE L . -8.33 -2.56 27.39
C12 RIE L . -9.61 1.01 26.79
C27 RIE L . -10.03 -4.08 24.80
C18 RIE L . -11.34 -4.53 24.97
C30 RIE L . -11.20 -6.03 23.09
F1 RIE L . -11.75 -6.95 22.28
N4 RIE L . -8.79 -3.65 26.72
C9 RIE L . -9.67 -0.25 21.98
O4 RIE L . -10.04 1.13 22.12
C11 RIE L . -8.42 -1.77 20.34
O3 RIE L . -9.57 -2.20 19.62
C35 RIE L . -7.22 -1.77 19.40
C36 RIE L . -6.80 -3.19 19.07
O6 RIE L . -6.17 -3.84 19.92
O7 RIE L . -7.08 -3.64 17.94
#